data_3DJ9
# 
_entry.id   3DJ9 
# 
_audit_conform.dict_name       mmcif_pdbx.dic 
_audit_conform.dict_version    5.397 
_audit_conform.dict_location   http://mmcif.pdb.org/dictionaries/ascii/mmcif_pdbx.dic 
# 
loop_
_database_2.database_id 
_database_2.database_code 
_database_2.pdbx_database_accession 
_database_2.pdbx_DOI 
PDB   3DJ9         pdb_00003dj9 10.2210/pdb3dj9/pdb 
RCSB  RCSB048106   ?            ?                   
WWPDB D_1000048106 ?            ?                   
# 
loop_
_pdbx_audit_revision_history.ordinal 
_pdbx_audit_revision_history.data_content_type 
_pdbx_audit_revision_history.major_revision 
_pdbx_audit_revision_history.minor_revision 
_pdbx_audit_revision_history.revision_date 
1 'Structure model' 1 0 2008-09-16 
2 'Structure model' 1 1 2011-07-13 
3 'Structure model' 1 2 2012-09-05 
4 'Structure model' 1 3 2016-12-21 
5 'Structure model' 1 4 2023-08-30 
6 'Structure model' 1 5 2023-11-01 
7 'Structure model' 1 6 2024-10-30 
# 
_pdbx_audit_revision_details.ordinal             1 
_pdbx_audit_revision_details.revision_ordinal    1 
_pdbx_audit_revision_details.data_content_type   'Structure model' 
_pdbx_audit_revision_details.provider            repository 
_pdbx_audit_revision_details.type                'Initial release' 
_pdbx_audit_revision_details.description         ? 
_pdbx_audit_revision_details.details             ? 
# 
loop_
_pdbx_audit_revision_group.ordinal 
_pdbx_audit_revision_group.revision_ordinal 
_pdbx_audit_revision_group.data_content_type 
_pdbx_audit_revision_group.group 
1 2 'Structure model' 'Version format compliance' 
2 3 'Structure model' 'Database references'       
3 4 'Structure model' 'Structure summary'         
4 5 'Structure model' 'Data collection'           
5 5 'Structure model' 'Database references'       
6 5 'Structure model' 'Structure summary'         
7 6 'Structure model' 'Refinement description'    
8 7 'Structure model' 'Structure summary'         
# 
loop_
_pdbx_audit_revision_category.ordinal 
_pdbx_audit_revision_category.revision_ordinal 
_pdbx_audit_revision_category.data_content_type 
_pdbx_audit_revision_category.category 
1 5 'Structure model' audit_author                  
2 5 'Structure model' chem_comp_atom                
3 5 'Structure model' chem_comp_bond                
4 5 'Structure model' citation_author               
5 5 'Structure model' database_2                    
6 6 'Structure model' pdbx_initial_refinement_model 
7 7 'Structure model' pdbx_entry_details            
8 7 'Structure model' pdbx_modification_feature     
# 
loop_
_pdbx_audit_revision_item.ordinal 
_pdbx_audit_revision_item.revision_ordinal 
_pdbx_audit_revision_item.data_content_type 
_pdbx_audit_revision_item.item 
1 5 'Structure model' '_audit_author.identifier_ORCID'      
2 5 'Structure model' '_citation_author.identifier_ORCID'   
3 5 'Structure model' '_database_2.pdbx_DOI'                
4 5 'Structure model' '_database_2.pdbx_database_accession' 
# 
_pdbx_database_status.status_code                     REL 
_pdbx_database_status.entry_id                        3DJ9 
_pdbx_database_status.recvd_initial_deposition_date   2008-06-22 
_pdbx_database_status.deposit_site                    RCSB 
_pdbx_database_status.process_site                    PDBJ 
_pdbx_database_status.status_code_sf                  REL 
_pdbx_database_status.status_code_mr                  ? 
_pdbx_database_status.SG_entry                        ? 
_pdbx_database_status.status_code_cs                  ? 
_pdbx_database_status.methods_development_category    ? 
_pdbx_database_status.pdb_format_compatible           Y 
_pdbx_database_status.status_code_nmr_data            ? 
# 
loop_
_pdbx_database_related.db_name 
_pdbx_database_related.db_id 
_pdbx_database_related.details 
_pdbx_database_related.content_type 
PDB 1HZH 'The CH2 constant domain of the intact human Igg B12, Chain H and residues 246-352'                      unspecified 
PDB 1OQO 'The CH2 constant domain of the Fc, Chain A,B and residues 1-107'                                        unspecified 
PDB 2DTQ 'The CH2 constant domain of the Fc Fragment From human immunoglobulin G1, Chain A,B and residues 12-118' unspecified 
PDB 2DTS 'The CH2 constant domain of the Fc Fragment From human immunoglobulin G1, Chain A,B and residues 12-118' unspecified 
# 
loop_
_audit_author.name 
_audit_author.pdbx_ordinal 
_audit_author.identifier_ORCID 
'Prabakaran, P.' 1 ?                   
'Vu, B.K.'       2 ?                   
'Gan, J.'        3 ?                   
'Dimitrov, D.S.' 4 ?                   
'Ji, X.'         5 0000-0001-6942-1514 
# 
_citation.id                        primary 
_citation.title                     'Structure of an isolated unglycosylated antibody C(H)2 domain.' 
_citation.journal_abbrev            'Acta Crystallogr.,Sect.D' 
_citation.journal_volume            64 
_citation.page_first                1062 
_citation.page_last                 1067 
_citation.year                      2008 
_citation.journal_id_ASTM           ABCRE6 
_citation.country                   DK 
_citation.journal_id_ISSN           0907-4449 
_citation.journal_id_CSD            0766 
_citation.book_publisher            ? 
_citation.pdbx_database_id_PubMed   18931413 
_citation.pdbx_database_id_DOI      10.1107/S0907444908025274 
# 
loop_
_citation_author.citation_id 
_citation_author.name 
_citation_author.ordinal 
_citation_author.identifier_ORCID 
primary 'Prabakaran, P.' 1 ?                   
primary 'Vu, B.K.'       2 ?                   
primary 'Gan, J.'        3 ?                   
primary 'Feng, Y.'       4 ?                   
primary 'Dimitrov, D.S.' 5 ?                   
primary 'Ji, X.'         6 0000-0001-6942-1514 
# 
loop_
_entity.id 
_entity.type 
_entity.src_method 
_entity.pdbx_description 
_entity.formula_weight 
_entity.pdbx_number_of_molecules 
_entity.pdbx_ec 
_entity.pdbx_mutation 
_entity.pdbx_fragment 
_entity.details 
1 polymer man 'Ig gamma-1 chain C region' 12087.820 1   ? ? 'CH2 constant domain' ? 
2 water   nat water                       18.015    111 ? ? ?                     ? 
# 
_entity_poly.entity_id                      1 
_entity_poly.type                           'polypeptide(L)' 
_entity_poly.nstd_linkage                   no 
_entity_poly.nstd_monomer                   no 
_entity_poly.pdbx_seq_one_letter_code       
;GGPSVFLFPPKPKDTLMISRTPEVTCVVVDVSHEDPEVKFNWYVDGVEVHNAKTKPREEQYNSTYRVVSVLTVLHQDWLN
GKEYKCKVSNKALPAPIEKTISKAKGQ
;
_entity_poly.pdbx_seq_one_letter_code_can   
;GGPSVFLFPPKPKDTLMISRTPEVTCVVVDVSHEDPEVKFNWYVDGVEVHNAKTKPREEQYNSTYRVVSVLTVLHQDWLN
GKEYKCKVSNKALPAPIEKTISKAKGQ
;
_entity_poly.pdbx_strand_id                 A 
_entity_poly.pdbx_target_identifier         ? 
# 
_pdbx_entity_nonpoly.entity_id   2 
_pdbx_entity_nonpoly.name        water 
_pdbx_entity_nonpoly.comp_id     HOH 
# 
loop_
_entity_poly_seq.entity_id 
_entity_poly_seq.num 
_entity_poly_seq.mon_id 
_entity_poly_seq.hetero 
1 1   GLY n 
1 2   GLY n 
1 3   PRO n 
1 4   SER n 
1 5   VAL n 
1 6   PHE n 
1 7   LEU n 
1 8   PHE n 
1 9   PRO n 
1 10  PRO n 
1 11  LYS n 
1 12  PRO n 
1 13  LYS n 
1 14  ASP n 
1 15  THR n 
1 16  LEU n 
1 17  MET n 
1 18  ILE n 
1 19  SER n 
1 20  ARG n 
1 21  THR n 
1 22  PRO n 
1 23  GLU n 
1 24  VAL n 
1 25  THR n 
1 26  CYS n 
1 27  VAL n 
1 28  VAL n 
1 29  VAL n 
1 30  ASP n 
1 31  VAL n 
1 32  SER n 
1 33  HIS n 
1 34  GLU n 
1 35  ASP n 
1 36  PRO n 
1 37  GLU n 
1 38  VAL n 
1 39  LYS n 
1 40  PHE n 
1 41  ASN n 
1 42  TRP n 
1 43  TYR n 
1 44  VAL n 
1 45  ASP n 
1 46  GLY n 
1 47  VAL n 
1 48  GLU n 
1 49  VAL n 
1 50  HIS n 
1 51  ASN n 
1 52  ALA n 
1 53  LYS n 
1 54  THR n 
1 55  LYS n 
1 56  PRO n 
1 57  ARG n 
1 58  GLU n 
1 59  GLU n 
1 60  GLN n 
1 61  TYR n 
1 62  ASN n 
1 63  SER n 
1 64  THR n 
1 65  TYR n 
1 66  ARG n 
1 67  VAL n 
1 68  VAL n 
1 69  SER n 
1 70  VAL n 
1 71  LEU n 
1 72  THR n 
1 73  VAL n 
1 74  LEU n 
1 75  HIS n 
1 76  GLN n 
1 77  ASP n 
1 78  TRP n 
1 79  LEU n 
1 80  ASN n 
1 81  GLY n 
1 82  LYS n 
1 83  GLU n 
1 84  TYR n 
1 85  LYS n 
1 86  CYS n 
1 87  LYS n 
1 88  VAL n 
1 89  SER n 
1 90  ASN n 
1 91  LYS n 
1 92  ALA n 
1 93  LEU n 
1 94  PRO n 
1 95  ALA n 
1 96  PRO n 
1 97  ILE n 
1 98  GLU n 
1 99  LYS n 
1 100 THR n 
1 101 ILE n 
1 102 SER n 
1 103 LYS n 
1 104 ALA n 
1 105 LYS n 
1 106 GLY n 
1 107 GLN n 
# 
_entity_src_gen.entity_id                          1 
_entity_src_gen.pdbx_src_id                        1 
_entity_src_gen.pdbx_alt_source_flag               sample 
_entity_src_gen.pdbx_seq_type                      ? 
_entity_src_gen.pdbx_beg_seq_num                   ? 
_entity_src_gen.pdbx_end_seq_num                   ? 
_entity_src_gen.gene_src_common_name               Human 
_entity_src_gen.gene_src_genus                     ? 
_entity_src_gen.pdbx_gene_src_gene                 IGHG1 
_entity_src_gen.gene_src_species                   ? 
_entity_src_gen.gene_src_strain                    ? 
_entity_src_gen.gene_src_tissue                    ? 
_entity_src_gen.gene_src_tissue_fraction           ? 
_entity_src_gen.gene_src_details                   ? 
_entity_src_gen.pdbx_gene_src_fragment             ? 
_entity_src_gen.pdbx_gene_src_scientific_name      'Homo sapiens' 
_entity_src_gen.pdbx_gene_src_ncbi_taxonomy_id     9606 
_entity_src_gen.pdbx_gene_src_variant              ? 
_entity_src_gen.pdbx_gene_src_cell_line            ? 
_entity_src_gen.pdbx_gene_src_atcc                 ? 
_entity_src_gen.pdbx_gene_src_organ                ? 
_entity_src_gen.pdbx_gene_src_organelle            ? 
_entity_src_gen.pdbx_gene_src_cell                 ? 
_entity_src_gen.pdbx_gene_src_cellular_location    ? 
_entity_src_gen.host_org_common_name               ? 
_entity_src_gen.pdbx_host_org_scientific_name      'Escherichia coli' 
_entity_src_gen.pdbx_host_org_ncbi_taxonomy_id     562 
_entity_src_gen.host_org_genus                     ? 
_entity_src_gen.pdbx_host_org_gene                 ? 
_entity_src_gen.pdbx_host_org_organ                ? 
_entity_src_gen.host_org_species                   ? 
_entity_src_gen.pdbx_host_org_tissue               ? 
_entity_src_gen.pdbx_host_org_tissue_fraction      ? 
_entity_src_gen.pdbx_host_org_strain               TG1 
_entity_src_gen.pdbx_host_org_variant              ? 
_entity_src_gen.pdbx_host_org_cell_line            ? 
_entity_src_gen.pdbx_host_org_atcc                 ? 
_entity_src_gen.pdbx_host_org_culture_collection   ? 
_entity_src_gen.pdbx_host_org_cell                 ? 
_entity_src_gen.pdbx_host_org_organelle            ? 
_entity_src_gen.pdbx_host_org_cellular_location    ? 
_entity_src_gen.pdbx_host_org_vector_type          Plasmid 
_entity_src_gen.pdbx_host_org_vector               ? 
_entity_src_gen.host_org_details                   ? 
_entity_src_gen.expression_system_id               ? 
_entity_src_gen.plasmid_name                       pComb3X 
_entity_src_gen.plasmid_details                    ? 
_entity_src_gen.pdbx_description                   ? 
# 
loop_
_chem_comp.id 
_chem_comp.type 
_chem_comp.mon_nstd_flag 
_chem_comp.name 
_chem_comp.pdbx_synonyms 
_chem_comp.formula 
_chem_comp.formula_weight 
ALA 'L-peptide linking' y ALANINE         ? 'C3 H7 N O2'     89.093  
ARG 'L-peptide linking' y ARGININE        ? 'C6 H15 N4 O2 1' 175.209 
ASN 'L-peptide linking' y ASPARAGINE      ? 'C4 H8 N2 O3'    132.118 
ASP 'L-peptide linking' y 'ASPARTIC ACID' ? 'C4 H7 N O4'     133.103 
CYS 'L-peptide linking' y CYSTEINE        ? 'C3 H7 N O2 S'   121.158 
GLN 'L-peptide linking' y GLUTAMINE       ? 'C5 H10 N2 O3'   146.144 
GLU 'L-peptide linking' y 'GLUTAMIC ACID' ? 'C5 H9 N O4'     147.129 
GLY 'peptide linking'   y GLYCINE         ? 'C2 H5 N O2'     75.067  
HIS 'L-peptide linking' y HISTIDINE       ? 'C6 H10 N3 O2 1' 156.162 
HOH non-polymer         . WATER           ? 'H2 O'           18.015  
ILE 'L-peptide linking' y ISOLEUCINE      ? 'C6 H13 N O2'    131.173 
LEU 'L-peptide linking' y LEUCINE         ? 'C6 H13 N O2'    131.173 
LYS 'L-peptide linking' y LYSINE          ? 'C6 H15 N2 O2 1' 147.195 
MET 'L-peptide linking' y METHIONINE      ? 'C5 H11 N O2 S'  149.211 
PHE 'L-peptide linking' y PHENYLALANINE   ? 'C9 H11 N O2'    165.189 
PRO 'L-peptide linking' y PROLINE         ? 'C5 H9 N O2'     115.130 
SER 'L-peptide linking' y SERINE          ? 'C3 H7 N O3'     105.093 
THR 'L-peptide linking' y THREONINE       ? 'C4 H9 N O3'     119.119 
TRP 'L-peptide linking' y TRYPTOPHAN      ? 'C11 H12 N2 O2'  204.225 
TYR 'L-peptide linking' y TYROSINE        ? 'C9 H11 N O3'    181.189 
VAL 'L-peptide linking' y VALINE          ? 'C5 H11 N O2'    117.146 
# 
loop_
_pdbx_poly_seq_scheme.asym_id 
_pdbx_poly_seq_scheme.entity_id 
_pdbx_poly_seq_scheme.seq_id 
_pdbx_poly_seq_scheme.mon_id 
_pdbx_poly_seq_scheme.ndb_seq_num 
_pdbx_poly_seq_scheme.pdb_seq_num 
_pdbx_poly_seq_scheme.auth_seq_num 
_pdbx_poly_seq_scheme.pdb_mon_id 
_pdbx_poly_seq_scheme.auth_mon_id 
_pdbx_poly_seq_scheme.pdb_strand_id 
_pdbx_poly_seq_scheme.pdb_ins_code 
_pdbx_poly_seq_scheme.hetero 
A 1 1   GLY 1   236 236 GLY GLY A . n 
A 1 2   GLY 2   237 237 GLY GLY A . n 
A 1 3   PRO 3   238 238 PRO PRO A . n 
A 1 4   SER 4   239 239 SER SER A . n 
A 1 5   VAL 5   240 240 VAL VAL A . n 
A 1 6   PHE 6   241 241 PHE PHE A . n 
A 1 7   LEU 7   242 242 LEU LEU A . n 
A 1 8   PHE 8   243 243 PHE PHE A . n 
A 1 9   PRO 9   244 244 PRO PRO A . n 
A 1 10  PRO 10  245 245 PRO PRO A . n 
A 1 11  LYS 11  246 246 LYS LYS A . n 
A 1 12  PRO 12  247 247 PRO PRO A . n 
A 1 13  LYS 13  248 248 LYS LYS A . n 
A 1 14  ASP 14  249 249 ASP ASP A . n 
A 1 15  THR 15  250 250 THR THR A . n 
A 1 16  LEU 16  251 251 LEU LEU A . n 
A 1 17  MET 17  252 252 MET MET A . n 
A 1 18  ILE 18  253 253 ILE ILE A . n 
A 1 19  SER 19  254 254 SER SER A . n 
A 1 20  ARG 20  255 255 ARG ARG A . n 
A 1 21  THR 21  256 256 THR THR A . n 
A 1 22  PRO 22  257 257 PRO PRO A . n 
A 1 23  GLU 23  258 258 GLU GLU A . n 
A 1 24  VAL 24  259 259 VAL VAL A . n 
A 1 25  THR 25  260 260 THR THR A . n 
A 1 26  CYS 26  261 261 CYS CYS A . n 
A 1 27  VAL 27  262 262 VAL VAL A . n 
A 1 28  VAL 28  263 263 VAL VAL A . n 
A 1 29  VAL 29  264 264 VAL VAL A . n 
A 1 30  ASP 30  265 265 ASP ASP A . n 
A 1 31  VAL 31  266 266 VAL VAL A . n 
A 1 32  SER 32  267 267 SER SER A . n 
A 1 33  HIS 33  268 268 HIS HIS A . n 
A 1 34  GLU 34  269 269 GLU GLU A . n 
A 1 35  ASP 35  270 270 ASP ASP A . n 
A 1 36  PRO 36  271 271 PRO PRO A . n 
A 1 37  GLU 37  272 272 GLU GLU A . n 
A 1 38  VAL 38  273 273 VAL VAL A . n 
A 1 39  LYS 39  274 274 LYS LYS A . n 
A 1 40  PHE 40  275 275 PHE PHE A . n 
A 1 41  ASN 41  276 276 ASN ASN A . n 
A 1 42  TRP 42  277 277 TRP TRP A . n 
A 1 43  TYR 43  278 278 TYR TYR A . n 
A 1 44  VAL 44  279 279 VAL VAL A . n 
A 1 45  ASP 45  280 280 ASP ASP A . n 
A 1 46  GLY 46  281 281 GLY GLY A . n 
A 1 47  VAL 47  282 282 VAL VAL A . n 
A 1 48  GLU 48  283 283 GLU GLU A . n 
A 1 49  VAL 49  284 284 VAL VAL A . n 
A 1 50  HIS 50  285 285 HIS HIS A . n 
A 1 51  ASN 51  286 286 ASN ASN A . n 
A 1 52  ALA 52  287 287 ALA ALA A . n 
A 1 53  LYS 53  288 288 LYS LYS A . n 
A 1 54  THR 54  289 289 THR THR A . n 
A 1 55  LYS 55  290 290 LYS LYS A . n 
A 1 56  PRO 56  291 291 PRO PRO A . n 
A 1 57  ARG 57  292 292 ARG ARG A . n 
A 1 58  GLU 58  293 293 GLU GLU A . n 
A 1 59  GLU 59  294 294 GLU GLU A . n 
A 1 60  GLN 60  295 295 GLN GLN A . n 
A 1 61  TYR 61  296 296 TYR TYR A . n 
A 1 62  ASN 62  297 297 ASN ASN A . n 
A 1 63  SER 63  298 298 SER SER A . n 
A 1 64  THR 64  299 299 THR THR A . n 
A 1 65  TYR 65  300 300 TYR TYR A . n 
A 1 66  ARG 66  301 301 ARG ARG A . n 
A 1 67  VAL 67  302 302 VAL VAL A . n 
A 1 68  VAL 68  303 303 VAL VAL A . n 
A 1 69  SER 69  304 304 SER SER A . n 
A 1 70  VAL 70  305 305 VAL VAL A . n 
A 1 71  LEU 71  306 306 LEU LEU A . n 
A 1 72  THR 72  307 307 THR THR A . n 
A 1 73  VAL 73  308 308 VAL VAL A . n 
A 1 74  LEU 74  309 309 LEU LEU A . n 
A 1 75  HIS 75  310 310 HIS HIS A . n 
A 1 76  GLN 76  311 311 GLN GLN A . n 
A 1 77  ASP 77  312 312 ASP ASP A . n 
A 1 78  TRP 78  313 313 TRP TRP A . n 
A 1 79  LEU 79  314 314 LEU LEU A . n 
A 1 80  ASN 80  315 315 ASN ASN A . n 
A 1 81  GLY 81  316 316 GLY GLY A . n 
A 1 82  LYS 82  317 317 LYS LYS A . n 
A 1 83  GLU 83  318 318 GLU GLU A . n 
A 1 84  TYR 84  319 319 TYR TYR A . n 
A 1 85  LYS 85  320 320 LYS LYS A . n 
A 1 86  CYS 86  321 321 CYS CYS A . n 
A 1 87  LYS 87  322 322 LYS LYS A . n 
A 1 88  VAL 88  323 323 VAL VAL A . n 
A 1 89  SER 89  324 324 SER SER A . n 
A 1 90  ASN 90  325 325 ASN ASN A . n 
A 1 91  LYS 91  326 326 LYS LYS A . n 
A 1 92  ALA 92  327 327 ALA ALA A . n 
A 1 93  LEU 93  328 328 LEU LEU A . n 
A 1 94  PRO 94  329 329 PRO PRO A . n 
A 1 95  ALA 95  330 330 ALA ALA A . n 
A 1 96  PRO 96  331 331 PRO PRO A . n 
A 1 97  ILE 97  332 332 ILE ILE A . n 
A 1 98  GLU 98  333 333 GLU GLU A . n 
A 1 99  LYS 99  334 334 LYS LYS A . n 
A 1 100 THR 100 335 335 THR THR A . n 
A 1 101 ILE 101 336 336 ILE ILE A . n 
A 1 102 SER 102 337 337 SER SER A . n 
A 1 103 LYS 103 338 338 LYS LYS A . n 
A 1 104 ALA 104 339 339 ALA ALA A . n 
A 1 105 LYS 105 340 340 LYS LYS A . n 
A 1 106 GLY 106 341 341 GLY GLY A . n 
A 1 107 GLN 107 342 342 GLN GLN A . n 
# 
loop_
_pdbx_nonpoly_scheme.asym_id 
_pdbx_nonpoly_scheme.entity_id 
_pdbx_nonpoly_scheme.mon_id 
_pdbx_nonpoly_scheme.ndb_seq_num 
_pdbx_nonpoly_scheme.pdb_seq_num 
_pdbx_nonpoly_scheme.auth_seq_num 
_pdbx_nonpoly_scheme.pdb_mon_id 
_pdbx_nonpoly_scheme.auth_mon_id 
_pdbx_nonpoly_scheme.pdb_strand_id 
_pdbx_nonpoly_scheme.pdb_ins_code 
B 2 HOH 1   1   1   HOH HOH A . 
B 2 HOH 2   2   2   HOH HOH A . 
B 2 HOH 3   3   3   HOH HOH A . 
B 2 HOH 4   4   4   HOH HOH A . 
B 2 HOH 5   5   5   HOH HOH A . 
B 2 HOH 6   6   6   HOH HOH A . 
B 2 HOH 7   7   7   HOH HOH A . 
B 2 HOH 8   8   8   HOH HOH A . 
B 2 HOH 9   9   9   HOH HOH A . 
B 2 HOH 10  10  10  HOH HOH A . 
B 2 HOH 11  11  11  HOH HOH A . 
B 2 HOH 12  12  12  HOH HOH A . 
B 2 HOH 13  13  13  HOH HOH A . 
B 2 HOH 14  14  14  HOH HOH A . 
B 2 HOH 15  15  15  HOH HOH A . 
B 2 HOH 16  16  16  HOH HOH A . 
B 2 HOH 17  17  17  HOH HOH A . 
B 2 HOH 18  18  18  HOH HOH A . 
B 2 HOH 19  19  19  HOH HOH A . 
B 2 HOH 20  20  20  HOH HOH A . 
B 2 HOH 21  21  21  HOH HOH A . 
B 2 HOH 22  22  22  HOH HOH A . 
B 2 HOH 23  23  23  HOH HOH A . 
B 2 HOH 24  24  24  HOH HOH A . 
B 2 HOH 25  25  25  HOH HOH A . 
B 2 HOH 26  26  26  HOH HOH A . 
B 2 HOH 27  27  27  HOH HOH A . 
B 2 HOH 28  28  28  HOH HOH A . 
B 2 HOH 29  29  29  HOH HOH A . 
B 2 HOH 30  30  30  HOH HOH A . 
B 2 HOH 31  31  31  HOH HOH A . 
B 2 HOH 32  32  32  HOH HOH A . 
B 2 HOH 33  33  33  HOH HOH A . 
B 2 HOH 34  34  34  HOH HOH A . 
B 2 HOH 35  35  35  HOH HOH A . 
B 2 HOH 36  36  36  HOH HOH A . 
B 2 HOH 37  37  37  HOH HOH A . 
B 2 HOH 38  38  38  HOH HOH A . 
B 2 HOH 39  39  39  HOH HOH A . 
B 2 HOH 40  40  40  HOH HOH A . 
B 2 HOH 41  41  41  HOH HOH A . 
B 2 HOH 42  42  42  HOH HOH A . 
B 2 HOH 43  43  43  HOH HOH A . 
B 2 HOH 44  44  44  HOH HOH A . 
B 2 HOH 45  45  45  HOH HOH A . 
B 2 HOH 46  46  46  HOH HOH A . 
B 2 HOH 47  47  47  HOH HOH A . 
B 2 HOH 48  48  48  HOH HOH A . 
B 2 HOH 49  49  49  HOH HOH A . 
B 2 HOH 50  50  50  HOH HOH A . 
B 2 HOH 51  51  51  HOH HOH A . 
B 2 HOH 52  52  52  HOH HOH A . 
B 2 HOH 53  53  53  HOH HOH A . 
B 2 HOH 54  54  54  HOH HOH A . 
B 2 HOH 55  55  55  HOH HOH A . 
B 2 HOH 56  56  56  HOH HOH A . 
B 2 HOH 57  57  57  HOH HOH A . 
B 2 HOH 58  58  58  HOH HOH A . 
B 2 HOH 59  59  59  HOH HOH A . 
B 2 HOH 60  60  60  HOH HOH A . 
B 2 HOH 61  61  61  HOH HOH A . 
B 2 HOH 62  62  62  HOH HOH A . 
B 2 HOH 63  63  63  HOH HOH A . 
B 2 HOH 64  64  64  HOH HOH A . 
B 2 HOH 65  65  65  HOH HOH A . 
B 2 HOH 66  66  66  HOH HOH A . 
B 2 HOH 67  67  67  HOH HOH A . 
B 2 HOH 68  68  68  HOH HOH A . 
B 2 HOH 69  69  69  HOH HOH A . 
B 2 HOH 70  70  70  HOH HOH A . 
B 2 HOH 71  71  71  HOH HOH A . 
B 2 HOH 72  72  72  HOH HOH A . 
B 2 HOH 73  73  73  HOH HOH A . 
B 2 HOH 74  74  74  HOH HOH A . 
B 2 HOH 75  75  75  HOH HOH A . 
B 2 HOH 76  76  76  HOH HOH A . 
B 2 HOH 77  77  77  HOH HOH A . 
B 2 HOH 78  78  78  HOH HOH A . 
B 2 HOH 79  79  79  HOH HOH A . 
B 2 HOH 80  80  80  HOH HOH A . 
B 2 HOH 81  81  81  HOH HOH A . 
B 2 HOH 82  82  82  HOH HOH A . 
B 2 HOH 83  83  83  HOH HOH A . 
B 2 HOH 84  84  84  HOH HOH A . 
B 2 HOH 85  85  85  HOH HOH A . 
B 2 HOH 86  86  86  HOH HOH A . 
B 2 HOH 87  87  87  HOH HOH A . 
B 2 HOH 88  88  88  HOH HOH A . 
B 2 HOH 89  89  89  HOH HOH A . 
B 2 HOH 90  90  90  HOH HOH A . 
B 2 HOH 91  91  91  HOH HOH A . 
B 2 HOH 92  92  92  HOH HOH A . 
B 2 HOH 93  93  93  HOH HOH A . 
B 2 HOH 94  94  94  HOH HOH A . 
B 2 HOH 95  95  95  HOH HOH A . 
B 2 HOH 96  96  96  HOH HOH A . 
B 2 HOH 97  97  97  HOH HOH A . 
B 2 HOH 98  98  98  HOH HOH A . 
B 2 HOH 99  99  99  HOH HOH A . 
B 2 HOH 100 100 100 HOH HOH A . 
B 2 HOH 101 101 101 HOH HOH A . 
B 2 HOH 102 102 102 HOH HOH A . 
B 2 HOH 103 103 103 HOH HOH A . 
B 2 HOH 104 104 104 HOH HOH A . 
B 2 HOH 105 105 105 HOH HOH A . 
B 2 HOH 106 106 106 HOH HOH A . 
B 2 HOH 107 107 107 HOH HOH A . 
B 2 HOH 108 108 108 HOH HOH A . 
B 2 HOH 109 109 109 HOH HOH A . 
B 2 HOH 110 110 110 HOH HOH A . 
B 2 HOH 111 111 111 HOH HOH A . 
# 
loop_
_software.name 
_software.classification 
_software.version 
_software.citation_id 
_software.pdbx_ordinal 
PHENIX    refinement        PHENIX.REFINE ? 1 
CNS       refinement        1.1           ? 2 
HKL-2000  'data collection' .             ? 3 
HKL-2000  'data reduction'  .             ? 4 
SCALEPACK 'data scaling'    .             ? 5 
AMoRE     phasing           .             ? 6 
# 
_cell.entry_id           3DJ9 
_cell.length_a           36.144 
_cell.length_b           40.678 
_cell.length_c           39.131 
_cell.angle_alpha        90.00 
_cell.angle_beta         106.74 
_cell.angle_gamma        90.00 
_cell.Z_PDB              2 
_cell.pdbx_unique_axis   ? 
_cell.length_a_esd       ? 
_cell.length_b_esd       ? 
_cell.length_c_esd       ? 
_cell.angle_alpha_esd    ? 
_cell.angle_beta_esd     ? 
_cell.angle_gamma_esd    ? 
# 
_symmetry.entry_id                         3DJ9 
_symmetry.space_group_name_H-M             'P 1 21 1' 
_symmetry.pdbx_full_space_group_name_H-M   ? 
_symmetry.cell_setting                     ? 
_symmetry.Int_Tables_number                4 
_symmetry.space_group_name_Hall            ? 
# 
_exptl.entry_id          3DJ9 
_exptl.method            'X-RAY DIFFRACTION' 
_exptl.crystals_number   1 
# 
_exptl_crystal.id                    1 
_exptl_crystal.density_meas          ? 
_exptl_crystal.density_Matthews      2.28 
_exptl_crystal.density_percent_sol   46.03 
_exptl_crystal.description           ? 
_exptl_crystal.F_000                 ? 
_exptl_crystal.preparation           ? 
# 
_exptl_crystal_grow.crystal_id      1 
_exptl_crystal_grow.method          'VAPOR DIFFUSION, HANGING DROP' 
_exptl_crystal_grow.temp            292 
_exptl_crystal_grow.temp_details    ? 
_exptl_crystal_grow.pH              7.2 
_exptl_crystal_grow.pdbx_details    '30% PEG 1500, pH 7.2, VAPOR DIFFUSION, HANGING DROP, temperature 292K' 
_exptl_crystal_grow.pdbx_pH_range   . 
# 
_diffrn.id                     1 
_diffrn.ambient_temp           100 
_diffrn.ambient_temp_details   ? 
_diffrn.crystal_id             1 
# 
_diffrn_detector.diffrn_id              1 
_diffrn_detector.detector               CCD 
_diffrn_detector.type                   'BRUKER PROTEUM 300' 
_diffrn_detector.pdbx_collection_date   2006-08-23 
_diffrn_detector.details                Mirror 
# 
_diffrn_radiation.diffrn_id                        1 
_diffrn_radiation.wavelength_id                    1 
_diffrn_radiation.pdbx_monochromatic_or_laue_m_l   M 
_diffrn_radiation.monochromator                    Silicon 
_diffrn_radiation.pdbx_diffrn_protocol             'SINGLE WAVELENGTH' 
_diffrn_radiation.pdbx_scattering_type             x-ray 
# 
_diffrn_radiation_wavelength.id           1 
_diffrn_radiation_wavelength.wavelength   1.0 
_diffrn_radiation_wavelength.wt           1.0 
# 
_diffrn_source.diffrn_id                   1 
_diffrn_source.source                      SYNCHROTRON 
_diffrn_source.type                        'APS BEAMLINE 22-ID' 
_diffrn_source.pdbx_synchrotron_site       APS 
_diffrn_source.pdbx_synchrotron_beamline   22-ID 
_diffrn_source.pdbx_wavelength             ? 
_diffrn_source.pdbx_wavelength_list        1.0 
# 
_reflns.entry_id                     3DJ9 
_reflns.observed_criterion_sigma_I   0.0 
_reflns.observed_criterion_sigma_F   0.0 
_reflns.d_resolution_low             30.0 
_reflns.d_resolution_high            1.7 
_reflns.number_obs                   11044 
_reflns.number_all                   11044 
_reflns.percent_possible_obs         91.5 
_reflns.pdbx_Rmerge_I_obs            0.037 
_reflns.pdbx_Rsym_value              ? 
_reflns.pdbx_netI_over_sigmaI        29.9 
_reflns.B_iso_Wilson_estimate        15.7 
_reflns.pdbx_redundancy              3.3 
_reflns.R_free_details               ? 
_reflns.limit_h_max                  ? 
_reflns.limit_h_min                  ? 
_reflns.limit_k_max                  ? 
_reflns.limit_k_min                  ? 
_reflns.limit_l_max                  ? 
_reflns.limit_l_min                  ? 
_reflns.observed_criterion_F_max     ? 
_reflns.observed_criterion_F_min     ? 
_reflns.pdbx_chi_squared             ? 
_reflns.pdbx_scaling_rejects         ? 
_reflns.pdbx_ordinal                 1 
_reflns.pdbx_diffrn_id               1 
# 
_reflns_shell.d_res_high             1.70 
_reflns_shell.d_res_low              1.76 
_reflns_shell.percent_possible_all   57.8 
_reflns_shell.Rmerge_I_obs           0.116 
_reflns_shell.pdbx_Rsym_value        ? 
_reflns_shell.meanI_over_sigI_obs    5.4 
_reflns_shell.pdbx_redundancy        2.0 
_reflns_shell.percent_possible_obs   ? 
_reflns_shell.number_unique_all      11044 
_reflns_shell.number_measured_all    ? 
_reflns_shell.number_measured_obs    ? 
_reflns_shell.number_unique_obs      ? 
_reflns_shell.pdbx_chi_squared       ? 
_reflns_shell.pdbx_ordinal           1 
_reflns_shell.pdbx_diffrn_id         1 
# 
_refine.entry_id                                 3DJ9 
_refine.ls_d_res_high                            1.750 
_refine.ls_d_res_low                             26.361 
_refine.pdbx_ls_sigma_F                          0.17 
_refine.ls_percent_reflns_obs                    94.400 
_refine.ls_number_reflns_obs                     10493 
_refine.ls_R_factor_obs                          0.203 
_refine.ls_R_factor_R_work                       0.201 
_refine.ls_R_factor_R_free                       0.227 
_refine.ls_percent_reflns_R_free                 5.170 
_refine.ls_number_reflns_R_free                  542 
_refine.ls_number_reflns_R_work                  9951 
_refine.B_iso_mean                               22.847 
_refine.solvent_model_param_bsol                 53.717 
_refine.solvent_model_param_ksol                 0.396 
_refine.aniso_B[1][1]                            -4.409 
_refine.aniso_B[2][2]                            -3.707 
_refine.aniso_B[3][3]                            8.116 
_refine.aniso_B[1][2]                            -0.000 
_refine.aniso_B[1][3]                            1.156 
_refine.aniso_B[2][3]                            -0.000 
_refine.overall_SU_ML                            0.220 
_refine.solvent_model_details                    'FLAT BULK SOLVENT MODEL' 
_refine.pdbx_solvent_vdw_probe_radii             1.110 
_refine.pdbx_solvent_shrinkage_radii             0.900 
_refine.pdbx_method_to_determine_struct          'MOLECULAR REPLACEMENT' 
_refine.pdbx_starting_model                      1HZH 
_refine.pdbx_stereochemistry_target_values       ML 
_refine.B_iso_max                                47.39 
_refine.B_iso_min                                10.37 
_refine.pdbx_overall_phase_error                 23.460 
_refine.occupancy_max                            1.00 
_refine.occupancy_min                            0.50 
_refine.details                                  'THE REFINEMENT WAS DONE MAINLY WITH CNS 1.1 AND FINISHED WITH PHENIX' 
_refine.pdbx_refine_id                           'X-RAY DIFFRACTION' 
_refine.pdbx_diffrn_id                           1 
_refine.ls_R_factor_all                          ? 
_refine.ls_number_reflns_all                     ? 
_refine.pdbx_ls_sigma_I                          ? 
_refine.ls_redundancy_reflns_obs                 ? 
_refine.pdbx_data_cutoff_high_absF               ? 
_refine.pdbx_data_cutoff_low_absF                ? 
_refine.ls_number_parameters                     ? 
_refine.ls_number_restraints                     ? 
_refine.ls_R_factor_R_free_error                 ? 
_refine.ls_R_factor_R_free_error_details         ? 
_refine.pdbx_isotropic_thermal_model             ? 
_refine.pdbx_ls_cross_valid_method               ? 
_refine.pdbx_R_Free_selection_details            ? 
_refine.pdbx_stereochem_target_val_spec_case     ? 
_refine.overall_SU_B                             ? 
_refine.pdbx_overall_ESU_R                       ? 
_refine.pdbx_overall_ESU_R_Free                  ? 
_refine.pdbx_data_cutoff_high_rms_absF           ? 
_refine.correlation_coeff_Fo_to_Fc               ? 
_refine.correlation_coeff_Fo_to_Fc_free          ? 
_refine.pdbx_solvent_ion_probe_radii             ? 
_refine.overall_SU_R_Cruickshank_DPI             ? 
_refine.overall_SU_R_free                        ? 
_refine.ls_wR_factor_R_free                      ? 
_refine.ls_wR_factor_R_work                      ? 
_refine.overall_FOM_free_R_set                   ? 
_refine.overall_FOM_work_R_set                   ? 
_refine.pdbx_TLS_residual_ADP_flag               ? 
_refine.pdbx_overall_SU_R_free_Cruickshank_DPI   ? 
_refine.pdbx_overall_SU_R_Blow_DPI               ? 
_refine.pdbx_overall_SU_R_free_Blow_DPI          ? 
# 
_refine_analyze.entry_id                        3DJ9 
_refine_analyze.Luzzati_coordinate_error_obs    0.20 
_refine_analyze.Luzzati_sigma_a_obs             0.13 
_refine_analyze.Luzzati_d_res_low_obs           5.00 
_refine_analyze.Luzzati_coordinate_error_free   0.24 
_refine_analyze.Luzzati_sigma_a_free            0.16 
_refine_analyze.Luzzati_d_res_low_free          ? 
_refine_analyze.number_disordered_residues      ? 
_refine_analyze.occupancy_sum_hydrogen          ? 
_refine_analyze.occupancy_sum_non_hydrogen      ? 
_refine_analyze.pdbx_Luzzati_d_res_high_obs     ? 
_refine_analyze.pdbx_refine_id                  'X-RAY DIFFRACTION' 
# 
_refine_hist.pdbx_refine_id                   'X-RAY DIFFRACTION' 
_refine_hist.cycle_id                         LAST 
_refine_hist.pdbx_number_atoms_protein        851 
_refine_hist.pdbx_number_atoms_nucleic_acid   0 
_refine_hist.pdbx_number_atoms_ligand         0 
_refine_hist.number_atoms_solvent             111 
_refine_hist.number_atoms_total               962 
_refine_hist.d_res_high                       1.750 
_refine_hist.d_res_low                        26.361 
# 
loop_
_refine_ls_restr.type 
_refine_ls_restr.number 
_refine_ls_restr.dev_ideal 
_refine_ls_restr.dev_ideal_target 
_refine_ls_restr.weight 
_refine_ls_restr.pdbx_refine_id 
_refine_ls_restr.pdbx_restraint_function 
f_bond_d           883  0.007  ? ? 'X-RAY DIFFRACTION' ? 
f_angle_d          1191 1.460  ? ? 'X-RAY DIFFRACTION' ? 
f_chiral_restr     137  0.090  ? ? 'X-RAY DIFFRACTION' ? 
f_plane_restr      148  0.008  ? ? 'X-RAY DIFFRACTION' ? 
f_dihedral_angle_d 325  19.712 ? ? 'X-RAY DIFFRACTION' ? 
# 
loop_
_refine_ls_shell.d_res_high 
_refine_ls_shell.d_res_low 
_refine_ls_shell.pdbx_total_number_of_bins_used 
_refine_ls_shell.percent_reflns_obs 
_refine_ls_shell.number_reflns_R_work 
_refine_ls_shell.R_factor_all 
_refine_ls_shell.R_factor_R_work 
_refine_ls_shell.R_factor_R_free 
_refine_ls_shell.percent_reflns_R_free 
_refine_ls_shell.number_reflns_R_free 
_refine_ls_shell.R_factor_R_free_error 
_refine_ls_shell.number_reflns_all 
_refine_ls_shell.number_reflns_obs 
_refine_ls_shell.pdbx_refine_id 
_refine_ls_shell.redundancy_reflns_obs 
1.750 1.820  9 72.000  847  . 0.236 0.311 . 45 . 892  . 'X-RAY DIFFRACTION' . 
1.820 1.903  9 87.000  1007 . 0.227 0.228 . 52 . 1059 . 'X-RAY DIFFRACTION' . 
1.903 2.003  9 97.000  1133 . 0.207 0.206 . 61 . 1194 . 'X-RAY DIFFRACTION' . 
2.003 2.129  9 98.000  1135 . 0.208 0.289 . 60 . 1195 . 'X-RAY DIFFRACTION' . 
2.129 2.293  9 98.000  1138 . 0.205 0.244 . 58 . 1196 . 'X-RAY DIFFRACTION' . 
2.293 2.524  9 99.000  1151 . 0.230 0.270 . 75 . 1226 . 'X-RAY DIFFRACTION' . 
2.524 2.889  9 99.000  1171 . 0.237 0.270 . 55 . 1226 . 'X-RAY DIFFRACTION' . 
2.889 3.638  9 100.000 1166 . 0.189 0.220 . 72 . 1238 . 'X-RAY DIFFRACTION' . 
3.638 26.364 9 100.000 1203 . 0.166 0.161 . 64 . 1267 . 'X-RAY DIFFRACTION' . 
# 
loop_
_pdbx_xplor_file.serial_no 
_pdbx_xplor_file.param_file 
_pdbx_xplor_file.topol_file 
_pdbx_xplor_file.pdbx_refine_id 
1 protein_rep.param protein.top 'X-RAY DIFFRACTION' 
2 water_rep.param   water.top   'X-RAY DIFFRACTION' 
# 
_struct.entry_id                  3DJ9 
_struct.title                     'Crystal Structure of an isolated, unglycosylated antibody CH2 domain' 
_struct.pdbx_model_details        ? 
_struct.pdbx_CASP_flag            ? 
_struct.pdbx_model_type_details   ? 
# 
_struct_keywords.entry_id        3DJ9 
_struct_keywords.pdbx_keywords   'IMMUNE SYSTEM' 
_struct_keywords.text            
'antibody, immunoglobulin, CH2 domain, Glycoprotein, Immunoglobulin C region, Immunoglobulin domain, Secreted, IMMUNE SYSTEM' 
# 
loop_
_struct_asym.id 
_struct_asym.pdbx_blank_PDB_chainid_flag 
_struct_asym.pdbx_modified 
_struct_asym.entity_id 
_struct_asym.details 
A N N 1 ? 
B N N 2 ? 
# 
_struct_ref.id                         1 
_struct_ref.db_name                    UNP 
_struct_ref.db_code                    IGHG1_HUMAN 
_struct_ref.pdbx_db_accession          P01857 
_struct_ref.entity_id                  1 
_struct_ref.pdbx_seq_one_letter_code   
;GGPSVFLFPPKPKDTLMISRTPEVTCVVVDVSHEDPEVKFNWYVDGVEVHNAKTKPREEQYNSTYRVVSVLTVLHQDWLN
GKEYKCKVSNKALPAPIEKTISKAKGQ
;
_struct_ref.pdbx_align_begin           119 
_struct_ref.pdbx_db_isoform            ? 
# 
_struct_ref_seq.align_id                      1 
_struct_ref_seq.ref_id                        1 
_struct_ref_seq.pdbx_PDB_id_code              3DJ9 
_struct_ref_seq.pdbx_strand_id                A 
_struct_ref_seq.seq_align_beg                 1 
_struct_ref_seq.pdbx_seq_align_beg_ins_code   ? 
_struct_ref_seq.seq_align_end                 107 
_struct_ref_seq.pdbx_seq_align_end_ins_code   ? 
_struct_ref_seq.pdbx_db_accession             P01857 
_struct_ref_seq.db_align_beg                  119 
_struct_ref_seq.pdbx_db_align_beg_ins_code    ? 
_struct_ref_seq.db_align_end                  225 
_struct_ref_seq.pdbx_db_align_end_ins_code    ? 
_struct_ref_seq.pdbx_auth_seq_align_beg       236 
_struct_ref_seq.pdbx_auth_seq_align_end       342 
# 
_pdbx_struct_assembly.id                   1 
_pdbx_struct_assembly.details              author_and_software_defined_assembly 
_pdbx_struct_assembly.method_details       PISA 
_pdbx_struct_assembly.oligomeric_details   monomeric 
_pdbx_struct_assembly.oligomeric_count     1 
# 
_pdbx_struct_assembly_gen.assembly_id       1 
_pdbx_struct_assembly_gen.oper_expression   1 
_pdbx_struct_assembly_gen.asym_id_list      A,B 
# 
_pdbx_struct_oper_list.id                   1 
_pdbx_struct_oper_list.type                 'identity operation' 
_pdbx_struct_oper_list.name                 1_555 
_pdbx_struct_oper_list.symmetry_operation   x,y,z 
_pdbx_struct_oper_list.matrix[1][1]         1.0000000000 
_pdbx_struct_oper_list.matrix[1][2]         0.0000000000 
_pdbx_struct_oper_list.matrix[1][3]         0.0000000000 
_pdbx_struct_oper_list.vector[1]            0.0000000000 
_pdbx_struct_oper_list.matrix[2][1]         0.0000000000 
_pdbx_struct_oper_list.matrix[2][2]         1.0000000000 
_pdbx_struct_oper_list.matrix[2][3]         0.0000000000 
_pdbx_struct_oper_list.vector[2]            0.0000000000 
_pdbx_struct_oper_list.matrix[3][1]         0.0000000000 
_pdbx_struct_oper_list.matrix[3][2]         0.0000000000 
_pdbx_struct_oper_list.matrix[3][3]         1.0000000000 
_pdbx_struct_oper_list.vector[3]            0.0000000000 
# 
_struct_biol.id        1 
_struct_biol.details   ? 
# 
loop_
_struct_conf.conf_type_id 
_struct_conf.id 
_struct_conf.pdbx_PDB_helix_id 
_struct_conf.beg_label_comp_id 
_struct_conf.beg_label_asym_id 
_struct_conf.beg_label_seq_id 
_struct_conf.pdbx_beg_PDB_ins_code 
_struct_conf.end_label_comp_id 
_struct_conf.end_label_asym_id 
_struct_conf.end_label_seq_id 
_struct_conf.pdbx_end_PDB_ins_code 
_struct_conf.beg_auth_comp_id 
_struct_conf.beg_auth_asym_id 
_struct_conf.beg_auth_seq_id 
_struct_conf.end_auth_comp_id 
_struct_conf.end_auth_asym_id 
_struct_conf.end_auth_seq_id 
_struct_conf.pdbx_PDB_helix_class 
_struct_conf.details 
_struct_conf.pdbx_PDB_helix_length 
HELX_P HELX_P1 1 LYS A 11 ? MET A 17 ? LYS A 246 MET A 252 1 ? 7 
HELX_P HELX_P2 2 LEU A 74 ? ASN A 80 ? LEU A 309 ASN A 315 1 ? 7 
# 
_struct_conf_type.id          HELX_P 
_struct_conf_type.criteria    ? 
_struct_conf_type.reference   ? 
# 
_struct_conn.id                            disulf1 
_struct_conn.conn_type_id                  disulf 
_struct_conn.pdbx_leaving_atom_flag        ? 
_struct_conn.pdbx_PDB_id                   ? 
_struct_conn.ptnr1_label_asym_id           A 
_struct_conn.ptnr1_label_comp_id           CYS 
_struct_conn.ptnr1_label_seq_id            26 
_struct_conn.ptnr1_label_atom_id           SG 
_struct_conn.pdbx_ptnr1_label_alt_id       ? 
_struct_conn.pdbx_ptnr1_PDB_ins_code       ? 
_struct_conn.pdbx_ptnr1_standard_comp_id   ? 
_struct_conn.ptnr1_symmetry                1_555 
_struct_conn.ptnr2_label_asym_id           A 
_struct_conn.ptnr2_label_comp_id           CYS 
_struct_conn.ptnr2_label_seq_id            86 
_struct_conn.ptnr2_label_atom_id           SG 
_struct_conn.pdbx_ptnr2_label_alt_id       ? 
_struct_conn.pdbx_ptnr2_PDB_ins_code       ? 
_struct_conn.ptnr1_auth_asym_id            A 
_struct_conn.ptnr1_auth_comp_id            CYS 
_struct_conn.ptnr1_auth_seq_id             261 
_struct_conn.ptnr2_auth_asym_id            A 
_struct_conn.ptnr2_auth_comp_id            CYS 
_struct_conn.ptnr2_auth_seq_id             321 
_struct_conn.ptnr2_symmetry                1_555 
_struct_conn.pdbx_ptnr3_label_atom_id      ? 
_struct_conn.pdbx_ptnr3_label_seq_id       ? 
_struct_conn.pdbx_ptnr3_label_comp_id      ? 
_struct_conn.pdbx_ptnr3_label_asym_id      ? 
_struct_conn.pdbx_ptnr3_label_alt_id       ? 
_struct_conn.pdbx_ptnr3_PDB_ins_code       ? 
_struct_conn.details                       ? 
_struct_conn.pdbx_dist_value               2.038 
_struct_conn.pdbx_value_order              ? 
_struct_conn.pdbx_role                     ? 
# 
_struct_conn_type.id          disulf 
_struct_conn_type.criteria    ? 
_struct_conn_type.reference   ? 
# 
_pdbx_modification_feature.ordinal                            1 
_pdbx_modification_feature.label_comp_id                      CYS 
_pdbx_modification_feature.label_asym_id                      A 
_pdbx_modification_feature.label_seq_id                       26 
_pdbx_modification_feature.label_alt_id                       ? 
_pdbx_modification_feature.modified_residue_label_comp_id     CYS 
_pdbx_modification_feature.modified_residue_label_asym_id     A 
_pdbx_modification_feature.modified_residue_label_seq_id      86 
_pdbx_modification_feature.modified_residue_label_alt_id      ? 
_pdbx_modification_feature.auth_comp_id                       CYS 
_pdbx_modification_feature.auth_asym_id                       A 
_pdbx_modification_feature.auth_seq_id                        261 
_pdbx_modification_feature.PDB_ins_code                       ? 
_pdbx_modification_feature.symmetry                           1_555 
_pdbx_modification_feature.modified_residue_auth_comp_id      CYS 
_pdbx_modification_feature.modified_residue_auth_asym_id      A 
_pdbx_modification_feature.modified_residue_auth_seq_id       321 
_pdbx_modification_feature.modified_residue_PDB_ins_code      ? 
_pdbx_modification_feature.modified_residue_symmetry          1_555 
_pdbx_modification_feature.comp_id_linking_atom               SG 
_pdbx_modification_feature.modified_residue_id_linking_atom   SG 
_pdbx_modification_feature.modified_residue_id                . 
_pdbx_modification_feature.ref_pcm_id                         . 
_pdbx_modification_feature.ref_comp_id                        . 
_pdbx_modification_feature.type                               None 
_pdbx_modification_feature.category                           'Disulfide bridge' 
# 
loop_
_struct_sheet.id 
_struct_sheet.type 
_struct_sheet.number_strands 
_struct_sheet.details 
A ? 4 ? 
B ? 4 ? 
C ? 4 ? 
# 
loop_
_struct_sheet_order.sheet_id 
_struct_sheet_order.range_id_1 
_struct_sheet_order.range_id_2 
_struct_sheet_order.offset 
_struct_sheet_order.sense 
A 1 2 ? anti-parallel 
A 2 3 ? anti-parallel 
A 3 4 ? anti-parallel 
B 1 2 ? anti-parallel 
B 2 3 ? anti-parallel 
B 3 4 ? anti-parallel 
C 1 2 ? anti-parallel 
C 2 3 ? anti-parallel 
C 3 4 ? anti-parallel 
# 
loop_
_struct_sheet_range.sheet_id 
_struct_sheet_range.id 
_struct_sheet_range.beg_label_comp_id 
_struct_sheet_range.beg_label_asym_id 
_struct_sheet_range.beg_label_seq_id 
_struct_sheet_range.pdbx_beg_PDB_ins_code 
_struct_sheet_range.end_label_comp_id 
_struct_sheet_range.end_label_asym_id 
_struct_sheet_range.end_label_seq_id 
_struct_sheet_range.pdbx_end_PDB_ins_code 
_struct_sheet_range.beg_auth_comp_id 
_struct_sheet_range.beg_auth_asym_id 
_struct_sheet_range.beg_auth_seq_id 
_struct_sheet_range.end_auth_comp_id 
_struct_sheet_range.end_auth_asym_id 
_struct_sheet_range.end_auth_seq_id 
A 1 SER A 4  ? PHE A 8   ? SER A 239 PHE A 243 
A 2 GLU A 23 ? VAL A 31  ? GLU A 258 VAL A 266 
A 3 TYR A 65 ? THR A 72  ? TYR A 300 THR A 307 
A 4 LYS A 53 ? THR A 54  ? LYS A 288 THR A 289 
B 1 SER A 4  ? PHE A 8   ? SER A 239 PHE A 243 
B 2 GLU A 23 ? VAL A 31  ? GLU A 258 VAL A 266 
B 3 TYR A 65 ? THR A 72  ? TYR A 300 THR A 307 
B 4 GLU A 58 ? GLU A 59  ? GLU A 293 GLU A 294 
C 1 VAL A 47 ? VAL A 49  ? VAL A 282 VAL A 284 
C 2 LYS A 39 ? VAL A 44  ? LYS A 274 VAL A 279 
C 3 TYR A 84 ? SER A 89  ? TYR A 319 SER A 324 
C 4 ILE A 97 ? ILE A 101 ? ILE A 332 ILE A 336 
# 
loop_
_pdbx_struct_sheet_hbond.sheet_id 
_pdbx_struct_sheet_hbond.range_id_1 
_pdbx_struct_sheet_hbond.range_id_2 
_pdbx_struct_sheet_hbond.range_1_label_atom_id 
_pdbx_struct_sheet_hbond.range_1_label_comp_id 
_pdbx_struct_sheet_hbond.range_1_label_asym_id 
_pdbx_struct_sheet_hbond.range_1_label_seq_id 
_pdbx_struct_sheet_hbond.range_1_PDB_ins_code 
_pdbx_struct_sheet_hbond.range_1_auth_atom_id 
_pdbx_struct_sheet_hbond.range_1_auth_comp_id 
_pdbx_struct_sheet_hbond.range_1_auth_asym_id 
_pdbx_struct_sheet_hbond.range_1_auth_seq_id 
_pdbx_struct_sheet_hbond.range_2_label_atom_id 
_pdbx_struct_sheet_hbond.range_2_label_comp_id 
_pdbx_struct_sheet_hbond.range_2_label_asym_id 
_pdbx_struct_sheet_hbond.range_2_label_seq_id 
_pdbx_struct_sheet_hbond.range_2_PDB_ins_code 
_pdbx_struct_sheet_hbond.range_2_auth_atom_id 
_pdbx_struct_sheet_hbond.range_2_auth_comp_id 
_pdbx_struct_sheet_hbond.range_2_auth_asym_id 
_pdbx_struct_sheet_hbond.range_2_auth_seq_id 
A 1 2 N PHE A 6  ? N PHE A 241 O VAL A 27 ? O VAL A 262 
A 2 3 N VAL A 31 ? N VAL A 266 O TYR A 65 ? O TYR A 300 
A 3 4 O VAL A 70 ? O VAL A 305 N LYS A 53 ? N LYS A 288 
B 1 2 N PHE A 6  ? N PHE A 241 O VAL A 27 ? O VAL A 262 
B 2 3 N VAL A 31 ? N VAL A 266 O TYR A 65 ? O TYR A 300 
B 3 4 O ARG A 66 ? O ARG A 301 N GLU A 58 ? N GLU A 293 
C 1 2 O VAL A 47 ? O VAL A 282 N VAL A 44 ? N VAL A 279 
C 2 3 N ASN A 41 ? N ASN A 276 O LYS A 87 ? O LYS A 322 
C 3 4 N VAL A 88 ? N VAL A 323 O ILE A 97 ? O ILE A 332 
# 
_pdbx_entry_details.entry_id                   3DJ9 
_pdbx_entry_details.compound_details           ? 
_pdbx_entry_details.source_details             ? 
_pdbx_entry_details.nonpolymer_details         ? 
_pdbx_entry_details.sequence_details           ? 
_pdbx_entry_details.has_ligand_of_interest     ? 
_pdbx_entry_details.has_protein_modification   Y 
# 
_pdbx_validate_torsion.id              1 
_pdbx_validate_torsion.PDB_model_num   1 
_pdbx_validate_torsion.auth_comp_id    LYS 
_pdbx_validate_torsion.auth_asym_id    A 
_pdbx_validate_torsion.auth_seq_id     340 
_pdbx_validate_torsion.PDB_ins_code    ? 
_pdbx_validate_torsion.label_alt_id    ? 
_pdbx_validate_torsion.phi             -147.93 
_pdbx_validate_torsion.psi             -57.60 
# 
loop_
_chem_comp_atom.comp_id 
_chem_comp_atom.atom_id 
_chem_comp_atom.type_symbol 
_chem_comp_atom.pdbx_aromatic_flag 
_chem_comp_atom.pdbx_stereo_config 
_chem_comp_atom.pdbx_ordinal 
ALA N    N N N 1   
ALA CA   C N S 2   
ALA C    C N N 3   
ALA O    O N N 4   
ALA CB   C N N 5   
ALA OXT  O N N 6   
ALA H    H N N 7   
ALA H2   H N N 8   
ALA HA   H N N 9   
ALA HB1  H N N 10  
ALA HB2  H N N 11  
ALA HB3  H N N 12  
ALA HXT  H N N 13  
ARG N    N N N 14  
ARG CA   C N S 15  
ARG C    C N N 16  
ARG O    O N N 17  
ARG CB   C N N 18  
ARG CG   C N N 19  
ARG CD   C N N 20  
ARG NE   N N N 21  
ARG CZ   C N N 22  
ARG NH1  N N N 23  
ARG NH2  N N N 24  
ARG OXT  O N N 25  
ARG H    H N N 26  
ARG H2   H N N 27  
ARG HA   H N N 28  
ARG HB2  H N N 29  
ARG HB3  H N N 30  
ARG HG2  H N N 31  
ARG HG3  H N N 32  
ARG HD2  H N N 33  
ARG HD3  H N N 34  
ARG HE   H N N 35  
ARG HH11 H N N 36  
ARG HH12 H N N 37  
ARG HH21 H N N 38  
ARG HH22 H N N 39  
ARG HXT  H N N 40  
ASN N    N N N 41  
ASN CA   C N S 42  
ASN C    C N N 43  
ASN O    O N N 44  
ASN CB   C N N 45  
ASN CG   C N N 46  
ASN OD1  O N N 47  
ASN ND2  N N N 48  
ASN OXT  O N N 49  
ASN H    H N N 50  
ASN H2   H N N 51  
ASN HA   H N N 52  
ASN HB2  H N N 53  
ASN HB3  H N N 54  
ASN HD21 H N N 55  
ASN HD22 H N N 56  
ASN HXT  H N N 57  
ASP N    N N N 58  
ASP CA   C N S 59  
ASP C    C N N 60  
ASP O    O N N 61  
ASP CB   C N N 62  
ASP CG   C N N 63  
ASP OD1  O N N 64  
ASP OD2  O N N 65  
ASP OXT  O N N 66  
ASP H    H N N 67  
ASP H2   H N N 68  
ASP HA   H N N 69  
ASP HB2  H N N 70  
ASP HB3  H N N 71  
ASP HD2  H N N 72  
ASP HXT  H N N 73  
CYS N    N N N 74  
CYS CA   C N R 75  
CYS C    C N N 76  
CYS O    O N N 77  
CYS CB   C N N 78  
CYS SG   S N N 79  
CYS OXT  O N N 80  
CYS H    H N N 81  
CYS H2   H N N 82  
CYS HA   H N N 83  
CYS HB2  H N N 84  
CYS HB3  H N N 85  
CYS HG   H N N 86  
CYS HXT  H N N 87  
GLN N    N N N 88  
GLN CA   C N S 89  
GLN C    C N N 90  
GLN O    O N N 91  
GLN CB   C N N 92  
GLN CG   C N N 93  
GLN CD   C N N 94  
GLN OE1  O N N 95  
GLN NE2  N N N 96  
GLN OXT  O N N 97  
GLN H    H N N 98  
GLN H2   H N N 99  
GLN HA   H N N 100 
GLN HB2  H N N 101 
GLN HB3  H N N 102 
GLN HG2  H N N 103 
GLN HG3  H N N 104 
GLN HE21 H N N 105 
GLN HE22 H N N 106 
GLN HXT  H N N 107 
GLU N    N N N 108 
GLU CA   C N S 109 
GLU C    C N N 110 
GLU O    O N N 111 
GLU CB   C N N 112 
GLU CG   C N N 113 
GLU CD   C N N 114 
GLU OE1  O N N 115 
GLU OE2  O N N 116 
GLU OXT  O N N 117 
GLU H    H N N 118 
GLU H2   H N N 119 
GLU HA   H N N 120 
GLU HB2  H N N 121 
GLU HB3  H N N 122 
GLU HG2  H N N 123 
GLU HG3  H N N 124 
GLU HE2  H N N 125 
GLU HXT  H N N 126 
GLY N    N N N 127 
GLY CA   C N N 128 
GLY C    C N N 129 
GLY O    O N N 130 
GLY OXT  O N N 131 
GLY H    H N N 132 
GLY H2   H N N 133 
GLY HA2  H N N 134 
GLY HA3  H N N 135 
GLY HXT  H N N 136 
HIS N    N N N 137 
HIS CA   C N S 138 
HIS C    C N N 139 
HIS O    O N N 140 
HIS CB   C N N 141 
HIS CG   C Y N 142 
HIS ND1  N Y N 143 
HIS CD2  C Y N 144 
HIS CE1  C Y N 145 
HIS NE2  N Y N 146 
HIS OXT  O N N 147 
HIS H    H N N 148 
HIS H2   H N N 149 
HIS HA   H N N 150 
HIS HB2  H N N 151 
HIS HB3  H N N 152 
HIS HD1  H N N 153 
HIS HD2  H N N 154 
HIS HE1  H N N 155 
HIS HE2  H N N 156 
HIS HXT  H N N 157 
HOH O    O N N 158 
HOH H1   H N N 159 
HOH H2   H N N 160 
ILE N    N N N 161 
ILE CA   C N S 162 
ILE C    C N N 163 
ILE O    O N N 164 
ILE CB   C N S 165 
ILE CG1  C N N 166 
ILE CG2  C N N 167 
ILE CD1  C N N 168 
ILE OXT  O N N 169 
ILE H    H N N 170 
ILE H2   H N N 171 
ILE HA   H N N 172 
ILE HB   H N N 173 
ILE HG12 H N N 174 
ILE HG13 H N N 175 
ILE HG21 H N N 176 
ILE HG22 H N N 177 
ILE HG23 H N N 178 
ILE HD11 H N N 179 
ILE HD12 H N N 180 
ILE HD13 H N N 181 
ILE HXT  H N N 182 
LEU N    N N N 183 
LEU CA   C N S 184 
LEU C    C N N 185 
LEU O    O N N 186 
LEU CB   C N N 187 
LEU CG   C N N 188 
LEU CD1  C N N 189 
LEU CD2  C N N 190 
LEU OXT  O N N 191 
LEU H    H N N 192 
LEU H2   H N N 193 
LEU HA   H N N 194 
LEU HB2  H N N 195 
LEU HB3  H N N 196 
LEU HG   H N N 197 
LEU HD11 H N N 198 
LEU HD12 H N N 199 
LEU HD13 H N N 200 
LEU HD21 H N N 201 
LEU HD22 H N N 202 
LEU HD23 H N N 203 
LEU HXT  H N N 204 
LYS N    N N N 205 
LYS CA   C N S 206 
LYS C    C N N 207 
LYS O    O N N 208 
LYS CB   C N N 209 
LYS CG   C N N 210 
LYS CD   C N N 211 
LYS CE   C N N 212 
LYS NZ   N N N 213 
LYS OXT  O N N 214 
LYS H    H N N 215 
LYS H2   H N N 216 
LYS HA   H N N 217 
LYS HB2  H N N 218 
LYS HB3  H N N 219 
LYS HG2  H N N 220 
LYS HG3  H N N 221 
LYS HD2  H N N 222 
LYS HD3  H N N 223 
LYS HE2  H N N 224 
LYS HE3  H N N 225 
LYS HZ1  H N N 226 
LYS HZ2  H N N 227 
LYS HZ3  H N N 228 
LYS HXT  H N N 229 
MET N    N N N 230 
MET CA   C N S 231 
MET C    C N N 232 
MET O    O N N 233 
MET CB   C N N 234 
MET CG   C N N 235 
MET SD   S N N 236 
MET CE   C N N 237 
MET OXT  O N N 238 
MET H    H N N 239 
MET H2   H N N 240 
MET HA   H N N 241 
MET HB2  H N N 242 
MET HB3  H N N 243 
MET HG2  H N N 244 
MET HG3  H N N 245 
MET HE1  H N N 246 
MET HE2  H N N 247 
MET HE3  H N N 248 
MET HXT  H N N 249 
PHE N    N N N 250 
PHE CA   C N S 251 
PHE C    C N N 252 
PHE O    O N N 253 
PHE CB   C N N 254 
PHE CG   C Y N 255 
PHE CD1  C Y N 256 
PHE CD2  C Y N 257 
PHE CE1  C Y N 258 
PHE CE2  C Y N 259 
PHE CZ   C Y N 260 
PHE OXT  O N N 261 
PHE H    H N N 262 
PHE H2   H N N 263 
PHE HA   H N N 264 
PHE HB2  H N N 265 
PHE HB3  H N N 266 
PHE HD1  H N N 267 
PHE HD2  H N N 268 
PHE HE1  H N N 269 
PHE HE2  H N N 270 
PHE HZ   H N N 271 
PHE HXT  H N N 272 
PRO N    N N N 273 
PRO CA   C N S 274 
PRO C    C N N 275 
PRO O    O N N 276 
PRO CB   C N N 277 
PRO CG   C N N 278 
PRO CD   C N N 279 
PRO OXT  O N N 280 
PRO H    H N N 281 
PRO HA   H N N 282 
PRO HB2  H N N 283 
PRO HB3  H N N 284 
PRO HG2  H N N 285 
PRO HG3  H N N 286 
PRO HD2  H N N 287 
PRO HD3  H N N 288 
PRO HXT  H N N 289 
SER N    N N N 290 
SER CA   C N S 291 
SER C    C N N 292 
SER O    O N N 293 
SER CB   C N N 294 
SER OG   O N N 295 
SER OXT  O N N 296 
SER H    H N N 297 
SER H2   H N N 298 
SER HA   H N N 299 
SER HB2  H N N 300 
SER HB3  H N N 301 
SER HG   H N N 302 
SER HXT  H N N 303 
THR N    N N N 304 
THR CA   C N S 305 
THR C    C N N 306 
THR O    O N N 307 
THR CB   C N R 308 
THR OG1  O N N 309 
THR CG2  C N N 310 
THR OXT  O N N 311 
THR H    H N N 312 
THR H2   H N N 313 
THR HA   H N N 314 
THR HB   H N N 315 
THR HG1  H N N 316 
THR HG21 H N N 317 
THR HG22 H N N 318 
THR HG23 H N N 319 
THR HXT  H N N 320 
TRP N    N N N 321 
TRP CA   C N S 322 
TRP C    C N N 323 
TRP O    O N N 324 
TRP CB   C N N 325 
TRP CG   C Y N 326 
TRP CD1  C Y N 327 
TRP CD2  C Y N 328 
TRP NE1  N Y N 329 
TRP CE2  C Y N 330 
TRP CE3  C Y N 331 
TRP CZ2  C Y N 332 
TRP CZ3  C Y N 333 
TRP CH2  C Y N 334 
TRP OXT  O N N 335 
TRP H    H N N 336 
TRP H2   H N N 337 
TRP HA   H N N 338 
TRP HB2  H N N 339 
TRP HB3  H N N 340 
TRP HD1  H N N 341 
TRP HE1  H N N 342 
TRP HE3  H N N 343 
TRP HZ2  H N N 344 
TRP HZ3  H N N 345 
TRP HH2  H N N 346 
TRP HXT  H N N 347 
TYR N    N N N 348 
TYR CA   C N S 349 
TYR C    C N N 350 
TYR O    O N N 351 
TYR CB   C N N 352 
TYR CG   C Y N 353 
TYR CD1  C Y N 354 
TYR CD2  C Y N 355 
TYR CE1  C Y N 356 
TYR CE2  C Y N 357 
TYR CZ   C Y N 358 
TYR OH   O N N 359 
TYR OXT  O N N 360 
TYR H    H N N 361 
TYR H2   H N N 362 
TYR HA   H N N 363 
TYR HB2  H N N 364 
TYR HB3  H N N 365 
TYR HD1  H N N 366 
TYR HD2  H N N 367 
TYR HE1  H N N 368 
TYR HE2  H N N 369 
TYR HH   H N N 370 
TYR HXT  H N N 371 
VAL N    N N N 372 
VAL CA   C N S 373 
VAL C    C N N 374 
VAL O    O N N 375 
VAL CB   C N N 376 
VAL CG1  C N N 377 
VAL CG2  C N N 378 
VAL OXT  O N N 379 
VAL H    H N N 380 
VAL H2   H N N 381 
VAL HA   H N N 382 
VAL HB   H N N 383 
VAL HG11 H N N 384 
VAL HG12 H N N 385 
VAL HG13 H N N 386 
VAL HG21 H N N 387 
VAL HG22 H N N 388 
VAL HG23 H N N 389 
VAL HXT  H N N 390 
# 
loop_
_chem_comp_bond.comp_id 
_chem_comp_bond.atom_id_1 
_chem_comp_bond.atom_id_2 
_chem_comp_bond.value_order 
_chem_comp_bond.pdbx_aromatic_flag 
_chem_comp_bond.pdbx_stereo_config 
_chem_comp_bond.pdbx_ordinal 
ALA N   CA   sing N N 1   
ALA N   H    sing N N 2   
ALA N   H2   sing N N 3   
ALA CA  C    sing N N 4   
ALA CA  CB   sing N N 5   
ALA CA  HA   sing N N 6   
ALA C   O    doub N N 7   
ALA C   OXT  sing N N 8   
ALA CB  HB1  sing N N 9   
ALA CB  HB2  sing N N 10  
ALA CB  HB3  sing N N 11  
ALA OXT HXT  sing N N 12  
ARG N   CA   sing N N 13  
ARG N   H    sing N N 14  
ARG N   H2   sing N N 15  
ARG CA  C    sing N N 16  
ARG CA  CB   sing N N 17  
ARG CA  HA   sing N N 18  
ARG C   O    doub N N 19  
ARG C   OXT  sing N N 20  
ARG CB  CG   sing N N 21  
ARG CB  HB2  sing N N 22  
ARG CB  HB3  sing N N 23  
ARG CG  CD   sing N N 24  
ARG CG  HG2  sing N N 25  
ARG CG  HG3  sing N N 26  
ARG CD  NE   sing N N 27  
ARG CD  HD2  sing N N 28  
ARG CD  HD3  sing N N 29  
ARG NE  CZ   sing N N 30  
ARG NE  HE   sing N N 31  
ARG CZ  NH1  sing N N 32  
ARG CZ  NH2  doub N N 33  
ARG NH1 HH11 sing N N 34  
ARG NH1 HH12 sing N N 35  
ARG NH2 HH21 sing N N 36  
ARG NH2 HH22 sing N N 37  
ARG OXT HXT  sing N N 38  
ASN N   CA   sing N N 39  
ASN N   H    sing N N 40  
ASN N   H2   sing N N 41  
ASN CA  C    sing N N 42  
ASN CA  CB   sing N N 43  
ASN CA  HA   sing N N 44  
ASN C   O    doub N N 45  
ASN C   OXT  sing N N 46  
ASN CB  CG   sing N N 47  
ASN CB  HB2  sing N N 48  
ASN CB  HB3  sing N N 49  
ASN CG  OD1  doub N N 50  
ASN CG  ND2  sing N N 51  
ASN ND2 HD21 sing N N 52  
ASN ND2 HD22 sing N N 53  
ASN OXT HXT  sing N N 54  
ASP N   CA   sing N N 55  
ASP N   H    sing N N 56  
ASP N   H2   sing N N 57  
ASP CA  C    sing N N 58  
ASP CA  CB   sing N N 59  
ASP CA  HA   sing N N 60  
ASP C   O    doub N N 61  
ASP C   OXT  sing N N 62  
ASP CB  CG   sing N N 63  
ASP CB  HB2  sing N N 64  
ASP CB  HB3  sing N N 65  
ASP CG  OD1  doub N N 66  
ASP CG  OD2  sing N N 67  
ASP OD2 HD2  sing N N 68  
ASP OXT HXT  sing N N 69  
CYS N   CA   sing N N 70  
CYS N   H    sing N N 71  
CYS N   H2   sing N N 72  
CYS CA  C    sing N N 73  
CYS CA  CB   sing N N 74  
CYS CA  HA   sing N N 75  
CYS C   O    doub N N 76  
CYS C   OXT  sing N N 77  
CYS CB  SG   sing N N 78  
CYS CB  HB2  sing N N 79  
CYS CB  HB3  sing N N 80  
CYS SG  HG   sing N N 81  
CYS OXT HXT  sing N N 82  
GLN N   CA   sing N N 83  
GLN N   H    sing N N 84  
GLN N   H2   sing N N 85  
GLN CA  C    sing N N 86  
GLN CA  CB   sing N N 87  
GLN CA  HA   sing N N 88  
GLN C   O    doub N N 89  
GLN C   OXT  sing N N 90  
GLN CB  CG   sing N N 91  
GLN CB  HB2  sing N N 92  
GLN CB  HB3  sing N N 93  
GLN CG  CD   sing N N 94  
GLN CG  HG2  sing N N 95  
GLN CG  HG3  sing N N 96  
GLN CD  OE1  doub N N 97  
GLN CD  NE2  sing N N 98  
GLN NE2 HE21 sing N N 99  
GLN NE2 HE22 sing N N 100 
GLN OXT HXT  sing N N 101 
GLU N   CA   sing N N 102 
GLU N   H    sing N N 103 
GLU N   H2   sing N N 104 
GLU CA  C    sing N N 105 
GLU CA  CB   sing N N 106 
GLU CA  HA   sing N N 107 
GLU C   O    doub N N 108 
GLU C   OXT  sing N N 109 
GLU CB  CG   sing N N 110 
GLU CB  HB2  sing N N 111 
GLU CB  HB3  sing N N 112 
GLU CG  CD   sing N N 113 
GLU CG  HG2  sing N N 114 
GLU CG  HG3  sing N N 115 
GLU CD  OE1  doub N N 116 
GLU CD  OE2  sing N N 117 
GLU OE2 HE2  sing N N 118 
GLU OXT HXT  sing N N 119 
GLY N   CA   sing N N 120 
GLY N   H    sing N N 121 
GLY N   H2   sing N N 122 
GLY CA  C    sing N N 123 
GLY CA  HA2  sing N N 124 
GLY CA  HA3  sing N N 125 
GLY C   O    doub N N 126 
GLY C   OXT  sing N N 127 
GLY OXT HXT  sing N N 128 
HIS N   CA   sing N N 129 
HIS N   H    sing N N 130 
HIS N   H2   sing N N 131 
HIS CA  C    sing N N 132 
HIS CA  CB   sing N N 133 
HIS CA  HA   sing N N 134 
HIS C   O    doub N N 135 
HIS C   OXT  sing N N 136 
HIS CB  CG   sing N N 137 
HIS CB  HB2  sing N N 138 
HIS CB  HB3  sing N N 139 
HIS CG  ND1  sing Y N 140 
HIS CG  CD2  doub Y N 141 
HIS ND1 CE1  doub Y N 142 
HIS ND1 HD1  sing N N 143 
HIS CD2 NE2  sing Y N 144 
HIS CD2 HD2  sing N N 145 
HIS CE1 NE2  sing Y N 146 
HIS CE1 HE1  sing N N 147 
HIS NE2 HE2  sing N N 148 
HIS OXT HXT  sing N N 149 
HOH O   H1   sing N N 150 
HOH O   H2   sing N N 151 
ILE N   CA   sing N N 152 
ILE N   H    sing N N 153 
ILE N   H2   sing N N 154 
ILE CA  C    sing N N 155 
ILE CA  CB   sing N N 156 
ILE CA  HA   sing N N 157 
ILE C   O    doub N N 158 
ILE C   OXT  sing N N 159 
ILE CB  CG1  sing N N 160 
ILE CB  CG2  sing N N 161 
ILE CB  HB   sing N N 162 
ILE CG1 CD1  sing N N 163 
ILE CG1 HG12 sing N N 164 
ILE CG1 HG13 sing N N 165 
ILE CG2 HG21 sing N N 166 
ILE CG2 HG22 sing N N 167 
ILE CG2 HG23 sing N N 168 
ILE CD1 HD11 sing N N 169 
ILE CD1 HD12 sing N N 170 
ILE CD1 HD13 sing N N 171 
ILE OXT HXT  sing N N 172 
LEU N   CA   sing N N 173 
LEU N   H    sing N N 174 
LEU N   H2   sing N N 175 
LEU CA  C    sing N N 176 
LEU CA  CB   sing N N 177 
LEU CA  HA   sing N N 178 
LEU C   O    doub N N 179 
LEU C   OXT  sing N N 180 
LEU CB  CG   sing N N 181 
LEU CB  HB2  sing N N 182 
LEU CB  HB3  sing N N 183 
LEU CG  CD1  sing N N 184 
LEU CG  CD2  sing N N 185 
LEU CG  HG   sing N N 186 
LEU CD1 HD11 sing N N 187 
LEU CD1 HD12 sing N N 188 
LEU CD1 HD13 sing N N 189 
LEU CD2 HD21 sing N N 190 
LEU CD2 HD22 sing N N 191 
LEU CD2 HD23 sing N N 192 
LEU OXT HXT  sing N N 193 
LYS N   CA   sing N N 194 
LYS N   H    sing N N 195 
LYS N   H2   sing N N 196 
LYS CA  C    sing N N 197 
LYS CA  CB   sing N N 198 
LYS CA  HA   sing N N 199 
LYS C   O    doub N N 200 
LYS C   OXT  sing N N 201 
LYS CB  CG   sing N N 202 
LYS CB  HB2  sing N N 203 
LYS CB  HB3  sing N N 204 
LYS CG  CD   sing N N 205 
LYS CG  HG2  sing N N 206 
LYS CG  HG3  sing N N 207 
LYS CD  CE   sing N N 208 
LYS CD  HD2  sing N N 209 
LYS CD  HD3  sing N N 210 
LYS CE  NZ   sing N N 211 
LYS CE  HE2  sing N N 212 
LYS CE  HE3  sing N N 213 
LYS NZ  HZ1  sing N N 214 
LYS NZ  HZ2  sing N N 215 
LYS NZ  HZ3  sing N N 216 
LYS OXT HXT  sing N N 217 
MET N   CA   sing N N 218 
MET N   H    sing N N 219 
MET N   H2   sing N N 220 
MET CA  C    sing N N 221 
MET CA  CB   sing N N 222 
MET CA  HA   sing N N 223 
MET C   O    doub N N 224 
MET C   OXT  sing N N 225 
MET CB  CG   sing N N 226 
MET CB  HB2  sing N N 227 
MET CB  HB3  sing N N 228 
MET CG  SD   sing N N 229 
MET CG  HG2  sing N N 230 
MET CG  HG3  sing N N 231 
MET SD  CE   sing N N 232 
MET CE  HE1  sing N N 233 
MET CE  HE2  sing N N 234 
MET CE  HE3  sing N N 235 
MET OXT HXT  sing N N 236 
PHE N   CA   sing N N 237 
PHE N   H    sing N N 238 
PHE N   H2   sing N N 239 
PHE CA  C    sing N N 240 
PHE CA  CB   sing N N 241 
PHE CA  HA   sing N N 242 
PHE C   O    doub N N 243 
PHE C   OXT  sing N N 244 
PHE CB  CG   sing N N 245 
PHE CB  HB2  sing N N 246 
PHE CB  HB3  sing N N 247 
PHE CG  CD1  doub Y N 248 
PHE CG  CD2  sing Y N 249 
PHE CD1 CE1  sing Y N 250 
PHE CD1 HD1  sing N N 251 
PHE CD2 CE2  doub Y N 252 
PHE CD2 HD2  sing N N 253 
PHE CE1 CZ   doub Y N 254 
PHE CE1 HE1  sing N N 255 
PHE CE2 CZ   sing Y N 256 
PHE CE2 HE2  sing N N 257 
PHE CZ  HZ   sing N N 258 
PHE OXT HXT  sing N N 259 
PRO N   CA   sing N N 260 
PRO N   CD   sing N N 261 
PRO N   H    sing N N 262 
PRO CA  C    sing N N 263 
PRO CA  CB   sing N N 264 
PRO CA  HA   sing N N 265 
PRO C   O    doub N N 266 
PRO C   OXT  sing N N 267 
PRO CB  CG   sing N N 268 
PRO CB  HB2  sing N N 269 
PRO CB  HB3  sing N N 270 
PRO CG  CD   sing N N 271 
PRO CG  HG2  sing N N 272 
PRO CG  HG3  sing N N 273 
PRO CD  HD2  sing N N 274 
PRO CD  HD3  sing N N 275 
PRO OXT HXT  sing N N 276 
SER N   CA   sing N N 277 
SER N   H    sing N N 278 
SER N   H2   sing N N 279 
SER CA  C    sing N N 280 
SER CA  CB   sing N N 281 
SER CA  HA   sing N N 282 
SER C   O    doub N N 283 
SER C   OXT  sing N N 284 
SER CB  OG   sing N N 285 
SER CB  HB2  sing N N 286 
SER CB  HB3  sing N N 287 
SER OG  HG   sing N N 288 
SER OXT HXT  sing N N 289 
THR N   CA   sing N N 290 
THR N   H    sing N N 291 
THR N   H2   sing N N 292 
THR CA  C    sing N N 293 
THR CA  CB   sing N N 294 
THR CA  HA   sing N N 295 
THR C   O    doub N N 296 
THR C   OXT  sing N N 297 
THR CB  OG1  sing N N 298 
THR CB  CG2  sing N N 299 
THR CB  HB   sing N N 300 
THR OG1 HG1  sing N N 301 
THR CG2 HG21 sing N N 302 
THR CG2 HG22 sing N N 303 
THR CG2 HG23 sing N N 304 
THR OXT HXT  sing N N 305 
TRP N   CA   sing N N 306 
TRP N   H    sing N N 307 
TRP N   H2   sing N N 308 
TRP CA  C    sing N N 309 
TRP CA  CB   sing N N 310 
TRP CA  HA   sing N N 311 
TRP C   O    doub N N 312 
TRP C   OXT  sing N N 313 
TRP CB  CG   sing N N 314 
TRP CB  HB2  sing N N 315 
TRP CB  HB3  sing N N 316 
TRP CG  CD1  doub Y N 317 
TRP CG  CD2  sing Y N 318 
TRP CD1 NE1  sing Y N 319 
TRP CD1 HD1  sing N N 320 
TRP CD2 CE2  doub Y N 321 
TRP CD2 CE3  sing Y N 322 
TRP NE1 CE2  sing Y N 323 
TRP NE1 HE1  sing N N 324 
TRP CE2 CZ2  sing Y N 325 
TRP CE3 CZ3  doub Y N 326 
TRP CE3 HE3  sing N N 327 
TRP CZ2 CH2  doub Y N 328 
TRP CZ2 HZ2  sing N N 329 
TRP CZ3 CH2  sing Y N 330 
TRP CZ3 HZ3  sing N N 331 
TRP CH2 HH2  sing N N 332 
TRP OXT HXT  sing N N 333 
TYR N   CA   sing N N 334 
TYR N   H    sing N N 335 
TYR N   H2   sing N N 336 
TYR CA  C    sing N N 337 
TYR CA  CB   sing N N 338 
TYR CA  HA   sing N N 339 
TYR C   O    doub N N 340 
TYR C   OXT  sing N N 341 
TYR CB  CG   sing N N 342 
TYR CB  HB2  sing N N 343 
TYR CB  HB3  sing N N 344 
TYR CG  CD1  doub Y N 345 
TYR CG  CD2  sing Y N 346 
TYR CD1 CE1  sing Y N 347 
TYR CD1 HD1  sing N N 348 
TYR CD2 CE2  doub Y N 349 
TYR CD2 HD2  sing N N 350 
TYR CE1 CZ   doub Y N 351 
TYR CE1 HE1  sing N N 352 
TYR CE2 CZ   sing Y N 353 
TYR CE2 HE2  sing N N 354 
TYR CZ  OH   sing N N 355 
TYR OH  HH   sing N N 356 
TYR OXT HXT  sing N N 357 
VAL N   CA   sing N N 358 
VAL N   H    sing N N 359 
VAL N   H2   sing N N 360 
VAL CA  C    sing N N 361 
VAL CA  CB   sing N N 362 
VAL CA  HA   sing N N 363 
VAL C   O    doub N N 364 
VAL C   OXT  sing N N 365 
VAL CB  CG1  sing N N 366 
VAL CB  CG2  sing N N 367 
VAL CB  HB   sing N N 368 
VAL CG1 HG11 sing N N 369 
VAL CG1 HG12 sing N N 370 
VAL CG1 HG13 sing N N 371 
VAL CG2 HG21 sing N N 372 
VAL CG2 HG22 sing N N 373 
VAL CG2 HG23 sing N N 374 
VAL OXT HXT  sing N N 375 
# 
_pdbx_initial_refinement_model.id               1 
_pdbx_initial_refinement_model.entity_id_list   ? 
_pdbx_initial_refinement_model.type             'experimental model' 
_pdbx_initial_refinement_model.source_name      PDB 
_pdbx_initial_refinement_model.accession_code   1HZH 
_pdbx_initial_refinement_model.details          ? 
# 
_atom_sites.entry_id                    3DJ9 
_atom_sites.fract_transf_matrix[1][1]   0.02676515 
_atom_sites.fract_transf_matrix[1][2]   -0.00568618 
_atom_sites.fract_transf_matrix[1][3]   0.00927250 
_atom_sites.fract_transf_matrix[2][1]   0.00921733 
_atom_sites.fract_transf_matrix[2][2]   0.00996207 
_atom_sites.fract_transf_matrix[2][3]   -0.02049688 
_atom_sites.fract_transf_matrix[3][1]   0.00798947 
_atom_sites.fract_transf_matrix[3][2]   0.02130270 
_atom_sites.fract_transf_matrix[3][3]   0.01394654 
_atom_sites.fract_transf_vector[1]      0.215393 
_atom_sites.fract_transf_vector[2]      -0.011908 
_atom_sites.fract_transf_vector[3]      0.396234 
# 
loop_
_atom_type.symbol 
C 
N 
O 
S 
# 
loop_
_atom_site.group_PDB 
_atom_site.id 
_atom_site.type_symbol 
_atom_site.label_atom_id 
_atom_site.label_alt_id 
_atom_site.label_comp_id 
_atom_site.label_asym_id 
_atom_site.label_entity_id 
_atom_site.label_seq_id 
_atom_site.pdbx_PDB_ins_code 
_atom_site.Cartn_x 
_atom_site.Cartn_y 
_atom_site.Cartn_z 
_atom_site.occupancy 
_atom_site.B_iso_or_equiv 
_atom_site.pdbx_formal_charge 
_atom_site.auth_seq_id 
_atom_site.auth_comp_id 
_atom_site.auth_asym_id 
_atom_site.auth_atom_id 
_atom_site.pdbx_PDB_model_num 
ATOM   1   N N   . GLY A 1 1   ? 9.409   -11.727 -13.145 1.00 35.31 ? 236 GLY A N   1 
ATOM   2   C CA  . GLY A 1 1   ? 9.199   -10.247 -13.062 1.00 33.13 ? 236 GLY A CA  1 
ATOM   3   C C   . GLY A 1 1   ? 7.732   -9.858  -13.067 1.00 31.09 ? 236 GLY A C   1 
ATOM   4   O O   . GLY A 1 1   ? 6.944   -10.370 -12.268 1.00 34.97 ? 236 GLY A O   1 
ATOM   5   N N   . GLY A 1 2   ? 7.366   -8.955  -13.974 1.00 31.11 ? 237 GLY A N   1 
ATOM   6   C CA  . GLY A 1 2   ? 5.991   -8.502  -14.056 1.00 26.73 ? 237 GLY A CA  1 
ATOM   7   C C   . GLY A 1 2   ? 5.769   -7.468  -12.976 1.00 24.50 ? 237 GLY A C   1 
ATOM   8   O O   . GLY A 1 2   ? 6.742   -6.957  -12.425 1.00 26.37 ? 237 GLY A O   1 
ATOM   9   N N   . PRO A 1 3   ? 4.513   -7.139  -12.643 1.00 23.86 ? 238 PRO A N   1 
ATOM   10  C CA  . PRO A 1 3   ? 4.220   -6.144  -11.604 1.00 21.73 ? 238 PRO A CA  1 
ATOM   11  C C   . PRO A 1 3   ? 4.899   -6.509  -10.274 1.00 20.62 ? 238 PRO A C   1 
ATOM   12  O O   . PRO A 1 3   ? 5.002   -7.682  -9.939  1.00 19.14 ? 238 PRO A O   1 
ATOM   13  C CB  . PRO A 1 3   ? 2.690   -6.193  -11.501 1.00 21.42 ? 238 PRO A CB  1 
ATOM   14  C CG  . PRO A 1 3   ? 2.259   -6.676  -12.855 1.00 26.01 ? 238 PRO A CG  1 
ATOM   15  C CD  . PRO A 1 3   ? 3.270   -7.727  -13.176 1.00 23.56 ? 238 PRO A CD  1 
ATOM   16  N N   . SER A 1 4   ? 5.364   -5.505  -9.528  1.00 17.33 ? 239 SER A N   1 
ATOM   17  C CA  . SER A 1 4   ? 6.013   -5.737  -8.233  1.00 18.07 ? 239 SER A CA  1 
ATOM   18  C C   . SER A 1 4   ? 5.360   -4.828  -7.202  1.00 15.74 ? 239 SER A C   1 
ATOM   19  O O   . SER A 1 4   ? 4.882   -3.751  -7.549  1.00 18.29 ? 239 SER A O   1 
ATOM   20  C CB  . SER A 1 4   ? 7.510   -5.421  -8.302  1.00 21.88 ? 239 SER A CB  1 
ATOM   21  O OG  . SER A 1 4   ? 8.189   -6.338  -9.136  1.00 32.04 ? 239 SER A OG  1 
ATOM   22  N N   . VAL A 1 5   ? 5.356   -5.256  -5.944  1.00 14.13 ? 240 VAL A N   1 
ATOM   23  C CA  . VAL A 1 5   ? 4.725   -4.491  -4.873  1.00 13.59 ? 240 VAL A CA  1 
ATOM   24  C C   . VAL A 1 5   ? 5.675   -4.097  -3.742  1.00 14.29 ? 240 VAL A C   1 
ATOM   25  O O   . VAL A 1 5   ? 6.437   -4.928  -3.244  1.00 15.64 ? 240 VAL A O   1 
ATOM   26  C CB  . VAL A 1 5   ? 3.548   -5.289  -4.251  1.00 16.04 ? 240 VAL A CB  1 
ATOM   27  C CG1 . VAL A 1 5   ? 2.880   -4.485  -3.158  1.00 14.86 ? 240 VAL A CG1 1 
ATOM   28  C CG2 . VAL A 1 5   ? 2.547   -5.655  -5.329  1.00 16.01 ? 240 VAL A CG2 1 
ATOM   29  N N   . PHE A 1 6   ? 5.591   -2.832  -3.327  1.00 14.66 ? 241 PHE A N   1 
ATOM   30  C CA  . PHE A 1 6   ? 6.424   -2.299  -2.247  1.00 12.31 ? 241 PHE A CA  1 
ATOM   31  C C   . PHE A 1 6   ? 5.526   -1.580  -1.248  1.00 10.94 ? 241 PHE A C   1 
ATOM   32  O O   . PHE A 1 6   ? 4.601   -0.885  -1.629  1.00 15.62 ? 241 PHE A O   1 
ATOM   33  C CB  . PHE A 1 6   ? 7.469   -1.361  -2.836  1.00 11.82 ? 241 PHE A CB  1 
ATOM   34  C CG  . PHE A 1 6   ? 8.336   -2.026  -3.852  1.00 14.42 ? 241 PHE A CG  1 
ATOM   35  C CD1 . PHE A 1 6   ? 9.358   -2.879  -3.456  1.00 16.92 ? 241 PHE A CD1 1 
ATOM   36  C CD2 . PHE A 1 6   ? 8.071   -1.882  -5.208  1.00 19.52 ? 241 PHE A CD2 1 
ATOM   37  C CE1 . PHE A 1 6   ? 10.103  -3.590  -4.396  1.00 17.06 ? 241 PHE A CE1 1 
ATOM   38  C CE2 . PHE A 1 6   ? 8.813   -2.592  -6.157  1.00 18.65 ? 241 PHE A CE2 1 
ATOM   39  C CZ  . PHE A 1 6   ? 9.827   -3.445  -5.740  1.00 16.11 ? 241 PHE A CZ  1 
ATOM   40  N N   . LEU A 1 7   ? 5.795   -1.758  0.037   1.00 12.58 ? 242 LEU A N   1 
ATOM   41  C CA  . LEU A 1 7   ? 4.954   -1.163  1.070   1.00 12.27 ? 242 LEU A CA  1 
ATOM   42  C C   . LEU A 1 7   ? 5.790   -0.302  2.009   1.00 16.26 ? 242 LEU A C   1 
ATOM   43  O O   . LEU A 1 7   ? 6.797   -0.772  2.539   1.00 16.56 ? 242 LEU A O   1 
ATOM   44  C CB  . LEU A 1 7   ? 4.268   -2.298  1.838   1.00 13.95 ? 242 LEU A CB  1 
ATOM   45  C CG  . LEU A 1 7   ? 3.113   -2.001  2.781   1.00 15.02 ? 242 LEU A CG  1 
ATOM   46  C CD1 . LEU A 1 7   ? 2.032   -1.238  2.054   1.00 12.90 ? 242 LEU A CD1 1 
ATOM   47  C CD2 . LEU A 1 7   ? 2.581   -3.324  3.325   1.00 15.33 ? 242 LEU A CD2 1 
ATOM   48  N N   . PHE A 1 8   ? 5.362   0.945   2.219   1.00 16.67 ? 243 PHE A N   1 
ATOM   49  C CA  . PHE A 1 8   ? 6.086   1.890   3.068   1.00 14.58 ? 243 PHE A CA  1 
ATOM   50  C C   . PHE A 1 8   ? 5.364   2.342   4.332   1.00 14.61 ? 243 PHE A C   1 
ATOM   51  O O   . PHE A 1 8   ? 4.160   2.555   4.324   1.00 15.72 ? 243 PHE A O   1 
ATOM   52  C CB  . PHE A 1 8   ? 6.455   3.124   2.257   1.00 15.53 ? 243 PHE A CB  1 
ATOM   53  C CG  . PHE A 1 8   ? 7.231   2.811   1.019   1.00 14.56 ? 243 PHE A CG  1 
ATOM   54  C CD1 . PHE A 1 8   ? 6.575   2.484   -0.159  1.00 17.17 ? 243 PHE A CD1 1 
ATOM   55  C CD2 . PHE A 1 8   ? 8.617   2.788   1.043   1.00 23.13 ? 243 PHE A CD2 1 
ATOM   56  C CE1 . PHE A 1 8   ? 7.288   2.136   -1.297  1.00 16.36 ? 243 PHE A CE1 1 
ATOM   57  C CE2 . PHE A 1 8   ? 9.337   2.439   -0.094  1.00 23.50 ? 243 PHE A CE2 1 
ATOM   58  C CZ  . PHE A 1 8   ? 8.674   2.113   -1.262  1.00 14.68 ? 243 PHE A CZ  1 
ATOM   59  N N   . PRO A 1 9   ? 6.116   2.523   5.433   1.00 13.60 ? 244 PRO A N   1 
ATOM   60  C CA  . PRO A 1 9   ? 5.561   2.957   6.716   1.00 14.14 ? 244 PRO A CA  1 
ATOM   61  C C   . PRO A 1 9   ? 5.245   4.449   6.690   1.00 17.32 ? 244 PRO A C   1 
ATOM   62  O O   . PRO A 1 9   ? 5.572   5.145   5.736   1.00 15.47 ? 244 PRO A O   1 
ATOM   63  C CB  . PRO A 1 9   ? 6.686   2.645   7.687   1.00 13.76 ? 244 PRO A CB  1 
ATOM   64  C CG  . PRO A 1 9   ? 7.889   3.044   6.881   1.00 18.64 ? 244 PRO A CG  1 
ATOM   65  C CD  . PRO A 1 9   ? 7.584   2.396   5.525   1.00 17.08 ? 244 PRO A CD  1 
ATOM   66  N N   . PRO A 1 10  ? 4.583   4.953   7.737   1.00 16.70 ? 245 PRO A N   1 
ATOM   67  C CA  . PRO A 1 10  ? 4.253   6.379   7.790   1.00 16.72 ? 245 PRO A CA  1 
ATOM   68  C C   . PRO A 1 10  ? 5.505   7.171   8.155   1.00 17.55 ? 245 PRO A C   1 
ATOM   69  O O   . PRO A 1 10  ? 6.498   6.591   8.580   1.00 17.33 ? 245 PRO A O   1 
ATOM   70  C CB  . PRO A 1 10  ? 3.194   6.443   8.887   1.00 15.08 ? 245 PRO A CB  1 
ATOM   71  C CG  . PRO A 1 10  ? 3.566   5.309   9.781   1.00 25.14 ? 245 PRO A CG  1 
ATOM   72  C CD  . PRO A 1 10  ? 3.888   4.215   8.803   1.00 16.95 ? 245 PRO A CD  1 
ATOM   73  N N   . LYS A 1 11  ? 5.480   8.488   7.961   1.00 18.45 ? 246 LYS A N   1 
ATOM   74  C CA  . LYS A 1 11  ? 6.637   9.281   8.349   1.00 21.17 ? 246 LYS A CA  1 
ATOM   75  C C   . LYS A 1 11  ? 6.631   9.206   9.873   1.00 21.67 ? 246 LYS A C   1 
ATOM   76  O O   . LYS A 1 11  ? 5.593   9.404   10.500  1.00 21.47 ? 246 LYS A O   1 
ATOM   77  C CB  . LYS A 1 11  ? 6.483   10.732  7.899   1.00 22.91 ? 246 LYS A CB  1 
ATOM   78  C CG  . LYS A 1 11  ? 6.439   10.935  6.396   1.00 28.17 ? 246 LYS A CG  1 
ATOM   79  C CD  . LYS A 1 11  ? 6.351   12.433  6.078   1.00 26.85 ? 246 LYS A CD  1 
ATOM   80  C CE  . LYS A 1 11  ? 6.354   12.720  4.586   1.00 31.46 ? 246 LYS A CE  1 
ATOM   81  N NZ  . LYS A 1 11  ? 5.118   12.251  3.890   1.00 32.28 ? 246 LYS A NZ  1 
ATOM   82  N N   . PRO A 1 12  ? 7.786   8.929   10.490  1.00 21.97 ? 247 PRO A N   1 
ATOM   83  C CA  . PRO A 1 12  ? 7.868   8.826   11.951  1.00 23.88 ? 247 PRO A CA  1 
ATOM   84  C C   . PRO A 1 12  ? 7.198   9.977   12.676  1.00 23.02 ? 247 PRO A C   1 
ATOM   85  O O   . PRO A 1 12  ? 6.458   9.773   13.647  1.00 23.28 ? 247 PRO A O   1 
ATOM   86  C CB  . PRO A 1 12  ? 9.369   8.790   12.206  1.00 28.80 ? 247 PRO A CB  1 
ATOM   87  C CG  . PRO A 1 12  ? 9.891   8.117   10.975  1.00 32.80 ? 247 PRO A CG  1 
ATOM   88  C CD  . PRO A 1 12  ? 9.120   8.799   9.882   1.00 25.59 ? 247 PRO A CD  1 
ATOM   89  N N   . LYS A 1 13  ? 7.448   11.191  12.205  1.00 25.08 ? 248 LYS A N   1 
ATOM   90  C CA  . LYS A 1 13  ? 6.858   12.351  12.850  1.00 27.48 ? 248 LYS A CA  1 
ATOM   91  C C   . LYS A 1 13  ? 5.337   12.381  12.762  1.00 23.78 ? 248 LYS A C   1 
ATOM   92  O O   . LYS A 1 13  ? 4.681   12.825  13.699  1.00 27.47 ? 248 LYS A O   1 
ATOM   93  C CB  . LYS A 1 13  ? 7.462   13.637  12.288  1.00 30.39 ? 248 LYS A CB  1 
ATOM   94  C CG  . LYS A 1 13  ? 8.445   14.314  13.255  1.00 35.06 ? 248 LYS A CG  1 
ATOM   95  C CD  . LYS A 1 13  ? 9.582   13.386  13.689  1.00 33.98 ? 248 LYS A CD  1 
ATOM   96  C CE  . LYS A 1 13  ? 10.616  14.117  14.556  1.00 35.89 ? 248 LYS A CE  1 
ATOM   97  N NZ  . LYS A 1 13  ? 11.242  15.258  13.823  1.00 36.19 ? 248 LYS A NZ  1 
ATOM   98  N N   . ASP A 1 14  ? 4.771   11.908  11.653  1.00 21.51 ? 249 ASP A N   1 
ATOM   99  C CA  . ASP A 1 14  ? 3.315   11.887  11.511  1.00 19.89 ? 249 ASP A CA  1 
ATOM   100 C C   . ASP A 1 14  ? 2.646   11.061  12.606  1.00 20.83 ? 249 ASP A C   1 
ATOM   101 O O   . ASP A 1 14  ? 1.556   11.397  13.057  1.00 19.07 ? 249 ASP A O   1 
ATOM   102 C CB  . ASP A 1 14  ? 2.894   11.322  10.150  1.00 24.66 ? 249 ASP A CB  1 
ATOM   103 C CG  . ASP A 1 14  ? 3.170   12.269  9.009   1.00 24.83 ? 249 ASP A CG  1 
ATOM   104 O OD1 . ASP A 1 14  ? 3.359   13.481  9.265   1.00 25.27 ? 249 ASP A OD1 1 
ATOM   105 O OD2 . ASP A 1 14  ? 3.179   11.805  7.849   1.00 22.29 ? 249 ASP A OD2 1 
ATOM   106 N N   . THR A 1 15  ? 3.299   9.982   13.028  1.00 19.42 ? 250 THR A N   1 
ATOM   107 C CA  . THR A 1 15  ? 2.746   9.099   14.056  1.00 15.83 ? 250 THR A CA  1 
ATOM   108 C C   . THR A 1 15  ? 2.841   9.678   15.468  1.00 18.90 ? 250 THR A C   1 
ATOM   109 O O   . THR A 1 15  ? 2.131   9.234   16.367  1.00 20.64 ? 250 THR A O   1 
ATOM   110 C CB  . THR A 1 15  ? 3.467   7.723   14.069  1.00 21.26 ? 250 THR A CB  1 
ATOM   111 O OG1 . THR A 1 15  ? 4.789   7.881   14.603  1.00 25.31 ? 250 THR A OG1 1 
ATOM   112 C CG2 . THR A 1 15  ? 3.581   7.162   12.660  1.00 17.13 ? 250 THR A CG2 1 
ATOM   113 N N   . LEU A 1 16  ? 3.708   10.675  15.649  1.00 21.57 ? 251 LEU A N   1 
ATOM   114 C CA  . LEU A 1 16  ? 3.937   11.285  16.963  1.00 21.77 ? 251 LEU A CA  1 
ATOM   115 C C   . LEU A 1 16  ? 3.176   12.569  17.280  1.00 23.53 ? 251 LEU A C   1 
ATOM   116 O O   . LEU A 1 16  ? 3.215   13.048  18.416  1.00 23.50 ? 251 LEU A O   1 
ATOM   117 C CB  . LEU A 1 16  ? 5.430   11.533  17.146  1.00 20.88 ? 251 LEU A CB  1 
ATOM   118 C CG  . LEU A 1 16  ? 6.299   10.273  17.062  1.00 24.76 ? 251 LEU A CG  1 
ATOM   119 C CD1 . LEU A 1 16  ? 7.764   10.665  17.124  1.00 22.18 ? 251 LEU A CD1 1 
ATOM   120 C CD2 . LEU A 1 16  ? 5.929   9.313   18.196  1.00 20.83 ? 251 LEU A CD2 1 
ATOM   121 N N   . MET A 1 17  ? 2.499   13.130  16.286  1.00 24.10 ? 252 MET A N   1 
ATOM   122 C CA  . MET A 1 17  ? 1.718   14.354  16.482  1.00 25.92 ? 252 MET A CA  1 
ATOM   123 C C   . MET A 1 17  ? 0.285   14.078  16.018  1.00 20.44 ? 252 MET A C   1 
ATOM   124 O O   . MET A 1 17  ? 0.065   13.775  14.852  1.00 20.61 ? 252 MET A O   1 
ATOM   125 C CB  . MET A 1 17  ? 2.318   15.502  15.657  1.00 33.31 ? 252 MET A CB  1 
ATOM   126 C CG  . MET A 1 17  ? 3.734   15.934  16.040  1.00 38.75 ? 252 MET A CG  1 
ATOM   127 S SD  . MET A 1 17  ? 4.501   17.026  14.787  1.00 47.39 ? 252 MET A SD  1 
ATOM   128 C CE  . MET A 1 17  ? 6.223   16.597  14.971  1.00 39.44 ? 252 MET A CE  1 
ATOM   129 N N   . ILE A 1 18  ? -0.685  14.178  16.924  1.00 22.43 ? 253 ILE A N   1 
ATOM   130 C CA  . ILE A 1 18  ? -2.079  13.915  16.582  1.00 18.67 ? 253 ILE A CA  1 
ATOM   131 C C   . ILE A 1 18  ? -2.587  14.825  15.461  1.00 20.71 ? 253 ILE A C   1 
ATOM   132 O O   . ILE A 1 18  ? -3.492  14.456  14.710  1.00 19.84 ? 253 ILE A O   1 
ATOM   133 C CB  . ILE A 1 18  ? -2.987  14.074  17.819  1.00 24.72 ? 253 ILE A CB  1 
ATOM   134 C CG1 . ILE A 1 18  ? -4.304  13.342  17.590  1.00 25.80 ? 253 ILE A CG1 1 
ATOM   135 C CG2 . ILE A 1 18  ? -3.217  15.548  18.125  1.00 27.04 ? 253 ILE A CG2 1 
ATOM   136 C CD1 . ILE A 1 18  ? -4.155  11.828  17.653  1.00 28.80 ? 253 ILE A CD1 1 
ATOM   137 N N   . SER A 1 19  ? -1.997  16.013  15.348  1.00 23.63 ? 254 SER A N   1 
ATOM   138 C CA  . SER A 1 19  ? -2.388  16.967  14.316  1.00 23.32 ? 254 SER A CA  1 
ATOM   139 C C   . SER A 1 19  ? -1.923  16.542  12.925  1.00 21.58 ? 254 SER A C   1 
ATOM   140 O O   . SER A 1 19  ? -2.416  17.054  11.919  1.00 20.39 ? 254 SER A O   1 
ATOM   141 C CB  . SER A 1 19  ? -1.817  18.345  14.629  1.00 20.87 ? 254 SER A CB  1 
ATOM   142 O OG  . SER A 1 19  ? -0.415  18.353  14.453  1.00 26.81 ? 254 SER A OG  1 
ATOM   143 N N   . ARG A 1 20  ? -0.972  15.610  12.870  1.00 17.16 ? 255 ARG A N   1 
ATOM   144 C CA  . ARG A 1 20  ? -0.446  15.118  11.601  1.00 21.44 ? 255 ARG A CA  1 
ATOM   145 C C   . ARG A 1 20  ? -1.256  13.905  11.168  1.00 18.41 ? 255 ARG A C   1 
ATOM   146 O O   . ARG A 1 20  ? -1.960  13.295  11.968  1.00 17.79 ? 255 ARG A O   1 
ATOM   147 C CB  . ARG A 1 20  ? 1.011   14.699  11.757  1.00 23.84 ? 255 ARG A CB  1 
ATOM   148 C CG  . ARG A 1 20  ? 1.841   15.681  12.544  1.00 34.01 ? 255 ARG A CG  1 
ATOM   149 C CD  . ARG A 1 20  ? 2.593   16.617  11.652  1.00 36.02 ? 255 ARG A CD  1 
ATOM   150 N NE  . ARG A 1 20  ? 3.821   15.994  11.174  1.00 35.54 ? 255 ARG A NE  1 
ATOM   151 C CZ  . ARG A 1 20  ? 4.691   16.582  10.355  1.00 39.69 ? 255 ARG A CZ  1 
ATOM   152 N NH1 . ARG A 1 20  ? 4.466   17.819  9.914   1.00 38.62 ? 255 ARG A NH1 1 
ATOM   153 N NH2 . ARG A 1 20  ? 5.787   15.934  9.978   1.00 37.31 ? 255 ARG A NH2 1 
ATOM   154 N N   . THR A 1 21  ? -1.137  13.542  9.898   1.00 20.41 ? 256 THR A N   1 
ATOM   155 C CA  . THR A 1 21  ? -1.869  12.397  9.387   1.00 20.25 ? 256 THR A CA  1 
ATOM   156 C C   . THR A 1 21  ? -0.920  11.335  8.843   1.00 21.28 ? 256 THR A C   1 
ATOM   157 O O   . THR A 1 21  ? -0.350  11.495  7.768   1.00 21.56 ? 256 THR A O   1 
ATOM   158 C CB  . THR A 1 21  ? -2.834  12.826  8.274   1.00 22.78 ? 256 THR A CB  1 
ATOM   159 O OG1 . THR A 1 21  ? -3.614  13.938  8.727   1.00 24.07 ? 256 THR A OG1 1 
ATOM   160 C CG2 . THR A 1 21  ? -3.760  11.699  7.926   1.00 28.33 ? 256 THR A CG2 1 
ATOM   161 N N   . PRO A 1 22  ? -0.727  10.243  9.600   1.00 20.75 ? 257 PRO A N   1 
ATOM   162 C CA  . PRO A 1 22  ? 0.160   9.155   9.175   1.00 20.16 ? 257 PRO A CA  1 
ATOM   163 C C   . PRO A 1 22  ? -0.553  8.249   8.170   1.00 16.87 ? 257 PRO A C   1 
ATOM   164 O O   . PRO A 1 22  ? -1.746  7.995   8.292   1.00 17.13 ? 257 PRO A O   1 
ATOM   165 C CB  . PRO A 1 22  ? 0.484   8.450   10.487  1.00 19.32 ? 257 PRO A CB  1 
ATOM   166 C CG  . PRO A 1 22  ? -0.794  8.601   11.256  1.00 17.20 ? 257 PRO A CG  1 
ATOM   167 C CD  . PRO A 1 22  ? -1.163  10.048  10.995  1.00 22.08 ? 257 PRO A CD  1 
ATOM   168 N N   . GLU A 1 23  ? 0.184   7.779   7.170   1.00 15.82 ? 258 GLU A N   1 
ATOM   169 C CA  . GLU A 1 23  ? -0.390  6.922   6.135   1.00 17.06 ? 258 GLU A CA  1 
ATOM   170 C C   . GLU A 1 23  ? 0.600   5.826   5.765   1.00 18.24 ? 258 GLU A C   1 
ATOM   171 O O   . GLU A 1 23  ? 1.809   6.045   5.791   1.00 17.03 ? 258 GLU A O   1 
ATOM   172 C CB  . GLU A 1 23  ? -0.663  7.720   4.854   1.00 22.50 ? 258 GLU A CB  1 
ATOM   173 C CG  . GLU A 1 23  ? -1.142  9.150   5.032   1.00 29.51 ? 258 GLU A CG  1 
ATOM   174 C CD  . GLU A 1 23  ? -1.123  9.928   3.716   1.00 28.32 ? 258 GLU A CD  1 
ATOM   175 O OE1 . GLU A 1 23  ? -0.121  9.810   2.969   1.00 29.86 ? 258 GLU A OE1 1 
ATOM   176 O OE2 . GLU A 1 23  ? -2.102  10.655  3.430   1.00 31.03 ? 258 GLU A OE2 1 
ATOM   177 N N   . VAL A 1 24  ? 0.080   4.655   5.411   1.00 14.06 ? 259 VAL A N   1 
ATOM   178 C CA  . VAL A 1 24  ? 0.914   3.551   4.967   1.00 10.64 ? 259 VAL A CA  1 
ATOM   179 C C   . VAL A 1 24  ? 0.706   3.576   3.452   1.00 10.40 ? 259 VAL A C   1 
ATOM   180 O O   . VAL A 1 24  ? -0.421  3.718   2.979   1.00 13.94 ? 259 VAL A O   1 
ATOM   181 C CB  . VAL A 1 24  ? 0.445   2.207   5.561   1.00 10.67 ? 259 VAL A CB  1 
ATOM   182 C CG1 . VAL A 1 24  ? 1.132   1.057   4.859   1.00 18.00 ? 259 VAL A CG1 1 
ATOM   183 C CG2 . VAL A 1 24  ? 0.772   2.158   7.036   1.00 13.73 ? 259 VAL A CG2 1 
ATOM   184 N N   . THR A 1 25  ? 1.787   3.450   2.693   1.00 11.77 ? 260 THR A N   1 
ATOM   185 C CA  . THR A 1 25  ? 1.688   3.521   1.239   1.00 13.44 ? 260 THR A CA  1 
ATOM   186 C C   . THR A 1 25  ? 2.066   2.250   0.481   1.00 12.13 ? 260 THR A C   1 
ATOM   187 O O   . THR A 1 25  ? 3.149   1.704   0.669   1.00 15.16 ? 260 THR A O   1 
ATOM   188 C CB  . THR A 1 25  ? 2.575   4.657   0.700   1.00 14.70 ? 260 THR A CB  1 
ATOM   189 O OG1 . THR A 1 25  ? 2.268   5.872   1.390   1.00 16.54 ? 260 THR A OG1 1 
ATOM   190 C CG2 . THR A 1 25  ? 2.339   4.850   -0.782  1.00 15.13 ? 260 THR A CG2 1 
ATOM   191 N N   . CYS A 1 26  ? 1.172   1.807   -0.399  1.00 12.01 ? 261 CYS A N   1 
ATOM   192 C CA  . CYS A 1 26  ? 1.414   0.611   -1.202  1.00 10.37 ? 261 CYS A CA  1 
ATOM   193 C C   . CYS A 1 26  ? 1.680   1.034   -2.645  1.00 13.62 ? 261 CYS A C   1 
ATOM   194 O O   . CYS A 1 26  ? 0.828   1.645   -3.286  1.00 16.02 ? 261 CYS A O   1 
ATOM   195 C CB  . CYS A 1 26  ? 0.197   -0.311  -1.156  1.00 12.27 ? 261 CYS A CB  1 
ATOM   196 S SG  . CYS A 1 26  ? 0.529   -2.010  -1.725  1.00 17.50 ? 261 CYS A SG  1 
ATOM   197 N N   . VAL A 1 27  ? 2.867   0.702   -3.143  1.00 13.03 ? 262 VAL A N   1 
ATOM   198 C CA  . VAL A 1 27  ? 3.273   1.050   -4.501  1.00 14.44 ? 262 VAL A CA  1 
ATOM   199 C C   . VAL A 1 27  ? 3.389   -0.184  -5.386  1.00 15.01 ? 262 VAL A C   1 
ATOM   200 O O   . VAL A 1 27  ? 4.022   -1.160  -5.014  1.00 15.21 ? 262 VAL A O   1 
ATOM   201 C CB  . VAL A 1 27  ? 4.657   1.728   -4.495  1.00 14.85 ? 262 VAL A CB  1 
ATOM   202 C CG1 . VAL A 1 27  ? 5.038   2.183   -5.901  1.00 17.20 ? 262 VAL A CG1 1 
ATOM   203 C CG2 . VAL A 1 27  ? 4.646   2.890   -3.530  1.00 17.41 ? 262 VAL A CG2 1 
ATOM   204 N N   . VAL A 1 28  ? 2.781   -0.125  -6.561  1.00 15.60 ? 263 VAL A N   1 
ATOM   205 C CA  . VAL A 1 28  ? 2.849   -1.221  -7.517  1.00 16.16 ? 263 VAL A CA  1 
ATOM   206 C C   . VAL A 1 28  ? 3.549   -0.688  -8.761  1.00 14.88 ? 263 VAL A C   1 
ATOM   207 O O   . VAL A 1 28  ? 3.116   0.304   -9.350  1.00 16.34 ? 263 VAL A O   1 
ATOM   208 C CB  . VAL A 1 28  ? 1.459   -1.700  -7.906  1.00 14.96 ? 263 VAL A CB  1 
ATOM   209 C CG1 . VAL A 1 28  ? 1.568   -2.890  -8.839  1.00 15.19 ? 263 VAL A CG1 1 
ATOM   210 C CG2 . VAL A 1 28  ? 0.669   -2.035  -6.648  1.00 18.35 ? 263 VAL A CG2 1 
ATOM   211 N N   . VAL A 1 29  ? 4.641   -1.333  -9.151  1.00 15.64 ? 264 VAL A N   1 
ATOM   212 C CA  . VAL A 1 29  ? 5.386   -0.883  -10.321 1.00 17.41 ? 264 VAL A CA  1 
ATOM   213 C C   . VAL A 1 29  ? 5.347   -1.918  -11.434 1.00 15.83 ? 264 VAL A C   1 
ATOM   214 O O   . VAL A 1 29  ? 5.025   -3.080  -11.203 1.00 17.06 ? 264 VAL A O   1 
ATOM   215 C CB  . VAL A 1 29  ? 6.866   -0.587  -9.971  1.00 20.81 ? 264 VAL A CB  1 
ATOM   216 C CG1 . VAL A 1 29  ? 6.939   0.442   -8.867  1.00 20.92 ? 264 VAL A CG1 1 
ATOM   217 C CG2 . VAL A 1 29  ? 7.566   -1.855  -9.553  1.00 17.32 ? 264 VAL A CG2 1 
ATOM   218 N N   . ASP A 1 30  ? 5.688   -1.474  -12.643 1.00 15.67 ? 265 ASP A N   1 
ATOM   219 C CA  . ASP A 1 30  ? 5.707   -2.322  -13.827 1.00 20.23 ? 265 ASP A CA  1 
ATOM   220 C C   . ASP A 1 30  ? 4.348   -2.923  -14.166 1.00 19.44 ? 265 ASP A C   1 
ATOM   221 O O   . ASP A 1 30  ? 4.232   -4.097  -14.512 1.00 18.94 ? 265 ASP A O   1 
ATOM   222 C CB  . ASP A 1 30  ? 6.755   -3.424  -13.676 1.00 17.13 ? 265 ASP A CB  1 
ATOM   223 C CG  . ASP A 1 30  ? 8.161   -2.872  -13.647 1.00 23.61 ? 265 ASP A CG  1 
ATOM   224 O OD1 . ASP A 1 30  ? 8.342   -1.689  -14.012 1.00 26.08 ? 265 ASP A OD1 1 
ATOM   225 O OD2 . ASP A 1 30  ? 9.079   -3.618  -13.263 1.00 25.40 ? 265 ASP A OD2 1 
ATOM   226 N N   . VAL A 1 31  ? 3.318   -2.097  -14.052 1.00 18.09 ? 266 VAL A N   1 
ATOM   227 C CA  . VAL A 1 31  ? 1.968   -2.510  -14.390 1.00 19.72 ? 266 VAL A CA  1 
ATOM   228 C C   . VAL A 1 31  ? 1.905   -2.268  -15.887 1.00 21.29 ? 266 VAL A C   1 
ATOM   229 O O   . VAL A 1 31  ? 2.175   -1.159  -16.336 1.00 22.51 ? 266 VAL A O   1 
ATOM   230 C CB  . VAL A 1 31  ? 0.935   -1.630  -13.697 1.00 20.76 ? 266 VAL A CB  1 
ATOM   231 C CG1 . VAL A 1 31  ? -0.456  -2.045  -14.121 1.00 17.35 ? 266 VAL A CG1 1 
ATOM   232 C CG2 . VAL A 1 31  ? 1.093   -1.741  -12.192 1.00 19.32 ? 266 VAL A CG2 1 
ATOM   233 N N   . SER A 1 32  ? 1.548   -3.292  -16.658 1.00 22.19 ? 267 SER A N   1 
ATOM   234 C CA  . SER A 1 32  ? 1.520   -3.160  -18.119 1.00 21.94 ? 267 SER A CA  1 
ATOM   235 C C   . SER A 1 32  ? 0.388   -2.326  -18.709 1.00 24.00 ? 267 SER A C   1 
ATOM   236 O O   . SER A 1 32  ? -0.660  -2.138  -18.093 1.00 23.54 ? 267 SER A O   1 
ATOM   237 C CB  . SER A 1 32  ? 1.489   -4.541  -18.765 1.00 23.74 ? 267 SER A CB  1 
ATOM   238 O OG  . SER A 1 32  ? 0.195   -5.103  -18.661 1.00 27.98 ? 267 SER A OG  1 
ATOM   239 N N   . HIS A 1 33  ? 0.614   -1.839  -19.927 1.00 23.61 ? 268 HIS A N   1 
ATOM   240 C CA  . HIS A 1 33  ? -0.376  -1.040  -20.642 1.00 26.38 ? 268 HIS A CA  1 
ATOM   241 C C   . HIS A 1 33  ? -1.557  -1.896  -21.083 1.00 24.03 ? 268 HIS A C   1 
ATOM   242 O O   . HIS A 1 33  ? -2.684  -1.402  -21.167 1.00 30.26 ? 268 HIS A O   1 
ATOM   243 C CB  . HIS A 1 33  ? 0.272   -0.382  -21.863 1.00 29.31 ? 268 HIS A CB  1 
ATOM   244 C CG  . HIS A 1 33  ? 1.084   0.831   -21.537 1.00 30.15 ? 268 HIS A CG  1 
ATOM   245 N ND1 . HIS A 1 33  ? 2.035   1.345   -22.392 1.00 32.37 ? 268 HIS A ND1 1 
ATOM   246 C CD2 . HIS A 1 33  ? 1.076   1.644   -20.455 1.00 31.51 ? 268 HIS A CD2 1 
ATOM   247 C CE1 . HIS A 1 33  ? 2.578   2.421   -21.851 1.00 31.23 ? 268 HIS A CE1 1 
ATOM   248 N NE2 . HIS A 1 33  ? 2.013   2.623   -20.674 1.00 28.32 ? 268 HIS A NE2 1 
ATOM   249 N N   . GLU A 1 34  ? -1.302  -3.177  -21.354 1.00 25.42 ? 269 GLU A N   1 
ATOM   250 C CA  . GLU A 1 34  ? -2.347  -4.109  -21.794 1.00 27.01 ? 269 GLU A CA  1 
ATOM   251 C C   . GLU A 1 34  ? -3.307  -4.486  -20.669 1.00 26.24 ? 269 GLU A C   1 
ATOM   252 O O   . GLU A 1 34  ? -4.491  -4.730  -20.904 1.00 28.59 ? 269 GLU A O   1 
ATOM   253 C CB  . GLU A 1 34  ? -1.727  -5.389  -22.361 1.00 31.44 ? 269 GLU A CB  1 
ATOM   254 C CG  . GLU A 1 34  ? -0.510  -5.161  -23.239 1.00 36.06 ? 269 GLU A CG  1 
ATOM   255 C CD  . GLU A 1 34  ? 0.747   -4.892  -22.423 1.00 35.38 ? 269 GLU A CD  1 
ATOM   256 O OE1 . GLU A 1 34  ? 1.170   -5.792  -21.668 1.00 36.48 ? 269 GLU A OE1 1 
ATOM   257 O OE2 . GLU A 1 34  ? 1.314   -3.781  -22.536 1.00 41.20 ? 269 GLU A OE2 1 
ATOM   258 N N   . ASP A 1 35  ? -2.793  -4.550  -19.448 1.00 23.75 ? 270 ASP A N   1 
ATOM   259 C CA  . ASP A 1 35  ? -3.618  -4.888  -18.294 1.00 27.44 ? 270 ASP A CA  1 
ATOM   260 C C   . ASP A 1 35  ? -3.307  -3.864  -17.225 1.00 24.72 ? 270 ASP A C   1 
ATOM   261 O O   . ASP A 1 35  ? -2.613  -4.154  -16.251 1.00 27.21 ? 270 ASP A O   1 
ATOM   262 C CB  . ASP A 1 35  ? -3.281  -6.284  -17.784 1.00 26.73 ? 270 ASP A CB  1 
ATOM   263 C CG  . ASP A 1 35  ? -3.700  -7.373  -18.750 1.00 31.24 ? 270 ASP A CG  1 
ATOM   264 O OD1 . ASP A 1 35  ? -4.916  -7.556  -18.948 1.00 34.67 ? 270 ASP A OD1 1 
ATOM   265 O OD2 . ASP A 1 35  ? -2.806  -8.043  -19.313 1.00 37.28 ? 270 ASP A OD2 1 
ATOM   266 N N   . PRO A 1 36  ? -3.822  -2.642  -17.397 1.00 25.19 ? 271 PRO A N   1 
ATOM   267 C CA  . PRO A 1 36  ? -3.610  -1.531  -16.469 1.00 23.05 ? 271 PRO A CA  1 
ATOM   268 C C   . PRO A 1 36  ? -4.394  -1.549  -15.160 1.00 21.85 ? 271 PRO A C   1 
ATOM   269 O O   . PRO A 1 36  ? -4.036  -0.851  -14.212 1.00 22.02 ? 271 PRO A O   1 
ATOM   270 C CB  . PRO A 1 36  ? -3.946  -0.323  -17.328 1.00 26.94 ? 271 PRO A CB  1 
ATOM   271 C CG  . PRO A 1 36  ? -5.092  -0.839  -18.148 1.00 26.40 ? 271 PRO A CG  1 
ATOM   272 C CD  . PRO A 1 36  ? -4.613  -2.209  -18.563 1.00 24.97 ? 271 PRO A CD  1 
ATOM   273 N N   . GLU A 1 37  ? -5.453  -2.344  -15.092 1.00 22.28 ? 272 GLU A N   1 
ATOM   274 C CA  . GLU A 1 37  ? -6.247  -2.375  -13.874 1.00 22.79 ? 272 GLU A CA  1 
ATOM   275 C C   . GLU A 1 37  ? -5.557  -3.075  -12.720 1.00 17.11 ? 272 GLU A C   1 
ATOM   276 O O   . GLU A 1 37  ? -4.991  -4.151  -12.877 1.00 20.49 ? 272 GLU A O   1 
ATOM   277 C CB  . GLU A 1 37  ? -7.601  -3.030  -14.125 1.00 27.08 ? 272 GLU A CB  1 
ATOM   278 C CG  . GLU A 1 37  ? -8.446  -3.140  -12.866 1.00 31.36 ? 272 GLU A CG  1 
ATOM   279 C CD  . GLU A 1 37  ? -9.912  -3.325  -13.174 1.00 35.32 ? 272 GLU A CD  1 
ATOM   280 O OE1 . GLU A 1 37  ? -10.229 -4.199  -14.008 1.00 36.03 ? 272 GLU A OE1 1 
ATOM   281 O OE2 . GLU A 1 37  ? -10.742 -2.599  -12.585 1.00 37.05 ? 272 GLU A OE2 1 
ATOM   282 N N   . VAL A 1 38  ? -5.612  -2.441  -11.556 1.00 19.51 ? 273 VAL A N   1 
ATOM   283 C CA  . VAL A 1 38  ? -5.014  -2.983  -10.349 1.00 18.80 ? 273 VAL A CA  1 
ATOM   284 C C   . VAL A 1 38  ? -6.038  -2.856  -9.242  1.00 18.10 ? 273 VAL A C   1 
ATOM   285 O O   . VAL A 1 38  ? -6.704  -1.822  -9.103  1.00 20.90 ? 273 VAL A O   1 
ATOM   286 C CB  . VAL A 1 38  ? -3.747  -2.203  -9.927  1.00 14.97 ? 273 VAL A CB  1 
ATOM   287 C CG1 . VAL A 1 38  ? -3.156  -2.817  -8.678  1.00 20.16 ? 273 VAL A CG1 1 
ATOM   288 C CG2 . VAL A 1 38  ? -2.738  -2.222  -11.026 1.00 18.14 ? 273 VAL A CG2 1 
ATOM   289 N N   . LYS A 1 39  ? -6.183  -3.917  -8.466  1.00 15.95 ? 274 LYS A N   1 
ATOM   290 C CA  . LYS A 1 39  ? -7.118  -3.894  -7.369  1.00 21.18 ? 274 LYS A CA  1 
ATOM   291 C C   . LYS A 1 39  ? -6.330  -4.013  -6.071  1.00 15.31 ? 274 LYS A C   1 
ATOM   292 O O   . LYS A 1 39  ? -5.417  -4.832  -5.969  1.00 16.62 ? 274 LYS A O   1 
ATOM   293 C CB  . LYS A 1 39  ? -8.109  -5.049  -7.512  1.00 25.07 ? 274 LYS A CB  1 
ATOM   294 C CG  . LYS A 1 39  ? -9.163  -5.091  -6.426  1.00 28.03 ? 274 LYS A CG  1 
ATOM   295 C CD  . LYS A 1 39  ? -10.194 -6.169  -6.708  1.00 30.33 ? 274 LYS A CD  1 
ATOM   296 C CE  . LYS A 1 39  ? -11.203 -6.278  -5.565  1.00 32.68 ? 274 LYS A CE  1 
ATOM   297 N NZ  . LYS A 1 39  ? -10.602 -6.905  -4.352  1.00 32.58 ? 274 LYS A NZ  1 
ATOM   298 N N   . PHE A 1 40  ? -6.661  -3.169  -5.102  1.00 16.68 ? 275 PHE A N   1 
ATOM   299 C CA  . PHE A 1 40  ? -5.994  -3.195  -3.809  1.00 18.47 ? 275 PHE A CA  1 
ATOM   300 C C   . PHE A 1 40  ? -6.965  -3.651  -2.733  1.00 18.65 ? 275 PHE A C   1 
ATOM   301 O O   . PHE A 1 40  ? -8.135  -3.270  -2.742  1.00 19.86 ? 275 PHE A O   1 
ATOM   302 C CB  . PHE A 1 40  ? -5.485  -1.805  -3.398  1.00 16.27 ? 275 PHE A CB  1 
ATOM   303 C CG  . PHE A 1 40  ? -4.397  -1.256  -4.275  1.00 15.53 ? 275 PHE A CG  1 
ATOM   304 C CD1 . PHE A 1 40  ? -4.700  -0.510  -5.405  1.00 18.13 ? 275 PHE A CD1 1 
ATOM   305 C CD2 . PHE A 1 40  ? -3.061  -1.469  -3.958  1.00 17.88 ? 275 PHE A CD2 1 
ATOM   306 C CE1 . PHE A 1 40  ? -3.692  0.011   -6.202  1.00 14.27 ? 275 PHE A CE1 1 
ATOM   307 C CE2 . PHE A 1 40  ? -2.044  -0.949  -4.754  1.00 14.49 ? 275 PHE A CE2 1 
ATOM   308 C CZ  . PHE A 1 40  ? -2.360  -0.209  -5.875  1.00 16.59 ? 275 PHE A CZ  1 
ATOM   309 N N   . ASN A 1 41  ? -6.472  -4.476  -1.817  1.00 18.07 ? 276 ASN A N   1 
ATOM   310 C CA  . ASN A 1 41  ? -7.254  -4.942  -0.679  1.00 15.91 ? 276 ASN A CA  1 
ATOM   311 C C   . ASN A 1 41  ? -6.347  -4.712  0.527   1.00 12.99 ? 276 ASN A C   1 
ATOM   312 O O   . ASN A 1 41  ? -5.210  -5.163  0.535   1.00 16.97 ? 276 ASN A O   1 
ATOM   313 C CB  . ASN A 1 41  ? -7.590  -6.429  -0.786  1.00 19.80 ? 276 ASN A CB  1 
ATOM   314 C CG  . ASN A 1 41  ? -8.622  -6.722  -1.859  1.00 21.39 ? 276 ASN A CG  1 
ATOM   315 O OD1 . ASN A 1 41  ? -8.281  -6.981  -3.001  1.00 23.71 ? 276 ASN A OD1 1 
ATOM   316 N ND2 . ASN A 1 41  ? -9.899  -6.673  -1.486  1.00 25.67 ? 276 ASN A ND2 1 
ATOM   317 N N   . TRP A 1 42  ? -6.836  -4.001  1.532   1.00 15.11 ? 277 TRP A N   1 
ATOM   318 C CA  . TRP A 1 42  ? -6.029  -3.721  2.722   1.00 13.56 ? 277 TRP A CA  1 
ATOM   319 C C   . TRP A 1 42  ? -6.593  -4.379  3.967   1.00 16.03 ? 277 TRP A C   1 
ATOM   320 O O   . TRP A 1 42  ? -7.805  -4.482  4.116   1.00 18.98 ? 277 TRP A O   1 
ATOM   321 C CB  . TRP A 1 42  ? -5.961  -2.220  2.996   1.00 15.44 ? 277 TRP A CB  1 
ATOM   322 C CG  . TRP A 1 42  ? -5.148  -1.396  2.035   1.00 15.68 ? 277 TRP A CG  1 
ATOM   323 C CD1 . TRP A 1 42  ? -5.564  -0.861  0.848   1.00 17.68 ? 277 TRP A CD1 1 
ATOM   324 C CD2 . TRP A 1 42  ? -3.814  -0.928  2.240   1.00 15.46 ? 277 TRP A CD2 1 
ATOM   325 N NE1 . TRP A 1 42  ? -4.571  -0.076  0.307   1.00 16.94 ? 277 TRP A NE1 1 
ATOM   326 C CE2 . TRP A 1 42  ? -3.485  -0.101  1.142   1.00 13.76 ? 277 TRP A CE2 1 
ATOM   327 C CE3 . TRP A 1 42  ? -2.863  -1.123  3.247   1.00 14.20 ? 277 TRP A CE3 1 
ATOM   328 C CZ2 . TRP A 1 42  ? -2.244  0.531   1.026   1.00 15.73 ? 277 TRP A CZ2 1 
ATOM   329 C CZ3 . TRP A 1 42  ? -1.627  -0.493  3.129   1.00 16.57 ? 277 TRP A CZ3 1 
ATOM   330 C CH2 . TRP A 1 42  ? -1.332  0.326   2.025   1.00 17.72 ? 277 TRP A CH2 1 
ATOM   331 N N   . TYR A 1 43  ? -5.709  -4.801  4.867   1.00 14.57 ? 278 TYR A N   1 
ATOM   332 C CA  . TYR A 1 43  ? -6.118  -5.429  6.120   1.00 15.27 ? 278 TYR A CA  1 
ATOM   333 C C   . TYR A 1 43  ? -5.289  -4.856  7.274   1.00 17.99 ? 278 TYR A C   1 
ATOM   334 O O   . TYR A 1 43  ? -4.127  -4.507  7.096   1.00 18.05 ? 278 TYR A O   1 
ATOM   335 C CB  . TYR A 1 43  ? -5.919  -6.952  6.057   1.00 16.58 ? 278 TYR A CB  1 
ATOM   336 C CG  . TYR A 1 43  ? -6.508  -7.612  4.832   1.00 18.05 ? 278 TYR A CG  1 
ATOM   337 C CD1 . TYR A 1 43  ? -5.816  -7.617  3.626   1.00 16.28 ? 278 TYR A CD1 1 
ATOM   338 C CD2 . TYR A 1 43  ? -7.766  -8.211  4.869   1.00 21.01 ? 278 TYR A CD2 1 
ATOM   339 C CE1 . TYR A 1 43  ? -6.350  -8.195  2.494   1.00 20.55 ? 278 TYR A CE1 1 
ATOM   340 C CE2 . TYR A 1 43  ? -8.316  -8.791  3.735   1.00 21.11 ? 278 TYR A CE2 1 
ATOM   341 C CZ  . TYR A 1 43  ? -7.599  -8.780  2.551   1.00 21.18 ? 278 TYR A CZ  1 
ATOM   342 O OH  . TYR A 1 43  ? -8.116  -9.358  1.413   1.00 25.34 ? 278 TYR A OH  1 
ATOM   343 N N   . VAL A 1 44  ? -5.901  -4.731  8.443   1.00 16.62 ? 279 VAL A N   1 
ATOM   344 C CA  . VAL A 1 44  ? -5.212  -4.226  9.624   1.00 16.96 ? 279 VAL A CA  1 
ATOM   345 C C   . VAL A 1 44  ? -5.364  -5.323  10.671  1.00 18.16 ? 279 VAL A C   1 
ATOM   346 O O   . VAL A 1 44  ? -6.460  -5.551  11.175  1.00 19.21 ? 279 VAL A O   1 
ATOM   347 C CB  . VAL A 1 44  ? -5.849  -2.927  10.128  1.00 19.01 ? 279 VAL A CB  1 
ATOM   348 C CG1 . VAL A 1 44  ? -5.103  -2.423  11.354  1.00 19.23 ? 279 VAL A CG1 1 
ATOM   349 C CG2 . VAL A 1 44  ? -5.824  -1.885  9.024   1.00 18.55 ? 279 VAL A CG2 1 
ATOM   350 N N   . ASP A 1 45  ? -4.261  -5.995  10.980  1.00 17.62 ? 280 ASP A N   1 
ATOM   351 C CA  . ASP A 1 45  ? -4.266  -7.111  11.917  1.00 19.37 ? 280 ASP A CA  1 
ATOM   352 C C   . ASP A 1 45  ? -5.249  -8.163  11.398  1.00 20.10 ? 280 ASP A C   1 
ATOM   353 O O   . ASP A 1 45  ? -5.963  -8.811  12.163  1.00 24.13 ? 280 ASP A O   1 
ATOM   354 C CB  . ASP A 1 45  ? -4.649  -6.653  13.327  1.00 21.53 ? 280 ASP A CB  1 
ATOM   355 C CG  . ASP A 1 45  ? -3.433  -6.397  14.210  1.00 22.14 ? 280 ASP A CG  1 
ATOM   356 O OD1 . ASP A 1 45  ? -2.287  -6.469  13.715  1.00 20.63 ? 280 ASP A OD1 1 
ATOM   357 O OD2 . ASP A 1 45  ? -3.623  -6.124  15.410  1.00 26.37 ? 280 ASP A OD2 1 
ATOM   358 N N   . GLY A 1 46  ? -5.286  -8.312  10.079  1.00 19.97 ? 281 GLY A N   1 
ATOM   359 C CA  . GLY A 1 46  ? -6.150  -9.301  9.468   1.00 22.51 ? 281 GLY A CA  1 
ATOM   360 C C   . GLY A 1 46  ? -7.546  -8.843  9.116   1.00 20.99 ? 281 GLY A C   1 
ATOM   361 O O   . GLY A 1 46  ? -8.241  -9.527  8.374   1.00 24.28 ? 281 GLY A O   1 
ATOM   362 N N   . VAL A 1 47  ? -7.963  -7.698  9.637   1.00 18.03 ? 282 VAL A N   1 
ATOM   363 C CA  . VAL A 1 47  ? -9.298  -7.194  9.345   1.00 20.36 ? 282 VAL A CA  1 
ATOM   364 C C   . VAL A 1 47  ? -9.289  -6.279  8.132   1.00 22.64 ? 282 VAL A C   1 
ATOM   365 O O   . VAL A 1 47  ? -8.659  -5.225  8.143   1.00 21.10 ? 282 VAL A O   1 
ATOM   366 C CB  . VAL A 1 47  ? -9.879  -6.431  10.552  1.00 21.22 ? 282 VAL A CB  1 
ATOM   367 C CG1 . VAL A 1 47  ? -11.227 -5.829  10.196  1.00 24.26 ? 282 VAL A CG1 1 
ATOM   368 C CG2 . VAL A 1 47  ? -10.022 -7.385  11.738  1.00 23.39 ? 282 VAL A CG2 1 
ATOM   369 N N   . GLU A 1 48  ? -10.000 -6.676  7.083   1.00 23.10 ? 283 GLU A N   1 
ATOM   370 C CA  . GLU A 1 48  ? -10.035 -5.844  5.890   1.00 23.67 ? 283 GLU A CA  1 
ATOM   371 C C   . GLU A 1 48  ? -10.660 -4.485  6.157   1.00 24.01 ? 283 GLU A C   1 
ATOM   372 O O   . GLU A 1 48  ? -11.691 -4.390  6.826   1.00 24.39 ? 283 GLU A O   1 
ATOM   373 C CB  . GLU A 1 48  ? -10.801 -6.532  4.757   1.00 20.36 ? 283 GLU A CB  1 
ATOM   374 C CG  . GLU A 1 48  ? -11.141 -5.581  3.630   1.00 23.04 ? 283 GLU A CG  1 
ATOM   375 C CD  . GLU A 1 48  ? -11.520 -6.287  2.358   1.00 25.89 ? 283 GLU A CD  1 
ATOM   376 O OE1 . GLU A 1 48  ? -12.206 -7.325  2.450   1.00 29.98 ? 283 GLU A OE1 1 
ATOM   377 O OE2 . GLU A 1 48  ? -11.143 -5.804  1.267   1.00 25.34 ? 283 GLU A OE2 1 
ATOM   378 N N   . VAL A 1 49  ? -10.023 -3.435  5.642   1.00 18.07 ? 284 VAL A N   1 
ATOM   379 C CA  . VAL A 1 49  ? -10.526 -2.072  5.783   1.00 21.18 ? 284 VAL A CA  1 
ATOM   380 C C   . VAL A 1 49  ? -10.756 -1.488  4.388   1.00 21.86 ? 284 VAL A C   1 
ATOM   381 O O   . VAL A 1 49  ? -10.192 -1.975  3.404   1.00 24.53 ? 284 VAL A O   1 
ATOM   382 C CB  . VAL A 1 49  ? -9.546  -1.181  6.586   1.00 19.59 ? 284 VAL A CB  1 
ATOM   383 C CG1 . VAL A 1 49  ? -9.432  -1.712  8.009   1.00 20.51 ? 284 VAL A CG1 1 
ATOM   384 C CG2 . VAL A 1 49  ? -8.180  -1.165  5.922   1.00 22.98 ? 284 VAL A CG2 1 
ATOM   385 N N   . HIS A 1 50  ? -11.576 -0.447  4.294   1.00 19.91 ? 285 HIS A N   1 
ATOM   386 C CA  . HIS A 1 50  ? -11.880 0.133   2.994   1.00 24.33 ? 285 HIS A CA  1 
ATOM   387 C C   . HIS A 1 50  ? -11.651 1.623   2.856   1.00 21.75 ? 285 HIS A C   1 
ATOM   388 O O   . HIS A 1 50  ? -12.228 2.246   1.971   1.00 23.49 ? 285 HIS A O   1 
ATOM   389 C CB  . HIS A 1 50  ? -13.330 -0.178  2.617   1.00 24.97 ? 285 HIS A CB  1 
ATOM   390 C CG  . HIS A 1 50  ? -13.666 -1.635  2.671   1.00 26.27 ? 285 HIS A CG  1 
ATOM   391 N ND1 . HIS A 1 50  ? -14.135 -2.246  3.813   1.00 30.51 ? 285 HIS A ND1 1 
ATOM   392 C CD2 . HIS A 1 50  ? -13.532 -2.615  1.748   1.00 26.49 ? 285 HIS A CD2 1 
ATOM   393 C CE1 . HIS A 1 50  ? -14.270 -3.541  3.592   1.00 23.22 ? 285 HIS A CE1 1 
ATOM   394 N NE2 . HIS A 1 50  ? -13.909 -3.791  2.346   1.00 28.17 ? 285 HIS A NE2 1 
ATOM   395 N N   . ASN A 1 51  ? -10.813 2.207   3.703   1.00 19.50 ? 286 ASN A N   1 
ATOM   396 C CA  . ASN A 1 51  ? -10.580 3.643   3.610   1.00 21.41 ? 286 ASN A CA  1 
ATOM   397 C C   . ASN A 1 51  ? -9.382  4.020   2.743   1.00 19.44 ? 286 ASN A C   1 
ATOM   398 O O   . ASN A 1 51  ? -9.018  5.187   2.662   1.00 22.40 ? 286 ASN A O   1 
ATOM   399 C CB  . ASN A 1 51  ? -10.423 4.254   5.008   1.00 22.64 ? 286 ASN A CB  1 
ATOM   400 C CG  . ASN A 1 51  ? -9.276  3.647   5.788   1.00 26.04 ? 286 ASN A CG  1 
ATOM   401 O OD1 . ASN A 1 51  ? -9.224  2.437   5.992   1.00 27.46 ? 286 ASN A OD1 1 
ATOM   402 N ND2 . ASN A 1 51  ? -8.352  4.490   6.236   1.00 26.13 ? 286 ASN A ND2 1 
ATOM   403 N N   . ALA A 1 52  ? -8.773  3.037   2.089   1.00 18.08 ? 287 ALA A N   1 
ATOM   404 C CA  . ALA A 1 52  ? -7.622  3.308   1.232   1.00 16.52 ? 287 ALA A CA  1 
ATOM   405 C C   . ALA A 1 52  ? -8.062  4.125   0.019   1.00 20.26 ? 287 ALA A C   1 
ATOM   406 O O   . ALA A 1 52  ? -9.198  3.994   -0.431  1.00 23.19 ? 287 ALA A O   1 
ATOM   407 C CB  . ALA A 1 52  ? -6.993  2.001   0.777   1.00 21.12 ? 287 ALA A CB  1 
ATOM   408 N N   . LYS A 1 53  ? -7.164  4.967   -0.492  1.00 19.93 ? 288 LYS A N   1 
ATOM   409 C CA  . LYS A 1 53  ? -7.439  5.798   -1.663  1.00 19.85 ? 288 LYS A CA  1 
ATOM   410 C C   . LYS A 1 53  ? -6.383  5.535   -2.738  1.00 19.65 ? 288 LYS A C   1 
ATOM   411 O O   . LYS A 1 53  ? -5.188  5.606   -2.469  1.00 17.92 ? 288 LYS A O   1 
ATOM   412 C CB  . LYS A 1 53  ? -7.408  7.280   -1.287  1.00 22.89 ? 288 LYS A CB  1 
ATOM   413 C CG  . LYS A 1 53  ? -8.460  7.704   -0.264  1.00 29.20 ? 288 LYS A CG  1 
ATOM   414 C CD  . LYS A 1 53  ? -9.874  7.644   -0.835  1.00 31.37 ? 288 LYS A CD  1 
ATOM   415 C CE  . LYS A 1 53  ? -10.894 8.263   0.130   1.00 32.25 ? 288 LYS A CE  1 
ATOM   416 N NZ  . LYS A 1 53  ? -10.852 7.682   1.523   1.00 34.70 ? 288 LYS A NZ  1 
ATOM   417 N N   . THR A 1 54  ? -6.819  5.248   -3.957  1.00 17.56 ? 289 THR A N   1 
ATOM   418 C CA  . THR A 1 54  ? -5.877  4.979   -5.041  1.00 21.29 ? 289 THR A CA  1 
ATOM   419 C C   . THR A 1 54  ? -5.505  6.232   -5.833  1.00 21.12 ? 289 THR A C   1 
ATOM   420 O O   . THR A 1 54  ? -6.362  7.071   -6.126  1.00 25.41 ? 289 THR A O   1 
ATOM   421 C CB  . THR A 1 54  ? -6.454  3.955   -6.024  1.00 22.03 ? 289 THR A CB  1 
ATOM   422 O OG1 . THR A 1 54  ? -6.868  2.791   -5.306  1.00 25.46 ? 289 THR A OG1 1 
ATOM   423 C CG2 . THR A 1 54  ? -5.413  3.568   -7.063  1.00 22.74 ? 289 THR A CG2 1 
ATOM   424 N N   . LYS A 1 55  ? -4.229  6.357   -6.178  1.00 14.15 ? 290 LYS A N   1 
ATOM   425 C CA  . LYS A 1 55  ? -3.766  7.499   -6.953  1.00 18.76 ? 290 LYS A CA  1 
ATOM   426 C C   . LYS A 1 55  ? -3.878  7.134   -8.428  1.00 17.33 ? 290 LYS A C   1 
ATOM   427 O O   . LYS A 1 55  ? -3.805  5.962   -8.788  1.00 19.39 ? 290 LYS A O   1 
ATOM   428 C CB  . LYS A 1 55  ? -2.301  7.833   -6.641  1.00 25.80 ? 290 LYS A CB  1 
ATOM   429 C CG  . LYS A 1 55  ? -1.997  8.347   -5.230  1.00 30.95 ? 290 LYS A CG  1 
ATOM   430 C CD  . LYS A 1 55  ? -0.569  8.900   -5.220  1.00 35.23 ? 290 LYS A CD  1 
ATOM   431 C CE  . LYS A 1 55  ? -0.036  9.212   -3.831  1.00 33.60 ? 290 LYS A CE  1 
ATOM   432 N NZ  . LYS A 1 55  ? 1.414   9.595   -3.897  1.00 35.75 ? 290 LYS A NZ  1 
ATOM   433 N N   . PRO A 1 56  ? -4.067  8.133   -9.303  1.00 18.80 ? 291 PRO A N   1 
ATOM   434 C CA  . PRO A 1 56  ? -4.182  7.875   -10.739 1.00 19.49 ? 291 PRO A CA  1 
ATOM   435 C C   . PRO A 1 56  ? -2.888  7.251   -11.257 1.00 20.55 ? 291 PRO A C   1 
ATOM   436 O O   . PRO A 1 56  ? -1.801  7.641   -10.828 1.00 17.98 ? 291 PRO A O   1 
ATOM   437 C CB  . PRO A 1 56  ? -4.405  9.268   -11.319 1.00 18.15 ? 291 PRO A CB  1 
ATOM   438 C CG  . PRO A 1 56  ? -5.089  9.986   -10.223 1.00 21.49 ? 291 PRO A CG  1 
ATOM   439 C CD  . PRO A 1 56  ? -4.325  9.550   -9.006  1.00 16.36 ? 291 PRO A CD  1 
ATOM   440 N N   . ARG A 1 57  ? -3.006  6.296   -12.175 1.00 19.24 ? 292 ARG A N   1 
ATOM   441 C CA  . ARG A 1 57  ? -1.840  5.626   -12.744 1.00 19.44 ? 292 ARG A CA  1 
ATOM   442 C C   . ARG A 1 57  ? -0.858  6.660   -13.281 1.00 21.06 ? 292 ARG A C   1 
ATOM   443 O O   . ARG A 1 57  ? -1.267  7.717   -13.770 1.00 20.82 ? 292 ARG A O   1 
ATOM   444 C CB  . ARG A 1 57  ? -2.267  4.700   -13.887 1.00 18.99 ? 292 ARG A CB  1 
ATOM   445 C CG  . ARG A 1 57  ? -2.806  5.450   -15.092 1.00 20.37 ? 292 ARG A CG  1 
ATOM   446 C CD  . ARG A 1 57  ? -3.287  4.519   -16.200 1.00 22.99 ? 292 ARG A CD  1 
ATOM   447 N NE  . ARG A 1 57  ? -4.332  3.614   -15.742 1.00 26.67 ? 292 ARG A NE  1 
ATOM   448 C CZ  . ARG A 1 57  ? -5.355  3.211   -16.491 1.00 21.40 ? 292 ARG A CZ  1 
ATOM   449 N NH1 . ARG A 1 57  ? -5.483  3.637   -17.743 1.00 21.60 ? 292 ARG A NH1 1 
ATOM   450 N NH2 . ARG A 1 57  ? -6.246  2.379   -15.985 1.00 22.39 ? 292 ARG A NH2 1 
ATOM   451 N N   . GLU A 1 58  ? 0.432   6.354   -13.189 1.00 19.08 ? 293 GLU A N   1 
ATOM   452 C CA  . GLU A 1 58  ? 1.457   7.265   -13.688 1.00 22.93 ? 293 GLU A CA  1 
ATOM   453 C C   . GLU A 1 58  ? 2.366   6.548   -14.679 1.00 19.73 ? 293 GLU A C   1 
ATOM   454 O O   . GLU A 1 58  ? 2.964   5.517   -14.365 1.00 20.85 ? 293 GLU A O   1 
ATOM   455 C CB  . GLU A 1 58  ? 2.282   7.837   -12.532 1.00 28.66 ? 293 GLU A CB  1 
ATOM   456 C CG  . GLU A 1 58  ? 3.319   8.866   -12.975 1.00 37.10 ? 293 GLU A CG  1 
ATOM   457 C CD  . GLU A 1 58  ? 3.918   9.626   -11.819 1.00 40.36 ? 293 GLU A CD  1 
ATOM   458 O OE1 . GLU A 1 58  ? 4.458   8.972   -10.903 1.00 40.95 ? 293 GLU A OE1 1 
ATOM   459 O OE2 . GLU A 1 58  ? 3.850   10.879  -11.827 1.00 41.84 ? 293 GLU A OE2 1 
ATOM   460 N N   . GLU A 1 59  ? 2.446   7.092   -15.889 1.00 20.53 ? 294 GLU A N   1 
ATOM   461 C CA  . GLU A 1 59  ? 3.285   6.521   -16.927 1.00 22.59 ? 294 GLU A CA  1 
ATOM   462 C C   . GLU A 1 59  ? 4.739   6.602   -16.482 1.00 24.43 ? 294 GLU A C   1 
ATOM   463 O O   . GLU A 1 59  ? 5.162   7.605   -15.902 1.00 25.79 ? 294 GLU A O   1 
ATOM   464 C CB  . GLU A 1 59  ? 3.092   7.296   -18.237 1.00 29.62 ? 294 GLU A CB  1 
ATOM   465 C CG  . GLU A 1 59  ? 3.758   6.667   -19.459 1.00 33.68 ? 294 GLU A CG  1 
ATOM   466 C CD  . GLU A 1 59  ? 3.432   5.194   -19.598 1.00 34.82 ? 294 GLU A CD  1 
ATOM   467 O OE1 . GLU A 1 59  ? 2.289   4.807   -19.285 1.00 36.29 ? 294 GLU A OE1 1 
ATOM   468 O OE2 . GLU A 1 59  ? 4.314   4.424   -20.030 1.00 40.09 ? 294 GLU A OE2 1 
ATOM   469 N N   . GLN A 1 60  ? 5.497   5.540   -16.733 1.00 20.87 ? 295 GLN A N   1 
ATOM   470 C CA  . GLN A 1 60  ? 6.901   5.511   -16.359 1.00 24.89 ? 295 GLN A CA  1 
ATOM   471 C C   . GLN A 1 60  ? 7.797   5.493   -17.591 1.00 25.32 ? 295 GLN A C   1 
ATOM   472 O O   . GLN A 1 60  ? 7.334   5.268   -18.707 1.00 23.51 ? 295 GLN A O   1 
ATOM   473 C CB  . GLN A 1 60  ? 7.180   4.326   -15.448 1.00 29.85 ? 295 GLN A CB  1 
ATOM   474 C CG  . GLN A 1 60  ? 6.372   4.321   -14.173 1.00 27.68 ? 295 GLN A CG  1 
ATOM   475 C CD  . GLN A 1 60  ? 6.696   5.512   -13.273 1.00 31.45 ? 295 GLN A CD  1 
ATOM   476 O OE1 . GLN A 1 60  ? 7.858   5.805   -13.012 1.00 35.86 ? 295 GLN A OE1 1 
ATOM   477 N NE2 . GLN A 1 60  ? 5.809   6.335   -12.710 1.00 32.49 ? 295 GLN A NE2 1 
ATOM   478 N N   . TYR A 1 61  ? 9.111   5.767   -17.406 1.00 26.64 ? 296 TYR A N   1 
ATOM   479 C CA  . TYR A 1 61  ? 10.077  5.795   -18.500 1.00 28.13 ? 296 TYR A CA  1 
ATOM   480 C C   . TYR A 1 61  ? 10.120  4.510   -19.328 1.00 30.74 ? 296 TYR A C   1 
ATOM   481 O O   . TYR A 1 61  ? 10.416  4.536   -20.529 1.00 32.44 ? 296 TYR A O   1 
ATOM   482 C CB  . TYR A 1 61  ? 11.469  6.100   -17.926 1.00 32.12 ? 296 TYR A CB  1 
ATOM   483 C CG  . TYR A 1 61  ? 12.616  5.786   -18.860 1.00 36.25 ? 296 TYR A CG  1 
ATOM   484 C CD1 . TYR A 1 61  ? 13.018  6.695   -19.844 1.00 37.58 ? 296 TYR A CD1 1 
ATOM   485 C CD2 . TYR A 1 61  ? 13.272  4.557   -18.792 1.00 35.23 ? 296 TYR A CD2 1 
ATOM   486 C CE1 . TYR A 1 61  ? 14.042  6.382   -20.737 1.00 34.80 ? 296 TYR A CE1 1 
ATOM   487 C CE2 . TYR A 1 61  ? 14.291  4.232   -19.681 1.00 35.01 ? 296 TYR A CE2 1 
ATOM   488 C CZ  . TYR A 1 61  ? 14.668  5.150   -20.653 1.00 35.77 ? 296 TYR A CZ  1 
ATOM   489 O OH  . TYR A 1 61  ? 15.646  4.819   -21.560 1.00 37.82 ? 296 TYR A OH  1 
ATOM   490 N N   . ASN A 1 62  ? 9.801   3.374   -18.687 1.00 30.09 ? 297 ASN A N   1 
ATOM   491 C CA  . ASN A 1 62  ? 9.848   2.100   -19.395 1.00 27.77 ? 297 ASN A CA  1 
ATOM   492 C C   . ASN A 1 62  ? 8.528   1.682   -20.045 1.00 27.71 ? 297 ASN A C   1 
ATOM   493 O O   . ASN A 1 62  ? 8.364   0.529   -20.421 1.00 28.24 ? 297 ASN A O   1 
ATOM   494 C CB  . ASN A 1 62  ? 10.322  1.011   -18.429 1.00 26.77 ? 297 ASN A CB  1 
ATOM   495 C CG  . ASN A 1 62  ? 9.358   0.790   -17.280 1.00 29.34 ? 297 ASN A CG  1 
ATOM   496 O OD1 . ASN A 1 62  ? 8.637   1.702   -16.864 1.00 26.91 ? 297 ASN A OD1 1 
ATOM   497 N ND2 . ASN A 1 62  ? 9.351   -0.425  -16.745 1.00 31.04 ? 297 ASN A ND2 1 
ATOM   498 N N   . SER A 1 63  ? 7.603   2.625   -20.180 1.00 24.58 ? 298 SER A N   1 
ATOM   499 C CA  . SER A 1 63  ? 6.303   2.403   -20.801 1.00 25.32 ? 298 SER A CA  1 
ATOM   500 C C   . SER A 1 63  ? 5.385   1.455   -20.014 1.00 25.68 ? 298 SER A C   1 
ATOM   501 O O   . SER A 1 63  ? 4.654   0.648   -20.602 1.00 26.86 ? 298 SER A O   1 
ATOM   502 C CB  . SER A 1 63  ? 6.506   1.882   -22.234 1.00 25.12 ? 298 SER A CB  1 
ATOM   503 O OG  . SER A 1 63  ? 7.182   2.850   -23.026 1.00 36.21 ? 298 SER A OG  1 
ATOM   504 N N   . THR A 1 64  ? 5.412   1.557   -18.687 1.00 27.34 ? 299 THR A N   1 
ATOM   505 C CA  . THR A 1 64  ? 4.540   0.779   -17.819 1.00 24.96 ? 299 THR A CA  1 
ATOM   506 C C   . THR A 1 64  ? 3.935   1.774   -16.885 1.00 23.23 ? 299 THR A C   1 
ATOM   507 O O   . THR A 1 64  ? 4.255   2.968   -16.956 1.00 23.58 ? 299 THR A O   1 
ATOM   508 C CB  . THR A 1 64  ? 5.278   -0.298  -16.999 1.00 25.05 ? 299 THR A CB  1 
ATOM   509 O OG1 . THR A 1 64  ? 6.238   0.338   -16.146 1.00 26.11 ? 299 THR A OG1 1 
ATOM   510 C CG2 . THR A 1 64  ? 5.965   -1.300  -17.916 1.00 25.78 ? 299 THR A CG2 1 
ATOM   511 N N   . TYR A 1 65  ? 3.046   1.330   -16.003 1.00 22.93 ? 300 TYR A N   1 
ATOM   512 C CA  . TYR A 1 65  ? 2.419   2.245   -15.061 1.00 21.74 ? 300 TYR A CA  1 
ATOM   513 C C   . TYR A 1 65  ? 2.858   1.972   -13.645 1.00 16.34 ? 300 TYR A C   1 
ATOM   514 O O   . TYR A 1 65  ? 3.246   0.860   -13.304 1.00 18.71 ? 300 TYR A O   1 
ATOM   515 C CB  . TYR A 1 65  ? 0.897   2.113   -15.095 1.00 21.96 ? 300 TYR A CB  1 
ATOM   516 C CG  . TYR A 1 65  ? 0.229   2.585   -16.362 1.00 20.83 ? 300 TYR A CG  1 
ATOM   517 C CD1 . TYR A 1 65  ? 0.363   3.897   -16.793 1.00 25.71 ? 300 TYR A CD1 1 
ATOM   518 C CD2 . TYR A 1 65  ? -0.579  1.723   -17.104 1.00 29.09 ? 300 TYR A CD2 1 
ATOM   519 C CE1 . TYR A 1 65  ? -0.293  4.343   -17.935 1.00 24.85 ? 300 TYR A CE1 1 
ATOM   520 C CE2 . TYR A 1 65  ? -1.241  2.161   -18.244 1.00 27.35 ? 300 TYR A CE2 1 
ATOM   521 C CZ  . TYR A 1 65  ? -1.091  3.473   -18.650 1.00 24.55 ? 300 TYR A CZ  1 
ATOM   522 O OH  . TYR A 1 65  ? -1.748  3.925   -19.769 1.00 30.51 ? 300 TYR A OH  1 
ATOM   523 N N   . ARG A 1 66  ? 2.786   3.016   -12.830 1.00 17.64 ? 301 ARG A N   1 
ATOM   524 C CA  . ARG A 1 66  ? 3.081   2.969   -11.403 1.00 17.33 ? 301 ARG A CA  1 
ATOM   525 C C   . ARG A 1 66  ? 1.760   3.330   -10.750 1.00 18.67 ? 301 ARG A C   1 
ATOM   526 O O   . ARG A 1 66  ? 1.228   4.397   -11.022 1.00 18.40 ? 301 ARG A O   1 
ATOM   527 C CB  . ARG A 1 66  ? 4.162   3.967   -10.997 1.00 18.40 ? 301 ARG A CB  1 
ATOM   528 C CG  . ARG A 1 66  ? 4.716   3.831   -9.583  1.00 16.91 ? 301 ARG A CG  1 
ATOM   529 C CD  . ARG A 1 66  ? 5.964   4.687   -9.437  1.00 18.09 ? 301 ARG A CD  1 
ATOM   530 N NE  . ARG A 1 66  ? 6.537   4.664   -8.089  1.00 21.98 ? 301 ARG A NE  1 
ATOM   531 C CZ  . ARG A 1 66  ? 6.123   5.419   -7.077  1.00 21.76 ? 301 ARG A CZ  1 
ATOM   532 N NH1 . ARG A 1 66  ? 5.118   6.271   -7.236  1.00 21.86 ? 301 ARG A NH1 1 
ATOM   533 N NH2 . ARG A 1 66  ? 6.726   5.331   -5.898  1.00 20.92 ? 301 ARG A NH2 1 
ATOM   534 N N   . VAL A 1 67  ? 1.245   2.464   -9.919  1.00 14.68 ? 302 VAL A N   1 
ATOM   535 C CA  . VAL A 1 67  ? -0.030  2.723   -9.272  1.00 17.27 ? 302 VAL A CA  1 
ATOM   536 C C   . VAL A 1 67  ? 0.176   2.665   -7.776  1.00 13.96 ? 302 VAL A C   1 
ATOM   537 O O   . VAL A 1 67  ? 0.716   1.693   -7.257  1.00 14.63 ? 302 VAL A O   1 
ATOM   538 C CB  . VAL A 1 67  ? -1.089  1.681   -9.674  1.00 16.15 ? 302 VAL A CB  1 
ATOM   539 C CG1 . VAL A 1 67  ? -2.402  1.930   -8.956  1.00 17.19 ? 302 VAL A CG1 1 
ATOM   540 C CG2 . VAL A 1 67  ? -1.281  1.699   -11.186 1.00 17.24 ? 302 VAL A CG2 1 
ATOM   541 N N   . VAL A 1 68  ? -0.268  3.707   -7.091  1.00 13.34 ? 303 VAL A N   1 
ATOM   542 C CA  . VAL A 1 68  ? -0.103  3.808   -5.650  1.00 14.63 ? 303 VAL A CA  1 
ATOM   543 C C   . VAL A 1 68  ? -1.425  3.872   -4.895  1.00 14.50 ? 303 VAL A C   1 
ATOM   544 O O   . VAL A 1 68  ? -2.366  4.511   -5.346  1.00 16.69 ? 303 VAL A O   1 
ATOM   545 C CB  . VAL A 1 68  ? 0.699   5.078   -5.304  1.00 20.00 ? 303 VAL A CB  1 
ATOM   546 C CG1 . VAL A 1 68  ? 0.896   5.220   -3.801  1.00 13.46 ? 303 VAL A CG1 1 
ATOM   547 C CG2 . VAL A 1 68  ? 2.040   5.052   -6.009  1.00 17.24 ? 303 VAL A CG2 1 
ATOM   548 N N   . SER A 1 69  ? -1.492  3.197   -3.749  1.00 13.91 ? 304 SER A N   1 
ATOM   549 C CA  . SER A 1 69  ? -2.688  3.230   -2.909  1.00 14.12 ? 304 SER A CA  1 
ATOM   550 C C   . SER A 1 69  ? -2.227  3.699   -1.531  1.00 14.45 ? 304 SER A C   1 
ATOM   551 O O   . SER A 1 69  ? -1.244  3.195   -1.009  1.00 15.40 ? 304 SER A O   1 
ATOM   552 C CB  . SER A 1 69  ? -3.332  1.848   -2.810  1.00 15.13 ? 304 SER A CB  1 
ATOM   553 O OG  . SER A 1 69  ? -4.438  1.866   -1.925  1.00 16.10 ? 304 SER A OG  1 
ATOM   554 N N   . VAL A 1 70  ? -2.927  4.671   -0.954  1.00 15.65 ? 305 VAL A N   1 
ATOM   555 C CA  . VAL A 1 70  ? -2.550  5.220   0.350   1.00 14.97 ? 305 VAL A CA  1 
ATOM   556 C C   . VAL A 1 70  ? -3.606  4.954   1.425   1.00 15.39 ? 305 VAL A C   1 
ATOM   557 O O   . VAL A 1 70  ? -4.784  5.224   1.230   1.00 16.59 ? 305 VAL A O   1 
ATOM   558 C CB  . VAL A 1 70  ? -2.299  6.749   0.249   1.00 18.30 ? 305 VAL A CB  1 
ATOM   559 C CG1 . VAL A 1 70  ? -1.909  7.319   1.605   1.00 21.29 ? 305 VAL A CG1 1 
ATOM   560 C CG2 . VAL A 1 70  ? -1.196  7.024   -0.774  1.00 20.95 ? 305 VAL A CG2 1 
ATOM   561 N N   . LEU A 1 71  ? -3.164  4.435   2.566   1.00 13.04 ? 306 LEU A N   1 
ATOM   562 C CA  . LEU A 1 71  ? -4.067  4.117   3.664   1.00 12.47 ? 306 LEU A CA  1 
ATOM   563 C C   . LEU A 1 71  ? -3.761  4.904   4.920   1.00 14.94 ? 306 LEU A C   1 
ATOM   564 O O   . LEU A 1 71  ? -2.699  4.738   5.516   1.00 15.68 ? 306 LEU A O   1 
ATOM   565 C CB  . LEU A 1 71  ? -3.962  2.632   4.016   1.00 13.15 ? 306 LEU A CB  1 
ATOM   566 C CG  . LEU A 1 71  ? -4.832  2.139   5.177   1.00 14.86 ? 306 LEU A CG  1 
ATOM   567 C CD1 . LEU A 1 71  ? -6.254  1.963   4.695   1.00 17.76 ? 306 LEU A CD1 1 
ATOM   568 C CD2 . LEU A 1 71  ? -4.305  0.816   5.703   1.00 13.06 ? 306 LEU A CD2 1 
ATOM   569 N N   A THR A 1 72  ? -4.698  5.754   5.330   0.50 15.11 ? 307 THR A N   1 
ATOM   570 N N   B THR A 1 72  ? -4.679  5.775   5.321   0.50 15.26 ? 307 THR A N   1 
ATOM   571 C CA  A THR A 1 72  ? -4.531  6.538   6.544   0.50 13.75 ? 307 THR A CA  1 
ATOM   572 C CA  B THR A 1 72  ? -4.470  6.543   6.535   0.50 14.87 ? 307 THR A CA  1 
ATOM   573 C C   A THR A 1 72  ? -4.603  5.571   7.712   0.50 14.09 ? 307 THR A C   1 
ATOM   574 C C   B THR A 1 72  ? -4.590  5.580   7.700   0.50 14.33 ? 307 THR A C   1 
ATOM   575 O O   A THR A 1 72  ? -5.421  4.653   7.709   0.50 13.26 ? 307 THR A O   1 
ATOM   576 O O   B THR A 1 72  ? -5.424  4.674   7.686   0.50 13.44 ? 307 THR A O   1 
ATOM   577 C CB  A THR A 1 72  ? -5.665  7.561   6.720   0.50 19.24 ? 307 THR A CB  1 
ATOM   578 C CB  B THR A 1 72  ? -5.512  7.653   6.690   0.50 21.80 ? 307 THR A CB  1 
ATOM   579 O OG1 A THR A 1 72  ? -5.791  8.346   5.530   0.50 16.03 ? 307 THR A OG1 1 
ATOM   580 O OG1 B THR A 1 72  ? -6.813  7.135   6.392   0.50 22.06 ? 307 THR A OG1 1 
ATOM   581 C CG2 A THR A 1 72  ? -5.373  8.476   7.900   0.50 16.12 ? 307 THR A CG2 1 
ATOM   582 C CG2 B THR A 1 72  ? -5.191  8.800   5.759   0.50 21.97 ? 307 THR A CG2 1 
ATOM   583 N N   . VAL A 1 73  ? -3.751  5.766   8.711   1.00 14.97 ? 308 VAL A N   1 
ATOM   584 C CA  . VAL A 1 73  ? -3.774  4.888   9.866   1.00 15.72 ? 308 VAL A CA  1 
ATOM   585 C C   . VAL A 1 73  ? -3.986  5.646   11.168  1.00 16.42 ? 308 VAL A C   1 
ATOM   586 O O   . VAL A 1 73  ? -3.739  6.841   11.252  1.00 16.59 ? 308 VAL A O   1 
ATOM   587 C CB  . VAL A 1 73  ? -2.457  4.060   9.984   1.00 13.71 ? 308 VAL A CB  1 
ATOM   588 C CG1 . VAL A 1 73  ? -2.193  3.322   8.686   1.00 18.78 ? 308 VAL A CG1 1 
ATOM   589 C CG2 . VAL A 1 73  ? -1.285  4.963   10.321  1.00 15.89 ? 308 VAL A CG2 1 
ATOM   590 N N   A LEU A 1 74  ? -4.460  4.937   12.185  0.50 16.26 ? 309 LEU A N   1 
ATOM   591 N N   B LEU A 1 74  ? -4.469  4.936   12.180  0.50 16.20 ? 309 LEU A N   1 
ATOM   592 C CA  A LEU A 1 74  ? -4.691  5.538   13.490  0.50 17.41 ? 309 LEU A CA  1 
ATOM   593 C CA  B LEU A 1 74  ? -4.669  5.542   13.490  0.50 17.54 ? 309 LEU A CA  1 
ATOM   594 C C   A LEU A 1 74  ? -3.331  5.572   14.195  0.50 17.69 ? 309 LEU A C   1 
ATOM   595 C C   B LEU A 1 74  ? -3.306  5.580   14.166  0.50 17.87 ? 309 LEU A C   1 
ATOM   596 O O   A LEU A 1 74  ? -2.687  4.536   14.344  0.50 17.84 ? 309 LEU A O   1 
ATOM   597 O O   B LEU A 1 74  ? -2.635  4.555   14.272  0.50 17.47 ? 309 LEU A O   1 
ATOM   598 C CB  A LEU A 1 74  ? -5.688  4.680   14.276  0.50 19.75 ? 309 LEU A CB  1 
ATOM   599 C CB  B LEU A 1 74  ? -5.612  4.700   14.354  0.50 20.54 ? 309 LEU A CB  1 
ATOM   600 C CG  A LEU A 1 74  ? -6.440  5.233   15.489  0.50 18.93 ? 309 LEU A CG  1 
ATOM   601 C CG  B LEU A 1 74  ? -7.127  4.733   14.168  0.50 20.02 ? 309 LEU A CG  1 
ATOM   602 C CD1 A LEU A 1 74  ? -7.440  6.294   15.053  0.50 20.55 ? 309 LEU A CD1 1 
ATOM   603 C CD1 B LEU A 1 74  ? -7.755  3.840   15.234  0.50 20.13 ? 309 LEU A CD1 1 
ATOM   604 C CD2 A LEU A 1 74  ? -7.161  4.093   16.190  0.50 17.76 ? 309 LEU A CD2 1 
ATOM   605 C CD2 B LEU A 1 74  ? -7.658  6.155   14.315  0.50 21.00 ? 309 LEU A CD2 1 
ATOM   606 N N   . HIS A 1 75  ? -2.892  6.761   14.613  1.00 18.09 ? 310 HIS A N   1 
ATOM   607 C CA  . HIS A 1 75  ? -1.603  6.912   15.289  1.00 17.69 ? 310 HIS A CA  1 
ATOM   608 C C   . HIS A 1 75  ? -1.354  5.777   16.273  1.00 18.13 ? 310 HIS A C   1 
ATOM   609 O O   . HIS A 1 75  ? -0.305  5.137   16.256  1.00 19.91 ? 310 HIS A O   1 
ATOM   610 C CB  . HIS A 1 75  ? -1.576  8.232   16.048  1.00 22.35 ? 310 HIS A CB  1 
ATOM   611 C CG  . HIS A 1 75  ? -1.865  9.418   15.185  1.00 21.40 ? 310 HIS A CG  1 
ATOM   612 N ND1 . HIS A 1 75  ? -3.132  9.717   14.734  1.00 18.54 ? 310 HIS A ND1 1 
ATOM   613 C CD2 . HIS A 1 75  ? -1.062  10.408  14.731  1.00 19.05 ? 310 HIS A CD2 1 
ATOM   614 C CE1 . HIS A 1 75  ? -3.097  10.837  14.039  1.00 21.00 ? 310 HIS A CE1 1 
ATOM   615 N NE2 . HIS A 1 75  ? -1.853  11.278  14.021  1.00 15.98 ? 310 HIS A NE2 1 
ATOM   616 N N   . GLN A 1 76  ? -2.348  5.550   17.124  1.00 19.39 ? 311 GLN A N   1 
ATOM   617 C CA  . GLN A 1 76  ? -2.317  4.530   18.165  1.00 25.21 ? 311 GLN A CA  1 
ATOM   618 C C   . GLN A 1 76  ? -2.081  3.141   17.568  1.00 22.03 ? 311 GLN A C   1 
ATOM   619 O O   . GLN A 1 76  ? -1.219  2.389   18.030  1.00 22.05 ? 311 GLN A O   1 
ATOM   620 C CB  . GLN A 1 76  ? -3.647  4.565   18.939  1.00 29.70 ? 311 GLN A CB  1 
ATOM   621 C CG  . GLN A 1 76  ? -4.144  5.986   19.345  1.00 36.71 ? 311 GLN A CG  1 
ATOM   622 C CD  . GLN A 1 76  ? -4.604  6.865   18.165  1.00 31.26 ? 311 GLN A CD  1 
ATOM   623 O OE1 . GLN A 1 76  ? -4.544  6.456   17.001  1.00 42.18 ? 311 GLN A OE1 1 
ATOM   624 N NE2 . GLN A 1 76  ? -5.054  8.068   18.462  1.00 38.69 ? 311 GLN A NE2 1 
ATOM   625 N N   . ASP A 1 77  ? -2.852  2.809   16.541  1.00 20.53 ? 312 ASP A N   1 
ATOM   626 C CA  . ASP A 1 77  ? -2.742  1.519   15.866  1.00 20.29 ? 312 ASP A CA  1 
ATOM   627 C C   . ASP A 1 77  ? -1.322  1.224   15.408  1.00 19.97 ? 312 ASP A C   1 
ATOM   628 O O   . ASP A 1 77  ? -0.810  0.124   15.618  1.00 17.60 ? 312 ASP A O   1 
ATOM   629 C CB  . ASP A 1 77  ? -3.682  1.478   14.657  1.00 16.96 ? 312 ASP A CB  1 
ATOM   630 C CG  . ASP A 1 77  ? -5.103  1.082   15.024  1.00 22.72 ? 312 ASP A CG  1 
ATOM   631 O OD1 . ASP A 1 77  ? -5.409  0.944   16.228  1.00 24.58 ? 312 ASP A OD1 1 
ATOM   632 O OD2 . ASP A 1 77  ? -5.922  0.903   14.096  1.00 21.15 ? 312 ASP A OD2 1 
ATOM   633 N N   . TRP A 1 78  ? -0.686  2.203   14.775  1.00 16.91 ? 313 TRP A N   1 
ATOM   634 C CA  . TRP A 1 78  ? 0.675   2.015   14.294  1.00 16.40 ? 313 TRP A CA  1 
ATOM   635 C C   . TRP A 1 78  ? 1.672   1.885   15.445  1.00 15.61 ? 313 TRP A C   1 
ATOM   636 O O   . TRP A 1 78  ? 2.489   0.973   15.459  1.00 17.33 ? 313 TRP A O   1 
ATOM   637 C CB  . TRP A 1 78  ? 1.084   3.174   13.382  1.00 15.51 ? 313 TRP A CB  1 
ATOM   638 C CG  . TRP A 1 78  ? 2.504   3.067   12.908  1.00 11.95 ? 313 TRP A CG  1 
ATOM   639 C CD1 . TRP A 1 78  ? 3.608   3.654   13.469  1.00 12.96 ? 313 TRP A CD1 1 
ATOM   640 C CD2 . TRP A 1 78  ? 2.986   2.256   11.831  1.00 16.32 ? 313 TRP A CD2 1 
ATOM   641 N NE1 . TRP A 1 78  ? 4.745   3.251   12.808  1.00 15.94 ? 313 TRP A NE1 1 
ATOM   642 C CE2 . TRP A 1 78  ? 4.393   2.393   11.799  1.00 15.03 ? 313 TRP A CE2 1 
ATOM   643 C CE3 . TRP A 1 78  ? 2.369   1.424   10.890  1.00 13.94 ? 313 TRP A CE3 1 
ATOM   644 C CZ2 . TRP A 1 78  ? 5.190   1.727   10.862  1.00 14.54 ? 313 TRP A CZ2 1 
ATOM   645 C CZ3 . TRP A 1 78  ? 3.160   0.762   9.959   1.00 17.46 ? 313 TRP A CZ3 1 
ATOM   646 C CH2 . TRP A 1 78  ? 4.558   0.918   9.953   1.00 14.42 ? 313 TRP A CH2 1 
ATOM   647 N N   . LEU A 1 79  ? 1.600   2.802   16.404  1.00 16.15 ? 314 LEU A N   1 
ATOM   648 C CA  . LEU A 1 79  ? 2.511   2.781   17.543  1.00 15.98 ? 314 LEU A CA  1 
ATOM   649 C C   . LEU A 1 79  ? 2.377   1.503   18.373  1.00 17.29 ? 314 LEU A C   1 
ATOM   650 O O   . LEU A 1 79  ? 3.344   1.046   18.989  1.00 22.37 ? 314 LEU A O   1 
ATOM   651 C CB  . LEU A 1 79  ? 2.268   3.999   18.431  1.00 21.09 ? 314 LEU A CB  1 
ATOM   652 C CG  . LEU A 1 79  ? 2.554   5.360   17.790  1.00 19.64 ? 314 LEU A CG  1 
ATOM   653 C CD1 . LEU A 1 79  ? 2.010   6.464   18.682  1.00 19.77 ? 314 LEU A CD1 1 
ATOM   654 C CD2 . LEU A 1 79  ? 4.048   5.536   17.564  1.00 20.86 ? 314 LEU A CD2 1 
ATOM   655 N N   . ASN A 1 80  ? 1.175   0.942   18.399  1.00 19.89 ? 315 ASN A N   1 
ATOM   656 C CA  . ASN A 1 80  ? 0.917   -0.286  19.147  1.00 22.42 ? 315 ASN A CA  1 
ATOM   657 C C   . ASN A 1 80  ? 1.390   -1.526  18.381  1.00 23.12 ? 315 ASN A C   1 
ATOM   658 O O   . ASN A 1 80  ? 1.343   -2.643  18.894  1.00 25.57 ? 315 ASN A O   1 
ATOM   659 C CB  . ASN A 1 80  ? -0.572  -0.394  19.478  1.00 24.09 ? 315 ASN A CB  1 
ATOM   660 C CG  . ASN A 1 80  ? -0.991  0.537   20.610  1.00 29.06 ? 315 ASN A CG  1 
ATOM   661 O OD1 . ASN A 1 80  ? -2.184  0.790   20.811  1.00 32.04 ? 315 ASN A OD1 1 
ATOM   662 N ND2 . ASN A 1 80  ? -0.015  1.039   21.364  1.00 28.53 ? 315 ASN A ND2 1 
ATOM   663 N N   . GLY A 1 81  ? 1.837   -1.332  17.150  1.00 17.96 ? 316 GLY A N   1 
ATOM   664 C CA  . GLY A 1 81  ? 2.346   -2.447  16.374  1.00 17.35 ? 316 GLY A CA  1 
ATOM   665 C C   . GLY A 1 81  ? 1.351   -3.251  15.561  1.00 20.09 ? 316 GLY A C   1 
ATOM   666 O O   . GLY A 1 81  ? 1.636   -4.399  15.202  1.00 20.89 ? 316 GLY A O   1 
ATOM   667 N N   . LYS A 1 82  ? 0.189   -2.680  15.270  1.00 16.60 ? 317 LYS A N   1 
ATOM   668 C CA  . LYS A 1 82  ? -0.777  -3.405  14.463  1.00 19.21 ? 317 LYS A CA  1 
ATOM   669 C C   . LYS A 1 82  ? -0.118  -3.629  13.111  1.00 18.16 ? 317 LYS A C   1 
ATOM   670 O O   . LYS A 1 82  ? 0.708   -2.825  12.668  1.00 16.36 ? 317 LYS A O   1 
ATOM   671 C CB  . LYS A 1 82  ? -2.082  -2.619  14.315  1.00 24.93 ? 317 LYS A CB  1 
ATOM   672 C CG  . LYS A 1 82  ? -2.905  -2.592  15.595  1.00 25.07 ? 317 LYS A CG  1 
ATOM   673 C CD  . LYS A 1 82  ? -4.387  -2.535  15.300  1.00 29.72 ? 317 LYS A CD  1 
ATOM   674 C CE  . LYS A 1 82  ? -5.202  -2.811  16.555  1.00 28.66 ? 317 LYS A CE  1 
ATOM   675 N NZ  . LYS A 1 82  ? -6.609  -3.097  16.187  1.00 34.64 ? 317 LYS A NZ  1 
ATOM   676 N N   . GLU A 1 83  ? -0.499  -4.724  12.469  1.00 16.69 ? 318 GLU A N   1 
ATOM   677 C CA  . GLU A 1 83  ? 0.051   -5.158  11.194  1.00 16.65 ? 318 GLU A CA  1 
ATOM   678 C C   . GLU A 1 83  ? -0.772  -4.709  9.995   1.00 13.95 ? 318 GLU A C   1 
ATOM   679 O O   . GLU A 1 83  ? -1.978  -4.916  9.968   1.00 15.37 ? 318 GLU A O   1 
ATOM   680 C CB  . GLU A 1 83  ? 0.113   -6.673  11.234  1.00 23.54 ? 318 GLU A CB  1 
ATOM   681 C CG  . GLU A 1 83  ? 0.871   -7.335  10.148  1.00 30.86 ? 318 GLU A CG  1 
ATOM   682 C CD  . GLU A 1 83  ? 1.029   -8.806  10.452  1.00 31.30 ? 318 GLU A CD  1 
ATOM   683 O OE1 . GLU A 1 83  ? 1.767   -9.141  11.402  1.00 38.87 ? 318 GLU A OE1 1 
ATOM   684 O OE2 . GLU A 1 83  ? 0.394   -9.624  9.764   1.00 34.69 ? 318 GLU A OE2 1 
ATOM   685 N N   . TYR A 1 84  ? -0.113  -4.121  9.000   1.00 13.42 ? 319 TYR A N   1 
ATOM   686 C CA  . TYR A 1 84  ? -0.811  -3.643  7.808   1.00 10.99 ? 319 TYR A CA  1 
ATOM   687 C C   . TYR A 1 84  ? -0.461  -4.456  6.567   1.00 11.46 ? 319 TYR A C   1 
ATOM   688 O O   . TYR A 1 84  ? 0.702   -4.582  6.205   1.00 14.36 ? 319 TYR A O   1 
ATOM   689 C CB  . TYR A 1 84  ? -0.500  -2.160  7.586   1.00 13.00 ? 319 TYR A CB  1 
ATOM   690 C CG  . TYR A 1 84  ? -1.005  -1.285  8.713   1.00 13.14 ? 319 TYR A CG  1 
ATOM   691 C CD1 . TYR A 1 84  ? -0.315  -1.195  9.926   1.00 15.96 ? 319 TYR A CD1 1 
ATOM   692 C CD2 . TYR A 1 84  ? -2.214  -0.610  8.596   1.00 15.05 ? 319 TYR A CD2 1 
ATOM   693 C CE1 . TYR A 1 84  ? -0.830  -0.453  10.995  1.00 13.22 ? 319 TYR A CE1 1 
ATOM   694 C CE2 . TYR A 1 84  ? -2.734  0.127   9.648   1.00 15.61 ? 319 TYR A CE2 1 
ATOM   695 C CZ  . TYR A 1 84  ? -2.043  0.202   10.845  1.00 12.14 ? 319 TYR A CZ  1 
ATOM   696 O OH  . TYR A 1 84  ? -2.571  0.928   11.885  1.00 16.27 ? 319 TYR A OH  1 
ATOM   697 N N   . LYS A 1 85  ? -1.483  -5.012  5.924   1.00 13.45 ? 320 LYS A N   1 
ATOM   698 C CA  . LYS A 1 85  ? -1.282  -5.834  4.738   1.00 12.47 ? 320 LYS A CA  1 
ATOM   699 C C   . LYS A 1 85  ? -1.902  -5.265  3.466   1.00 14.02 ? 320 LYS A C   1 
ATOM   700 O O   . LYS A 1 85  ? -3.076  -4.908  3.447   1.00 13.82 ? 320 LYS A O   1 
ATOM   701 C CB  . LYS A 1 85  ? -1.849  -7.234  4.981   1.00 16.71 ? 320 LYS A CB  1 
ATOM   702 C CG  . LYS A 1 85  ? -1.884  -8.086  3.731   1.00 19.09 ? 320 LYS A CG  1 
ATOM   703 C CD  . LYS A 1 85  ? -2.608  -9.401  3.965   1.00 26.91 ? 320 LYS A CD  1 
ATOM   704 C CE  . LYS A 1 85  ? -1.850  -10.285 4.929   1.00 26.88 ? 320 LYS A CE  1 
ATOM   705 N NZ  . LYS A 1 85  ? -2.508  -11.622 5.055   1.00 32.46 ? 320 LYS A NZ  1 
ATOM   706 N N   . CYS A 1 86  ? -1.106  -5.182  2.402   1.00 14.30 ? 321 CYS A N   1 
ATOM   707 C CA  . CYS A 1 86  ? -1.602  -4.690  1.121   1.00 15.64 ? 321 CYS A CA  1 
ATOM   708 C C   . CYS A 1 86  ? -1.574  -5.863  0.154   1.00 16.05 ? 321 CYS A C   1 
ATOM   709 O O   . CYS A 1 86  ? -0.532  -6.474  -0.053  1.00 16.37 ? 321 CYS A O   1 
ATOM   710 C CB  . CYS A 1 86  ? -0.724  -3.551  0.584   1.00 18.81 ? 321 CYS A CB  1 
ATOM   711 S SG  . CYS A 1 86  ? -1.133  -3.018  -1.113  1.00 14.98 ? 321 CYS A SG  1 
ATOM   712 N N   . LYS A 1 87  ? -2.730  -6.192  -0.409  1.00 15.33 ? 322 LYS A N   1 
ATOM   713 C CA  . LYS A 1 87  ? -2.834  -7.296  -1.357  1.00 14.66 ? 322 LYS A CA  1 
ATOM   714 C C   . LYS A 1 87  ? -3.139  -6.677  -2.710  1.00 14.01 ? 322 LYS A C   1 
ATOM   715 O O   . LYS A 1 87  ? -4.113  -5.941  -2.847  1.00 16.75 ? 322 LYS A O   1 
ATOM   716 C CB  . LYS A 1 87  ? -3.961  -8.244  -0.950  1.00 14.93 ? 322 LYS A CB  1 
ATOM   717 C CG  . LYS A 1 87  ? -4.075  -9.481  -1.821  1.00 16.06 ? 322 LYS A CG  1 
ATOM   718 C CD  . LYS A 1 87  ? -5.216  -10.386 -1.377  1.00 23.05 ? 322 LYS A CD  1 
ATOM   719 C CE  . LYS A 1 87  ? -5.042  -10.858 0.055   1.00 24.36 ? 322 LYS A CE  1 
ATOM   720 N NZ  . LYS A 1 87  ? -6.136  -11.781 0.488   1.00 29.49 ? 322 LYS A NZ  1 
ATOM   721 N N   . VAL A 1 88  ? -2.306  -6.992  -3.697  1.00 13.70 ? 323 VAL A N   1 
ATOM   722 C CA  . VAL A 1 88  ? -2.428  -6.451  -5.042  1.00 15.83 ? 323 VAL A CA  1 
ATOM   723 C C   . VAL A 1 88  ? -2.820  -7.487  -6.085  1.00 16.37 ? 323 VAL A C   1 
ATOM   724 O O   . VAL A 1 88  ? -2.202  -8.544  -6.191  1.00 15.93 ? 323 VAL A O   1 
ATOM   725 C CB  . VAL A 1 88  ? -1.096  -5.790  -5.441  1.00 14.67 ? 323 VAL A CB  1 
ATOM   726 C CG1 . VAL A 1 88  ? -1.111  -5.362  -6.890  1.00 18.06 ? 323 VAL A CG1 1 
ATOM   727 C CG2 . VAL A 1 88  ? -0.850  -4.613  -4.538  1.00 17.00 ? 323 VAL A CG2 1 
ATOM   728 N N   . SER A 1 89  ? -3.863  -7.174  -6.846  1.00 17.51 ? 324 SER A N   1 
ATOM   729 C CA  . SER A 1 89  ? -4.353  -8.062  -7.889  1.00 16.71 ? 324 SER A CA  1 
ATOM   730 C C   . SER A 1 89  ? -4.217  -7.383  -9.249  1.00 18.73 ? 324 SER A C   1 
ATOM   731 O O   . SER A 1 89  ? -4.474  -6.189  -9.374  1.00 19.02 ? 324 SER A O   1 
ATOM   732 C CB  . SER A 1 89  ? -5.828  -8.408  -7.636  1.00 21.11 ? 324 SER A CB  1 
ATOM   733 O OG  . SER A 1 89  ? -5.999  -9.165  -6.448  1.00 23.66 ? 324 SER A OG  1 
ATOM   734 N N   . ASN A 1 90  ? -3.799  -8.149  -10.251 1.00 17.87 ? 325 ASN A N   1 
ATOM   735 C CA  . ASN A 1 90  ? -3.640  -7.657  -11.617 1.00 17.85 ? 325 ASN A CA  1 
ATOM   736 C C   . ASN A 1 90  ? -3.726  -8.839  -12.583 1.00 22.03 ? 325 ASN A C   1 
ATOM   737 O O   . ASN A 1 90  ? -3.309  -9.949  -12.241 1.00 21.58 ? 325 ASN A O   1 
ATOM   738 C CB  . ASN A 1 90  ? -2.301  -6.938  -11.770 1.00 15.62 ? 325 ASN A CB  1 
ATOM   739 C CG  . ASN A 1 90  ? -2.034  -6.505  -13.193 1.00 18.57 ? 325 ASN A CG  1 
ATOM   740 O OD1 . ASN A 1 90  ? -1.312  -7.177  -13.934 1.00 18.97 ? 325 ASN A OD1 1 
ATOM   741 N ND2 . ASN A 1 90  ? -2.632  -5.387  -13.593 1.00 16.74 ? 325 ASN A ND2 1 
ATOM   742 N N   . LYS A 1 91  ? -4.261  -8.606  -13.781 1.00 19.65 ? 326 LYS A N   1 
ATOM   743 C CA  . LYS A 1 91  ? -4.433  -9.677  -14.776 1.00 27.03 ? 326 LYS A CA  1 
ATOM   744 C C   . LYS A 1 91  ? -3.170  -10.446 -15.124 1.00 25.11 ? 326 LYS A C   1 
ATOM   745 O O   . LYS A 1 91  ? -3.226  -11.642 -15.407 1.00 28.03 ? 326 LYS A O   1 
ATOM   746 C CB  . LYS A 1 91  ? -5.023  -9.114  -16.074 1.00 30.48 ? 326 LYS A CB  1 
ATOM   747 C CG  . LYS A 1 91  ? -6.480  -9.476  -16.328 1.00 36.35 ? 326 LYS A CG  1 
ATOM   748 C CD  . LYS A 1 91  ? -6.673  -10.984 -16.454 1.00 33.45 ? 326 LYS A CD  1 
ATOM   749 C CE  . LYS A 1 91  ? -8.120  -11.334 -16.801 1.00 35.54 ? 326 LYS A CE  1 
ATOM   750 N NZ  . LYS A 1 91  ? -8.373  -12.812 -16.768 1.00 33.44 ? 326 LYS A NZ  1 
ATOM   751 N N   . ALA A 1 92  ? -2.035  -9.756  -15.123 1.00 21.03 ? 327 ALA A N   1 
ATOM   752 C CA  . ALA A 1 92  ? -0.761  -10.381 -15.457 1.00 26.33 ? 327 ALA A CA  1 
ATOM   753 C C   . ALA A 1 92  ? -0.167  -11.205 -14.313 1.00 28.27 ? 327 ALA A C   1 
ATOM   754 O O   . ALA A 1 92  ? 0.861   -11.872 -14.484 1.00 31.16 ? 327 ALA A O   1 
ATOM   755 C CB  . ALA A 1 92  ? 0.226   -9.317  -15.888 1.00 24.95 ? 327 ALA A CB  1 
ATOM   756 N N   . LEU A 1 93  ? -0.808  -11.162 -13.151 1.00 25.57 ? 328 LEU A N   1 
ATOM   757 C CA  . LEU A 1 93  ? -0.322  -11.898 -11.989 1.00 25.46 ? 328 LEU A CA  1 
ATOM   758 C C   . LEU A 1 93  ? -1.009  -13.250 -11.825 1.00 27.26 ? 328 LEU A C   1 
ATOM   759 O O   . LEU A 1 93  ? -2.234  -13.326 -11.718 1.00 31.87 ? 328 LEU A O   1 
ATOM   760 C CB  . LEU A 1 93  ? -0.524  -11.058 -10.726 1.00 22.78 ? 328 LEU A CB  1 
ATOM   761 C CG  . LEU A 1 93  ? 0.321   -9.785  -10.607 1.00 22.94 ? 328 LEU A CG  1 
ATOM   762 C CD1 . LEU A 1 93  ? 0.033   -9.102  -9.274  1.00 19.89 ? 328 LEU A CD1 1 
ATOM   763 C CD2 . LEU A 1 93  ? 1.792   -10.137 -10.705 1.00 22.20 ? 328 LEU A CD2 1 
ATOM   764 N N   . PRO A 1 94  ? -0.227  -14.341 -11.797 1.00 30.75 ? 329 PRO A N   1 
ATOM   765 C CA  . PRO A 1 94  ? -0.808  -15.677 -11.639 1.00 30.10 ? 329 PRO A CA  1 
ATOM   766 C C   . PRO A 1 94  ? -1.612  -15.759 -10.345 1.00 29.39 ? 329 PRO A C   1 
ATOM   767 O O   . PRO A 1 94  ? -2.519  -16.582 -10.217 1.00 30.47 ? 329 PRO A O   1 
ATOM   768 C CB  . PRO A 1 94  ? 0.419   -16.583 -11.632 1.00 29.38 ? 329 PRO A CB  1 
ATOM   769 C CG  . PRO A 1 94  ? 1.467   -15.707 -10.989 1.00 31.39 ? 329 PRO A CG  1 
ATOM   770 C CD  . PRO A 1 94  ? 1.243   -14.393 -11.692 1.00 29.58 ? 329 PRO A CD  1 
ATOM   771 N N   . ALA A 1 95  ? -1.270  -14.891 -9.393  1.00 25.08 ? 330 ALA A N   1 
ATOM   772 C CA  . ALA A 1 95  ? -1.950  -14.815 -8.104  1.00 22.25 ? 330 ALA A CA  1 
ATOM   773 C C   . ALA A 1 95  ? -1.698  -13.447 -7.465  1.00 19.89 ? 330 ALA A C   1 
ATOM   774 O O   . ALA A 1 95  ? -0.721  -12.778 -7.790  1.00 20.03 ? 330 ALA A O   1 
ATOM   775 C CB  . ALA A 1 95  ? -1.458  -15.928 -7.181  1.00 24.54 ? 330 ALA A CB  1 
ATOM   776 N N   . PRO A 1 96  ? -2.575  -13.011 -6.547  1.00 18.96 ? 331 PRO A N   1 
ATOM   777 C CA  . PRO A 1 96  ? -2.345  -11.702 -5.926  1.00 22.79 ? 331 PRO A CA  1 
ATOM   778 C C   . PRO A 1 96  ? -1.036  -11.668 -5.137  1.00 19.97 ? 331 PRO A C   1 
ATOM   779 O O   . PRO A 1 96  ? -0.592  -12.685 -4.620  1.00 21.00 ? 331 PRO A O   1 
ATOM   780 C CB  . PRO A 1 96  ? -3.558  -11.530 -5.009  1.00 24.26 ? 331 PRO A CB  1 
ATOM   781 C CG  . PRO A 1 96  ? -4.620  -12.390 -5.652  1.00 27.41 ? 331 PRO A CG  1 
ATOM   782 C CD  . PRO A 1 96  ? -3.835  -13.606 -6.067  1.00 24.55 ? 331 PRO A CD  1 
ATOM   783 N N   . ILE A 1 97  ? -0.422  -10.493 -5.062  1.00 19.21 ? 332 ILE A N   1 
ATOM   784 C CA  . ILE A 1 97  ? 0.815   -10.312 -4.305  1.00 17.08 ? 332 ILE A CA  1 
ATOM   785 C C   . ILE A 1 97  ? 0.445   -9.586  -3.023  1.00 18.72 ? 332 ILE A C   1 
ATOM   786 O O   . ILE A 1 97  ? -0.307  -8.618  -3.061  1.00 19.91 ? 332 ILE A O   1 
ATOM   787 C CB  . ILE A 1 97  ? 1.815   -9.430  -5.068  1.00 16.95 ? 332 ILE A CB  1 
ATOM   788 C CG1 . ILE A 1 97  ? 2.306   -10.157 -6.315  1.00 23.05 ? 332 ILE A CG1 1 
ATOM   789 C CG2 . ILE A 1 97  ? 2.984   -9.071  -4.173  1.00 23.31 ? 332 ILE A CG2 1 
ATOM   790 C CD1 . ILE A 1 97  ? 3.259   -9.328  -7.159  1.00 23.44 ? 332 ILE A CD1 1 
ATOM   791 N N   . GLU A 1 98  ? 0.957   -10.043 -1.885  1.00 21.50 ? 333 GLU A N   1 
ATOM   792 C CA  . GLU A 1 98  ? 0.644   -9.374  -0.634  1.00 22.94 ? 333 GLU A CA  1 
ATOM   793 C C   . GLU A 1 98  ? 1.890   -9.040  0.171   1.00 23.61 ? 333 GLU A C   1 
ATOM   794 O O   . GLU A 1 98  ? 2.823   -9.840  0.256   1.00 23.35 ? 333 GLU A O   1 
ATOM   795 C CB  . GLU A 1 98  ? -0.335  -10.213 0.201   1.00 27.37 ? 333 GLU A CB  1 
ATOM   796 C CG  . GLU A 1 98  ? 0.094   -11.640 0.485   1.00 33.75 ? 333 GLU A CG  1 
ATOM   797 C CD  . GLU A 1 98  ? -1.053  -12.487 1.025   1.00 35.65 ? 333 GLU A CD  1 
ATOM   798 O OE1 . GLU A 1 98  ? -1.738  -12.038 1.969   1.00 34.22 ? 333 GLU A OE1 1 
ATOM   799 O OE2 . GLU A 1 98  ? -1.267  -13.610 0.508   1.00 40.38 ? 333 GLU A OE2 1 
ATOM   800 N N   . LYS A 1 99  ? 1.910   -7.836  0.742   1.00 20.06 ? 334 LYS A N   1 
ATOM   801 C CA  . LYS A 1 99  ? 3.038   -7.389  1.557   1.00 17.94 ? 334 LYS A CA  1 
ATOM   802 C C   . LYS A 1 99  ? 2.501   -6.950  2.900   1.00 12.32 ? 334 LYS A C   1 
ATOM   803 O O   . LYS A 1 99  ? 1.389   -6.443  2.990   1.00 14.40 ? 334 LYS A O   1 
ATOM   804 C CB  . LYS A 1 99  ? 3.744   -6.194  0.916   1.00 19.87 ? 334 LYS A CB  1 
ATOM   805 C CG  . LYS A 1 99  ? 4.229   -6.433  -0.491  1.00 25.85 ? 334 LYS A CG  1 
ATOM   806 C CD  . LYS A 1 99  ? 5.298   -7.499  -0.539  1.00 26.36 ? 334 LYS A CD  1 
ATOM   807 C CE  . LYS A 1 99  ? 6.594   -7.020  0.076   1.00 27.90 ? 334 LYS A CE  1 
ATOM   808 N NZ  . LYS A 1 99  ? 7.672   -8.000  -0.223  1.00 28.46 ? 334 LYS A NZ  1 
ATOM   809 N N   . THR A 1 100 ? 3.300   -7.124  3.942   1.00 13.67 ? 335 THR A N   1 
ATOM   810 C CA  . THR A 1 100 ? 2.881   -6.734  5.279   1.00 11.76 ? 335 THR A CA  1 
ATOM   811 C C   . THR A 1 100 ? 3.925   -5.827  5.909   1.00 14.01 ? 335 THR A C   1 
ATOM   812 O O   . THR A 1 100 ? 5.115   -5.988  5.674   1.00 17.37 ? 335 THR A O   1 
ATOM   813 C CB  . THR A 1 100 ? 2.728   -7.957  6.187   1.00 16.71 ? 335 THR A CB  1 
ATOM   814 O OG1 . THR A 1 100 ? 4.007   -8.585  6.348   1.00 26.40 ? 335 THR A OG1 1 
ATOM   815 C CG2 . THR A 1 100 ? 1.755   -8.953  5.574   1.00 19.21 ? 335 THR A CG2 1 
ATOM   816 N N   . ILE A 1 101 ? 3.482   -4.872  6.709   1.00 12.86 ? 336 ILE A N   1 
ATOM   817 C CA  . ILE A 1 101 ? 4.422   -3.984  7.374   1.00 14.25 ? 336 ILE A CA  1 
ATOM   818 C C   . ILE A 1 101 ? 3.853   -3.589  8.724   1.00 14.26 ? 336 ILE A C   1 
ATOM   819 O O   . ILE A 1 101 ? 2.644   -3.544  8.895   1.00 16.19 ? 336 ILE A O   1 
ATOM   820 C CB  . ILE A 1 101 ? 4.696   -2.707  6.533   1.00 15.47 ? 336 ILE A CB  1 
ATOM   821 C CG1 . ILE A 1 101 ? 5.791   -1.869  7.193   1.00 17.50 ? 336 ILE A CG1 1 
ATOM   822 C CG2 . ILE A 1 101 ? 3.428   -1.876  6.402   1.00 11.84 ? 336 ILE A CG2 1 
ATOM   823 C CD1 . ILE A 1 101 ? 6.317   -0.762  6.310   1.00 20.38 ? 336 ILE A CD1 1 
ATOM   824 N N   . SER A 1 102 ? 4.730   -3.339  9.687   1.00 14.06 ? 337 SER A N   1 
ATOM   825 C CA  . SER A 1 102 ? 4.316   -2.912  11.020  1.00 11.83 ? 337 SER A CA  1 
ATOM   826 C C   . SER A 1 102 ? 5.515   -2.210  11.631  1.00 12.58 ? 337 SER A C   1 
ATOM   827 O O   . SER A 1 102 ? 6.623   -2.314  11.118  1.00 14.29 ? 337 SER A O   1 
ATOM   828 C CB  . SER A 1 102 ? 3.909   -4.105  11.896  1.00 14.70 ? 337 SER A CB  1 
ATOM   829 O OG  . SER A 1 102 ? 5.020   -4.883  12.280  1.00 17.02 ? 337 SER A OG  1 
ATOM   830 N N   . LYS A 1 103 ? 5.308   -1.490  12.723  1.00 14.44 ? 338 LYS A N   1 
ATOM   831 C CA  . LYS A 1 103 ? 6.426   -0.795  13.327  1.00 15.67 ? 338 LYS A CA  1 
ATOM   832 C C   . LYS A 1 103 ? 7.454   -1.784  13.846  1.00 19.65 ? 338 LYS A C   1 
ATOM   833 O O   . LYS A 1 103 ? 8.640   -1.487  13.868  1.00 17.35 ? 338 LYS A O   1 
ATOM   834 C CB  . LYS A 1 103 ? 5.949   0.113   14.463  1.00 17.58 ? 338 LYS A CB  1 
ATOM   835 C CG  . LYS A 1 103 ? 7.056   0.956   15.059  1.00 14.64 ? 338 LYS A CG  1 
ATOM   836 C CD  . LYS A 1 103 ? 6.528   1.999   16.026  1.00 16.78 ? 338 LYS A CD  1 
ATOM   837 C CE  . LYS A 1 103 ? 7.671   2.844   16.557  1.00 19.70 ? 338 LYS A CE  1 
ATOM   838 N NZ  . LYS A 1 103 ? 7.207   3.938   17.459  1.00 20.96 ? 338 LYS A NZ  1 
ATOM   839 N N   . ALA A 1 104 ? 6.993   -2.969  14.235  1.00 19.18 ? 339 ALA A N   1 
ATOM   840 C CA  . ALA A 1 104 ? 7.870   -4.000  14.787  1.00 20.00 ? 339 ALA A CA  1 
ATOM   841 C C   . ALA A 1 104 ? 8.726   -4.753  13.771  1.00 22.44 ? 339 ALA A C   1 
ATOM   842 O O   . ALA A 1 104 ? 9.736   -5.341  14.128  1.00 23.21 ? 339 ALA A O   1 
ATOM   843 C CB  . ALA A 1 104 ? 7.038   -4.998  15.596  1.00 16.53 ? 339 ALA A CB  1 
ATOM   844 N N   . LYS A 1 105 ? 8.329   -4.758  12.506  1.00 25.09 ? 340 LYS A N   1 
ATOM   845 C CA  . LYS A 1 105 ? 9.123   -5.482  11.523  1.00 31.25 ? 340 LYS A CA  1 
ATOM   846 C C   . LYS A 1 105 ? 9.091   -4.854  10.145  1.00 33.90 ? 340 LYS A C   1 
ATOM   847 O O   . LYS A 1 105 ? 10.135  -4.502  9.585   1.00 41.14 ? 340 LYS A O   1 
ATOM   848 C CB  . LYS A 1 105 ? 8.654   -6.937  11.463  1.00 31.34 ? 340 LYS A CB  1 
ATOM   849 C CG  . LYS A 1 105 ? 7.148   -7.100  11.492  1.00 32.51 ? 340 LYS A CG  1 
ATOM   850 C CD  . LYS A 1 105 ? 6.747   -8.539  11.791  1.00 34.27 ? 340 LYS A CD  1 
ATOM   851 C CE  . LYS A 1 105 ? 6.934   -8.877  13.271  1.00 31.76 ? 340 LYS A CE  1 
ATOM   852 N NZ  . LYS A 1 105 ? 6.576   -10.291 13.585  1.00 34.04 ? 340 LYS A NZ  1 
ATOM   853 N N   . GLY A 1 106 ? 7.893   -4.710  9.596   1.00 35.53 ? 341 GLY A N   1 
ATOM   854 C CA  . GLY A 1 106 ? 7.767   -4.112  8.283   1.00 32.64 ? 341 GLY A CA  1 
ATOM   855 C C   . GLY A 1 106 ? 8.181   -5.024  7.149   1.00 37.18 ? 341 GLY A C   1 
ATOM   856 O O   . GLY A 1 106 ? 8.094   -6.252  7.250   1.00 36.74 ? 341 GLY A O   1 
ATOM   857 N N   . GLN A 1 107 ? 8.631   -4.413  6.054   1.00 36.00 ? 342 GLN A N   1 
ATOM   858 C CA  . GLN A 1 107 ? 9.052   -5.158  4.876   1.00 38.01 ? 342 GLN A CA  1 
ATOM   859 C C   . GLN A 1 107 ? 7.841   -5.813  4.226   1.00 38.57 ? 342 GLN A C   1 
ATOM   860 O O   . GLN A 1 107 ? 7.628   -7.035  4.448   1.00 38.92 ? 342 GLN A O   1 
ATOM   861 C CB  . GLN A 1 107 ? 10.094  -6.212  5.252   1.00 39.50 ? 342 GLN A CB  1 
ATOM   862 C CG  . GLN A 1 107 ? 11.345  -5.621  5.918   1.00 40.31 ? 342 GLN A CG  1 
ATOM   863 C CD  . GLN A 1 107 ? 11.930  -4.465  5.119   1.00 41.82 ? 342 GLN A CD  1 
ATOM   864 O OE1 . GLN A 1 107 ? 12.004  -4.522  3.882   1.00 42.68 ? 342 GLN A OE1 1 
ATOM   865 N NE2 . GLN A 1 107 ? 12.360  -3.413  5.818   1.00 39.90 ? 342 GLN A NE2 1 
ATOM   866 O OXT . GLN A 1 107 ? 7.110   -5.072  3.524   1.00 40.97 ? 342 GLN A OXT 1 
HETATM 867 O O   . HOH B 2 .   ? -4.902  2.164   11.674  1.00 15.43 ? 1   HOH A O   1 
HETATM 868 O O   . HOH B 2 .   ? 7.334   4.522   13.153  1.00 20.51 ? 2   HOH A O   1 
HETATM 869 O O   . HOH B 2 .   ? 2.653   -1.094  13.604  1.00 18.36 ? 3   HOH A O   1 
HETATM 870 O O   . HOH B 2 .   ? 2.969   9.246   6.897   1.00 17.94 ? 4   HOH A O   1 
HETATM 871 O O   . HOH B 2 .   ? 6.721   6.010   15.446  1.00 22.66 ? 5   HOH A O   1 
HETATM 872 O O   . HOH B 2 .   ? -6.930  2.059   -2.818  1.00 19.10 ? 6   HOH A O   1 
HETATM 873 O O   . HOH B 2 .   ? -8.734  -1.067  -5.529  1.00 20.50 ? 7   HOH A O   1 
HETATM 874 O O   . HOH B 2 .   ? 6.554   -7.742  -5.422  1.00 22.06 ? 8   HOH A O   1 
HETATM 875 O O   . HOH B 2 .   ? -3.154  -7.389  8.376   1.00 18.13 ? 9   HOH A O   1 
HETATM 876 O O   . HOH B 2 .   ? -6.047  -7.377  -4.319  1.00 21.39 ? 10  HOH A O   1 
HETATM 877 O O   . HOH B 2 .   ? -9.646  -3.504  1.138   1.00 22.55 ? 11  HOH A O   1 
HETATM 878 O O   . HOH B 2 .   ? 4.292   -6.810  13.999  1.00 27.22 ? 12  HOH A O   1 
HETATM 879 O O   . HOH B 2 .   ? 5.792   -8.642  3.271   1.00 25.22 ? 13  HOH A O   1 
HETATM 880 O O   . HOH B 2 .   ? -6.588  6.646   3.088   1.00 27.82 ? 14  HOH A O   1 
HETATM 881 O O   . HOH B 2 .   ? -5.683  -6.188  -14.498 1.00 22.34 ? 15  HOH A O   1 
HETATM 882 O O   . HOH B 2 .   ? 8.309   -3.183  0.467   1.00 19.68 ? 16  HOH A O   1 
HETATM 883 O O   . HOH B 2 .   ? -5.496  5.378   -13.093 1.00 29.11 ? 17  HOH A O   1 
HETATM 884 O O   . HOH B 2 .   ? -7.892  1.023   -7.113  1.00 29.93 ? 18  HOH A O   1 
HETATM 885 O O   . HOH B 2 .   ? 5.574   2.846   19.424  1.00 21.44 ? 19  HOH A O   1 
HETATM 886 O O   . HOH B 2 .   ? -12.100 -8.852  7.167   1.00 22.23 ? 20  HOH A O   1 
HETATM 887 O O   . HOH B 2 .   ? 4.528   -6.527  9.668   1.00 27.88 ? 21  HOH A O   1 
HETATM 888 O O   . HOH B 2 .   ? 3.818   6.092   3.723   1.00 20.71 ? 22  HOH A O   1 
HETATM 889 O O   . HOH B 2 .   ? -8.308  1.634   8.389   1.00 30.72 ? 23  HOH A O   1 
HETATM 890 O O   . HOH B 2 .   ? -5.763  8.842   15.178  1.00 30.16 ? 24  HOH A O   1 
HETATM 891 O O   . HOH B 2 .   ? -4.889  1.645   -13.241 1.00 26.05 ? 25  HOH A O   1 
HETATM 892 O O   . HOH B 2 .   ? -0.240  6.114   -8.957  1.00 26.22 ? 26  HOH A O   1 
HETATM 893 O O   . HOH B 2 .   ? -0.464  17.206  17.484  1.00 28.52 ? 27  HOH A O   1 
HETATM 894 O O   . HOH B 2 .   ? -8.206  0.303   16.859  1.00 30.17 ? 28  HOH A O   1 
HETATM 895 O O   . HOH B 2 .   ? -7.006  0.390   -11.801 1.00 23.53 ? 29  HOH A O   1 
HETATM 896 O O   . HOH B 2 .   ? 7.954   -0.197  9.271   1.00 23.10 ? 30  HOH A O   1 
HETATM 897 O O   . HOH B 2 .   ? -9.757  5.414   -4.295  1.00 28.09 ? 31  HOH A O   1 
HETATM 898 O O   . HOH B 2 .   ? -5.630  1.924   8.996   1.00 21.71 ? 32  HOH A O   1 
HETATM 899 O O   . HOH B 2 .   ? -0.033  15.370  8.033   1.00 26.88 ? 33  HOH A O   1 
HETATM 900 O O   . HOH B 2 .   ? 7.927   6.077   4.368   1.00 35.07 ? 34  HOH A O   1 
HETATM 901 O O   . HOH B 2 .   ? -2.736  16.592  8.996   1.00 31.45 ? 35  HOH A O   1 
HETATM 902 O O   . HOH B 2 .   ? -7.998  -3.972  12.809  1.00 28.45 ? 36  HOH A O   1 
HETATM 903 O O   . HOH B 2 .   ? 1.830   -13.787 -8.297  1.00 27.86 ? 37  HOH A O   1 
HETATM 904 O O   . HOH B 2 .   ? -3.860  -11.005 -9.335  1.00 25.22 ? 38  HOH A O   1 
HETATM 905 O O   . HOH B 2 .   ? 11.400  -2.115  -12.630 1.00 25.62 ? 39  HOH A O   1 
HETATM 906 O O   . HOH B 2 .   ? 6.610   1.170   -13.471 1.00 26.86 ? 40  HOH A O   1 
HETATM 907 O O   . HOH B 2 .   ? -12.867 0.780   6.597   1.00 31.67 ? 41  HOH A O   1 
HETATM 908 O O   . HOH B 2 .   ? -9.023  0.046   1.653   1.00 31.03 ? 42  HOH A O   1 
HETATM 909 O O   . HOH B 2 .   ? -3.342  1.409   -21.009 1.00 29.74 ? 43  HOH A O   1 
HETATM 910 O O   . HOH B 2 .   ? -0.252  14.898  19.963  1.00 32.20 ? 44  HOH A O   1 
HETATM 911 O O   . HOH B 2 .   ? 8.537   -6.383  -2.724  1.00 34.88 ? 45  HOH A O   1 
HETATM 912 O O   . HOH B 2 .   ? 2.483   -12.643 -1.965  1.00 29.50 ? 46  HOH A O   1 
HETATM 913 O O   . HOH B 2 .   ? -9.281  7.800   5.686   1.00 29.79 ? 47  HOH A O   1 
HETATM 914 O O   . HOH B 2 .   ? -6.996  10.052  -6.401  1.00 32.60 ? 48  HOH A O   1 
HETATM 915 O O   . HOH B 2 .   ? -11.836 4.813   0.174   1.00 30.84 ? 49  HOH A O   1 
HETATM 916 O O   . HOH B 2 .   ? -1.764  -6.207  17.296  1.00 37.68 ? 50  HOH A O   1 
HETATM 917 O O   . HOH B 2 .   ? -0.202  13.159  5.672   1.00 31.85 ? 51  HOH A O   1 
HETATM 918 O O   . HOH B 2 .   ? -1.031  9.702   -9.210  1.00 28.66 ? 52  HOH A O   1 
HETATM 919 O O   . HOH B 2 .   ? -10.862 -3.449  -3.279  1.00 27.66 ? 53  HOH A O   1 
HETATM 920 O O   . HOH B 2 .   ? 2.359   -3.226  21.482  1.00 31.16 ? 54  HOH A O   1 
HETATM 921 O O   . HOH B 2 .   ? -0.043  -7.099  15.133  1.00 33.31 ? 55  HOH A O   1 
HETATM 922 O O   . HOH B 2 .   ? 2.654   8.345   0.155   1.00 30.24 ? 56  HOH A O   1 
HETATM 923 O O   . HOH B 2 .   ? -6.257  0.914   -9.277  1.00 32.98 ? 57  HOH A O   1 
HETATM 924 O O   . HOH B 2 .   ? 6.346   7.357   -3.629  1.00 31.17 ? 58  HOH A O   1 
HETATM 925 O O   . HOH B 2 .   ? -5.279  -12.330 2.960   1.00 36.75 ? 59  HOH A O   1 
HETATM 926 O O   . HOH B 2 .   ? 9.530   11.888  10.129  1.00 30.54 ? 60  HOH A O   1 
HETATM 927 O O   . HOH B 2 .   ? 4.747   -5.647  -16.798 1.00 31.25 ? 61  HOH A O   1 
HETATM 928 O O   . HOH B 2 .   ? 9.380   -0.029  3.611   1.00 30.45 ? 62  HOH A O   1 
HETATM 929 O O   . HOH B 2 .   ? -6.694  -4.259  -16.858 1.00 33.29 ? 63  HOH A O   1 
HETATM 930 O O   . HOH B 2 .   ? 0.268   -5.741  -15.855 1.00 27.16 ? 64  HOH A O   1 
HETATM 931 O O   . HOH B 2 .   ? 10.033  0.619   12.615  1.00 28.44 ? 65  HOH A O   1 
HETATM 932 O O   . HOH B 2 .   ? 3.349   7.121   -9.411  1.00 36.01 ? 66  HOH A O   1 
HETATM 933 O O   . HOH B 2 .   ? -13.896 -6.009  7.314   1.00 32.88 ? 67  HOH A O   1 
HETATM 934 O O   . HOH B 2 .   ? 3.417   -1.790  -20.970 1.00 30.93 ? 68  HOH A O   1 
HETATM 935 O O   . HOH B 2 .   ? 8.616   -5.449  -11.599 1.00 31.79 ? 69  HOH A O   1 
HETATM 936 O O   . HOH B 2 .   ? 3.229   9.099   3.891   1.00 27.61 ? 70  HOH A O   1 
HETATM 937 O O   . HOH B 2 .   ? -8.729  0.007   -2.893  1.00 28.39 ? 71  HOH A O   1 
HETATM 938 O O   . HOH B 2 .   ? -7.704  8.674   -4.302  1.00 35.60 ? 72  HOH A O   1 
HETATM 939 O O   . HOH B 2 .   ? -5.380  12.070  -6.222  1.00 36.73 ? 73  HOH A O   1 
HETATM 940 O O   . HOH B 2 .   ? 10.265  -1.315  0.309   1.00 32.45 ? 74  HOH A O   1 
HETATM 941 O O   . HOH B 2 .   ? 7.126   -9.759  -7.525  1.00 27.22 ? 75  HOH A O   1 
HETATM 942 O O   . HOH B 2 .   ? 5.209   4.558   21.585  1.00 30.78 ? 76  HOH A O   1 
HETATM 943 O O   . HOH B 2 .   ? 7.634   5.009   10.495  1.00 28.06 ? 77  HOH A O   1 
HETATM 944 O O   . HOH B 2 .   ? -2.283  -9.433  9.913   1.00 36.01 ? 78  HOH A O   1 
HETATM 945 O O   . HOH B 2 .   ? 1.297   8.163   -8.022  1.00 34.02 ? 79  HOH A O   1 
HETATM 946 O O   . HOH B 2 .   ? 2.561   -7.286  -16.845 1.00 34.12 ? 80  HOH A O   1 
HETATM 947 O O   . HOH B 2 .   ? 8.823   2.024   10.595  1.00 35.37 ? 81  HOH A O   1 
HETATM 948 O O   . HOH B 2 .   ? -11.110 2.172   8.139   1.00 31.95 ? 82  HOH A O   1 
HETATM 949 O O   . HOH B 2 .   ? 9.361   1.283   -13.370 1.00 31.51 ? 83  HOH A O   1 
HETATM 950 O O   . HOH B 2 .   ? -6.425  -3.060  -21.811 1.00 35.32 ? 84  HOH A O   1 
HETATM 951 O O   . HOH B 2 .   ? 1.415   -9.311  14.948  1.00 35.24 ? 85  HOH A O   1 
HETATM 952 O O   . HOH B 2 .   ? 5.343   -11.298 -1.252  1.00 31.07 ? 86  HOH A O   1 
HETATM 953 O O   . HOH B 2 .   ? 2.688   16.056  8.212   1.00 35.01 ? 87  HOH A O   1 
HETATM 954 O O   . HOH B 2 .   ? -5.961  9.107   2.282   1.00 30.71 ? 88  HOH A O   1 
HETATM 955 O O   . HOH B 2 .   ? -1.305  6.481   -20.610 1.00 34.01 ? 89  HOH A O   1 
HETATM 956 O O   . HOH B 2 .   ? -9.337  -1.258  -0.613  1.00 34.48 ? 90  HOH A O   1 
HETATM 957 O O   . HOH B 2 .   ? -4.695  9.307   11.781  1.00 31.65 ? 91  HOH A O   1 
HETATM 958 O O   . HOH B 2 .   ? -3.501  -10.582 -19.687 1.00 34.06 ? 92  HOH A O   1 
HETATM 959 O O   . HOH B 2 .   ? 10.285  4.828   4.219   1.00 32.72 ? 93  HOH A O   1 
HETATM 960 O O   . HOH B 2 .   ? 9.286   7.178   16.074  1.00 30.36 ? 94  HOH A O   1 
HETATM 961 O O   . HOH B 2 .   ? -2.497  -12.970 -2.001  1.00 32.82 ? 95  HOH A O   1 
HETATM 962 O O   . HOH B 2 .   ? 12.127  -0.224  1.946   1.00 34.33 ? 96  HOH A O   1 
HETATM 963 O O   . HOH B 2 .   ? -9.710  0.187   -11.163 1.00 36.19 ? 97  HOH A O   1 
HETATM 964 O O   . HOH B 2 .   ? 0.639   10.105  19.632  1.00 36.33 ? 98  HOH A O   1 
HETATM 965 O O   . HOH B 2 .   ? 0.390   -8.013  -19.236 1.00 30.62 ? 99  HOH A O   1 
HETATM 966 O O   . HOH B 2 .   ? -13.024 -3.003  9.128   1.00 33.69 ? 100 HOH A O   1 
HETATM 967 O O   . HOH B 2 .   ? -11.350 -1.482  -5.633  1.00 35.04 ? 101 HOH A O   1 
HETATM 968 O O   . HOH B 2 .   ? 11.046  2.054   3.913   1.00 37.09 ? 102 HOH A O   1 
HETATM 969 O O   . HOH B 2 .   ? 6.766   6.481   20.506  1.00 35.33 ? 103 HOH A O   1 
HETATM 970 O O   . HOH B 2 .   ? 0.679   -14.899 -3.943  1.00 35.15 ? 104 HOH A O   1 
HETATM 971 O O   . HOH B 2 .   ? 3.539   -5.820  16.359  1.00 29.22 ? 105 HOH A O   1 
HETATM 972 O O   . HOH B 2 .   ? -10.186 2.335   -2.520  1.00 38.25 ? 106 HOH A O   1 
HETATM 973 O O   . HOH B 2 .   ? -1.970  11.491  0.789   1.00 33.33 ? 107 HOH A O   1 
HETATM 974 O O   . HOH B 2 .   ? 9.639   3.515   -23.017 1.00 38.08 ? 108 HOH A O   1 
HETATM 975 O O   . HOH B 2 .   ? 6.780   5.691   -21.836 1.00 35.02 ? 109 HOH A O   1 
HETATM 976 O O   . HOH B 2 .   ? -3.251  -13.189 -17.681 1.00 34.88 ? 110 HOH A O   1 
HETATM 977 O O   . HOH B 2 .   ? 3.282   11.970  -9.494  1.00 38.14 ? 111 HOH A O   1 
# 
